data_3R2U
#
_entry.id   3R2U
#
_cell.length_a   92.484
_cell.length_b   92.484
_cell.length_c   385.395
_cell.angle_alpha   90.00
_cell.angle_beta   90.00
_cell.angle_gamma   90.00
#
_symmetry.space_group_name_H-M   'P 43 21 2'
#
loop_
_entity.id
_entity.type
_entity.pdbx_description
1 polymer 'Metallo-beta-lactamase family protein'
2 non-polymer 'FE (III) ION'
3 non-polymer 'MAGNESIUM ION'
4 non-polymer 'CHLORIDE ION'
5 water water
#
_entity_poly.entity_id   1
_entity_poly.type   'polypeptide(L)'
_entity_poly.pdbx_seq_one_letter_code
;MHHHHHHSSGVDLGTENLYFQSNAMFFKQFYDKHLSQASYLIGCQKTGEAMIIDPIRDLSSYIRVADEEGLTITHAAETH
IHADFASGIRDVAIKLNANIYVSGESDDTLGYKNMPNHTHFVQHNDDIYVGNIKLKVLHTPGHTPESISFLLTDEGAGAQ
VPMGLFSGDFIFVGDIGRPDLLEKAVKVEGSSEIGAKQMFKSIESIKDLPDYIQIWPGHGAGSPCGKSLGAIPTSTLGYE
KQTNWAFSENNEATFIDKLISDQPAPPHHFAQMKKINQFGMNLYQPYTVYPATNTNRLTFDLRSKEAYHGGHIEGTINIP
YDKNFINQIGWYLNYDQEINLIGDYHLVSKATHTLQLIGYDDIAGYQLPQSKIQTRSIHSEDITGNESHILDVRNDNEWN
NGHLSQAVHVPHGKLLETDLPFNKNDVIYVHCQSGIRSSIAIGILEHKGYHNIINVNEGYKDIQLS
;
_entity_poly.pdbx_strand_id   A,B,C,D
#
# COMPACT_ATOMS: atom_id res chain seq x y z
N ASN A 23 18.06 10.40 -23.33
CA ASN A 23 17.64 11.13 -24.57
C ASN A 23 17.30 10.15 -25.68
N ALA A 24 18.31 9.40 -26.14
CA ALA A 24 18.10 8.32 -27.11
C ALA A 24 18.02 7.00 -26.35
N MET A 25 18.34 7.01 -25.04
CA MET A 25 18.39 5.78 -24.28
C MET A 25 17.89 5.81 -22.82
N PHE A 26 17.07 4.82 -22.48
CA PHE A 26 16.62 4.69 -21.11
C PHE A 26 17.48 3.61 -20.45
N PHE A 27 17.79 3.82 -19.19
CA PHE A 27 18.57 2.86 -18.42
C PHE A 27 18.09 2.90 -16.98
N LYS A 28 17.78 1.73 -16.43
CA LYS A 28 17.40 1.67 -15.02
C LYS A 28 17.85 0.36 -14.39
N GLN A 29 18.42 0.47 -13.21
CA GLN A 29 18.84 -0.66 -12.43
C GLN A 29 17.74 -1.06 -11.44
N PHE A 30 17.58 -2.36 -11.22
CA PHE A 30 16.61 -2.90 -10.26
C PHE A 30 17.41 -3.75 -9.31
N TYR A 31 17.30 -3.48 -8.02
CA TYR A 31 18.09 -4.22 -7.03
C TYR A 31 17.17 -4.92 -6.07
N ASP A 32 17.36 -6.22 -5.90
CA ASP A 32 16.59 -6.94 -4.89
C ASP A 32 17.47 -7.03 -3.65
N LYS A 33 17.03 -6.43 -2.56
CA LYS A 33 17.84 -6.44 -1.34
C LYS A 33 18.05 -7.85 -0.74
N HIS A 34 17.08 -8.74 -0.88
CA HIS A 34 17.22 -10.10 -0.30
C HIS A 34 18.19 -10.95 -1.09
N LEU A 35 18.13 -10.79 -2.40
CA LEU A 35 19.00 -11.51 -3.31
C LEU A 35 20.38 -10.86 -3.48
N SER A 36 20.49 -9.57 -3.13
CA SER A 36 21.71 -8.77 -3.38
C SER A 36 22.02 -8.81 -4.87
N GLN A 37 20.95 -8.74 -5.66
CA GLN A 37 21.03 -8.94 -7.10
C GLN A 37 20.58 -7.73 -7.89
N ALA A 38 21.35 -7.43 -8.93
CA ALA A 38 21.06 -6.32 -9.82
C ALA A 38 20.68 -6.78 -11.21
N SER A 39 19.54 -6.30 -11.68
CA SER A 39 19.04 -6.51 -13.03
C SER A 39 18.84 -5.11 -13.62
N TYR A 40 18.67 -5.03 -14.94
CA TYR A 40 18.61 -3.76 -15.63
C TYR A 40 17.60 -3.77 -16.75
N LEU A 41 17.02 -2.59 -16.99
CA LEU A 41 16.15 -2.37 -18.13
C LEU A 41 16.81 -1.26 -18.92
N ILE A 42 17.04 -1.51 -20.21
CA ILE A 42 17.53 -0.51 -21.15
C ILE A 42 16.48 -0.40 -22.24
N GLY A 43 16.32 0.81 -22.76
CA GLY A 43 15.33 1.04 -23.75
C GLY A 43 15.73 2.06 -24.79
N CYS A 44 15.30 1.81 -26.02
CA CYS A 44 15.59 2.68 -27.15
C CYS A 44 14.43 3.65 -27.29
N GLN A 45 14.70 4.92 -27.06
CA GLN A 45 13.62 5.91 -27.16
C GLN A 45 13.14 6.09 -28.61
N LYS A 46 14.03 5.88 -29.57
CA LYS A 46 13.64 6.00 -30.98
C LYS A 46 12.63 4.94 -31.44
N THR A 47 12.84 3.67 -31.09
CA THR A 47 11.93 2.61 -31.52
C THR A 47 10.98 2.11 -30.43
N GLY A 48 11.33 2.31 -29.15
CA GLY A 48 10.51 1.81 -28.06
C GLY A 48 10.92 0.42 -27.58
N GLU A 49 11.86 -0.22 -28.28
CA GLU A 49 12.31 -1.55 -27.90
C GLU A 49 13.02 -1.47 -26.57
N ALA A 50 12.91 -2.53 -25.77
CA ALA A 50 13.54 -2.54 -24.45
C ALA A 50 13.97 -3.95 -24.08
N MET A 51 15.05 -4.03 -23.31
CA MET A 51 15.61 -5.30 -22.89
C MET A 51 15.81 -5.37 -21.38
N ILE A 52 15.50 -6.55 -20.80
CA ILE A 52 15.79 -6.81 -19.39
C ILE A 52 17.06 -7.65 -19.33
N ILE A 53 18.03 -7.24 -18.53
CA ILE A 53 19.26 -8.01 -18.30
C ILE A 53 19.19 -8.65 -16.91
N ASP A 54 19.43 -9.97 -16.87
CA ASP A 54 19.35 -10.79 -15.67
C ASP A 54 17.99 -10.68 -14.94
N PRO A 55 16.90 -10.94 -15.65
CA PRO A 55 15.61 -10.82 -15.00
C PRO A 55 15.34 -11.83 -13.90
N ILE A 56 14.61 -11.38 -12.88
CA ILE A 56 14.13 -12.23 -11.82
C ILE A 56 12.82 -12.84 -12.37
N ARG A 57 12.18 -13.72 -11.60
CA ARG A 57 10.96 -14.41 -12.05
C ARG A 57 9.71 -13.53 -12.11
N ASP A 58 9.61 -12.60 -11.17
CA ASP A 58 8.49 -11.67 -11.13
C ASP A 58 8.86 -10.52 -12.05
N LEU A 59 8.14 -10.38 -13.15
CA LEU A 59 8.48 -9.39 -14.18
C LEU A 59 7.78 -8.05 -14.00
N SER A 60 6.92 -7.93 -13.00
CA SER A 60 6.07 -6.75 -12.82
C SER A 60 6.78 -5.39 -12.74
N SER A 61 7.92 -5.34 -12.03
N SER A 61 7.92 -5.35 -12.06
CA SER A 61 8.65 -4.10 -11.89
CA SER A 61 8.62 -4.09 -11.89
C SER A 61 9.17 -3.61 -13.23
C SER A 61 9.18 -3.61 -13.22
N TYR A 62 9.75 -4.51 -14.02
CA TYR A 62 10.27 -4.13 -15.31
C TYR A 62 9.12 -3.64 -16.20
N ILE A 63 8.02 -4.38 -16.18
CA ILE A 63 6.82 -4.06 -16.96
C ILE A 63 6.26 -2.67 -16.61
N ARG A 64 6.13 -2.38 -15.32
N ARG A 64 6.10 -2.37 -15.32
CA ARG A 64 5.60 -1.10 -14.84
CA ARG A 64 5.56 -1.08 -14.89
C ARG A 64 6.47 0.06 -15.31
C ARG A 64 6.47 0.08 -15.33
N VAL A 65 7.78 -0.06 -15.14
CA VAL A 65 8.73 0.96 -15.58
C VAL A 65 8.67 1.11 -17.11
N ALA A 66 8.68 0.02 -17.85
CA ALA A 66 8.56 0.11 -19.32
C ALA A 66 7.28 0.87 -19.72
N ASP A 67 6.17 0.53 -19.09
CA ASP A 67 4.91 1.22 -19.37
C ASP A 67 5.02 2.72 -19.14
N GLU A 68 5.60 3.12 -18.02
N GLU A 68 5.58 3.15 -18.02
CA GLU A 68 5.77 4.54 -17.67
CA GLU A 68 5.68 4.60 -17.74
C GLU A 68 6.61 5.29 -18.71
C GLU A 68 6.62 5.32 -18.71
N GLU A 69 7.59 4.61 -19.28
CA GLU A 69 8.50 5.20 -20.24
C GLU A 69 8.10 5.06 -21.69
N GLY A 70 6.98 4.40 -21.98
CA GLY A 70 6.53 4.19 -23.36
C GLY A 70 7.33 3.11 -24.10
N LEU A 71 7.95 2.23 -23.36
CA LEU A 71 8.77 1.18 -23.95
C LEU A 71 8.02 -0.15 -23.96
N THR A 72 8.46 -1.04 -24.83
CA THR A 72 7.89 -2.37 -24.92
C THR A 72 9.01 -3.36 -24.70
N ILE A 73 8.84 -4.27 -23.75
CA ILE A 73 9.87 -5.27 -23.46
C ILE A 73 9.80 -6.31 -24.58
N THR A 74 10.80 -6.25 -25.44
CA THR A 74 10.92 -7.10 -26.62
C THR A 74 12.12 -8.03 -26.52
N HIS A 75 12.97 -7.82 -25.52
CA HIS A 75 14.20 -8.59 -25.37
C HIS A 75 14.56 -8.84 -23.92
N ALA A 76 15.34 -9.90 -23.70
CA ALA A 76 15.95 -10.19 -22.40
C ALA A 76 17.23 -10.98 -22.63
N ALA A 77 18.22 -10.76 -21.78
CA ALA A 77 19.46 -11.44 -21.88
C ALA A 77 19.91 -11.78 -20.48
N GLU A 78 20.73 -12.79 -20.39
CA GLU A 78 21.21 -13.29 -19.16
C GLU A 78 22.73 -13.47 -19.26
N THR A 79 23.45 -13.06 -18.23
CA THR A 79 24.90 -13.14 -18.23
C THR A 79 25.51 -14.54 -18.06
N HIS A 80 24.82 -15.41 -17.33
CA HIS A 80 25.30 -16.77 -17.06
C HIS A 80 24.26 -17.56 -16.32
N ILE A 81 24.55 -18.85 -16.07
N ILE A 81 24.56 -18.85 -16.08
CA ILE A 81 23.65 -19.72 -15.34
CA ILE A 81 23.68 -19.73 -15.30
C ILE A 81 23.80 -19.38 -13.85
C ILE A 81 23.83 -19.34 -13.84
N HIS A 82 22.80 -18.72 -13.29
CA HIS A 82 22.87 -18.23 -11.91
C HIS A 82 22.76 -19.29 -10.85
N ALA A 83 23.49 -19.05 -9.76
CA ALA A 83 23.52 -19.96 -8.62
C ALA A 83 22.83 -19.37 -7.41
N ASP A 84 22.40 -18.11 -7.50
CA ASP A 84 21.89 -17.43 -6.32
C ASP A 84 20.51 -16.78 -6.43
N PHE A 85 19.82 -17.04 -7.54
CA PHE A 85 18.40 -16.64 -7.65
C PHE A 85 17.86 -17.37 -8.86
N ALA A 86 16.54 -17.40 -8.98
CA ALA A 86 15.88 -18.11 -10.05
C ALA A 86 15.68 -17.18 -11.22
N SER A 87 16.21 -17.56 -12.37
CA SER A 87 16.09 -16.74 -13.58
C SER A 87 14.67 -16.62 -14.10
N GLY A 88 14.31 -15.40 -14.50
CA GLY A 88 13.01 -15.18 -15.14
C GLY A 88 13.12 -15.20 -16.67
N ILE A 89 14.27 -15.62 -17.23
CA ILE A 89 14.47 -15.52 -18.68
C ILE A 89 13.49 -16.36 -19.50
N ARG A 90 13.19 -17.58 -19.06
N ARG A 90 13.19 -17.57 -19.04
CA ARG A 90 12.24 -18.41 -19.76
CA ARG A 90 12.23 -18.43 -19.74
C ARG A 90 10.83 -17.80 -19.64
C ARG A 90 10.82 -17.82 -19.64
N ASP A 91 10.52 -17.21 -18.49
CA ASP A 91 9.23 -16.55 -18.28
C ASP A 91 9.08 -15.39 -19.27
N VAL A 92 10.19 -14.67 -19.52
CA VAL A 92 10.15 -13.55 -20.46
C VAL A 92 9.79 -14.03 -21.87
N ALA A 93 10.46 -15.09 -22.32
CA ALA A 93 10.23 -15.66 -23.64
C ALA A 93 8.80 -16.16 -23.78
N ILE A 94 8.32 -16.87 -22.76
CA ILE A 94 6.98 -17.45 -22.80
C ILE A 94 5.83 -16.45 -22.54
N LYS A 95 5.95 -15.61 -21.53
CA LYS A 95 4.83 -14.70 -21.21
C LYS A 95 4.79 -13.48 -22.09
N LEU A 96 5.97 -12.96 -22.46
CA LEU A 96 6.04 -11.74 -23.23
C LEU A 96 6.38 -11.95 -24.72
N ASN A 97 6.60 -13.21 -25.13
CA ASN A 97 6.96 -13.52 -26.51
C ASN A 97 8.16 -12.67 -26.95
N ALA A 98 9.10 -12.44 -26.03
CA ALA A 98 10.27 -11.65 -26.31
C ALA A 98 11.41 -12.53 -26.83
N ASN A 99 12.35 -11.90 -27.54
CA ASN A 99 13.56 -12.60 -27.95
C ASN A 99 14.46 -12.70 -26.73
N ILE A 100 14.99 -13.88 -26.45
CA ILE A 100 15.90 -14.03 -25.34
C ILE A 100 17.27 -14.48 -25.81
N TYR A 101 18.29 -14.01 -25.09
CA TYR A 101 19.68 -14.22 -25.44
C TYR A 101 20.39 -14.77 -24.23
N VAL A 102 20.96 -15.97 -24.39
CA VAL A 102 21.71 -16.60 -23.33
C VAL A 102 23.00 -17.13 -23.93
N SER A 103 23.98 -17.40 -23.10
CA SER A 103 25.25 -17.87 -23.57
C SER A 103 25.24 -19.26 -24.24
N GLY A 104 25.86 -19.30 -25.43
CA GLY A 104 26.12 -20.54 -26.14
C GLY A 104 27.60 -20.88 -26.02
N GLU A 105 28.30 -20.22 -25.08
CA GLU A 105 29.73 -20.45 -24.88
C GLU A 105 29.95 -21.52 -23.83
N SER A 106 29.22 -22.61 -23.95
CA SER A 106 29.28 -23.68 -22.98
C SER A 106 29.67 -24.96 -23.70
N ASP A 107 30.10 -25.97 -22.96
CA ASP A 107 30.42 -27.24 -23.60
C ASP A 107 29.09 -27.98 -23.81
N ASP A 108 29.17 -29.15 -24.42
CA ASP A 108 27.97 -29.92 -24.77
C ASP A 108 27.12 -30.42 -23.58
N THR A 109 27.63 -30.26 -22.36
CA THR A 109 26.97 -30.81 -21.18
C THR A 109 26.54 -29.84 -20.07
N LEU A 110 27.28 -28.74 -19.89
CA LEU A 110 26.98 -27.78 -18.81
C LEU A 110 26.18 -26.55 -19.26
N GLY A 111 25.65 -26.57 -20.48
CA GLY A 111 24.90 -25.44 -21.02
C GLY A 111 23.43 -25.46 -20.66
N TYR A 112 22.73 -24.44 -21.14
CA TYR A 112 21.29 -24.32 -20.90
C TYR A 112 20.51 -25.46 -21.58
N LYS A 113 19.51 -25.97 -20.90
CA LYS A 113 18.65 -27.03 -21.44
C LYS A 113 17.20 -26.58 -21.38
N ASN A 114 16.34 -27.30 -22.10
CA ASN A 114 14.90 -27.07 -22.07
C ASN A 114 14.55 -25.61 -22.35
N MET A 115 15.20 -25.02 -23.34
CA MET A 115 14.97 -23.60 -23.63
C MET A 115 13.82 -23.41 -24.58
N PRO A 116 13.11 -22.29 -24.47
CA PRO A 116 12.00 -22.07 -25.37
C PRO A 116 12.47 -21.94 -26.82
N ASN A 117 11.56 -22.23 -27.73
CA ASN A 117 11.87 -22.15 -29.14
C ASN A 117 12.33 -20.76 -29.50
N HIS A 118 13.31 -20.71 -30.39
CA HIS A 118 13.86 -19.46 -30.88
C HIS A 118 14.82 -18.73 -29.92
N THR A 119 15.13 -19.34 -28.78
CA THR A 119 16.15 -18.80 -27.87
C THR A 119 17.41 -18.51 -28.70
N HIS A 120 18.11 -17.42 -28.42
CA HIS A 120 19.33 -17.11 -29.15
C HIS A 120 20.51 -17.47 -28.28
N PHE A 121 21.33 -18.40 -28.72
CA PHE A 121 22.53 -18.79 -28.00
C PHE A 121 23.64 -17.94 -28.59
N VAL A 122 24.08 -16.95 -27.84
CA VAL A 122 25.07 -16.02 -28.34
C VAL A 122 26.49 -16.39 -28.01
N GLN A 123 27.41 -15.92 -28.84
CA GLN A 123 28.82 -16.18 -28.63
C GLN A 123 29.64 -14.92 -28.66
N HIS A 124 30.89 -15.03 -28.26
CA HIS A 124 31.81 -13.93 -28.26
C HIS A 124 31.73 -13.13 -29.58
N ASN A 125 31.65 -11.81 -29.45
CA ASN A 125 31.58 -10.91 -30.62
C ASN A 125 30.23 -10.75 -31.31
N ASP A 126 29.23 -11.54 -30.94
CA ASP A 126 27.90 -11.36 -31.52
C ASP A 126 27.41 -9.97 -31.07
N ASP A 127 26.61 -9.34 -31.92
CA ASP A 127 26.00 -8.05 -31.57
C ASP A 127 24.52 -8.27 -31.44
N ILE A 128 23.93 -7.66 -30.43
CA ILE A 128 22.49 -7.70 -30.21
C ILE A 128 22.05 -6.25 -30.28
N TYR A 129 21.03 -5.95 -31.08
CA TYR A 129 20.49 -4.62 -31.16
C TYR A 129 19.12 -4.58 -30.46
N VAL A 130 18.96 -3.59 -29.59
CA VAL A 130 17.72 -3.30 -28.89
C VAL A 130 17.36 -1.94 -29.51
N GLY A 131 16.54 -1.96 -30.55
CA GLY A 131 16.26 -0.73 -31.28
C GLY A 131 17.62 -0.31 -31.82
N ASN A 132 18.03 0.92 -31.55
CA ASN A 132 19.35 1.40 -32.03
C ASN A 132 20.49 1.20 -31.03
N ILE A 133 20.19 0.64 -29.86
CA ILE A 133 21.22 0.36 -28.84
C ILE A 133 21.94 -0.88 -29.29
N LYS A 134 23.26 -0.85 -29.22
CA LYS A 134 24.07 -1.97 -29.62
C LYS A 134 24.72 -2.60 -28.40
N LEU A 135 24.61 -3.91 -28.28
CA LEU A 135 25.27 -4.65 -27.25
C LEU A 135 26.22 -5.64 -27.90
N LYS A 136 27.48 -5.62 -27.49
CA LYS A 136 28.44 -6.60 -27.98
C LYS A 136 28.64 -7.62 -26.89
N VAL A 137 28.50 -8.88 -27.28
CA VAL A 137 28.67 -10.00 -26.36
C VAL A 137 30.16 -10.27 -26.22
N LEU A 138 30.64 -10.28 -24.99
CA LEU A 138 32.01 -10.63 -24.71
C LEU A 138 32.00 -11.89 -23.86
N HIS A 139 32.70 -12.94 -24.28
CA HIS A 139 32.80 -14.17 -23.48
C HIS A 139 33.80 -13.85 -22.39
N THR A 140 33.37 -13.90 -21.13
CA THR A 140 34.24 -13.56 -19.99
C THR A 140 34.17 -14.68 -18.97
N PRO A 141 34.72 -15.85 -19.32
CA PRO A 141 34.66 -17.01 -18.43
C PRO A 141 35.47 -16.81 -17.17
N GLY A 142 35.13 -17.56 -16.12
CA GLY A 142 35.88 -17.49 -14.85
C GLY A 142 34.96 -17.84 -13.70
N HIS A 143 33.96 -17.02 -13.48
CA HIS A 143 32.94 -17.29 -12.48
C HIS A 143 32.25 -18.58 -12.91
N THR A 144 31.93 -18.68 -14.20
CA THR A 144 31.41 -19.87 -14.82
C THR A 144 32.03 -19.97 -16.20
N PRO A 145 32.11 -21.18 -16.76
CA PRO A 145 32.71 -21.31 -18.09
C PRO A 145 31.94 -20.60 -19.21
N GLU A 146 30.62 -20.41 -19.01
CA GLU A 146 29.78 -19.80 -20.04
C GLU A 146 29.54 -18.30 -19.86
N SER A 147 30.01 -17.71 -18.76
CA SER A 147 29.76 -16.31 -18.45
C SER A 147 30.07 -15.37 -19.59
N ILE A 148 29.10 -14.50 -19.88
CA ILE A 148 29.24 -13.49 -20.89
C ILE A 148 28.91 -12.14 -20.29
N SER A 149 29.52 -11.11 -20.85
CA SER A 149 29.27 -9.74 -20.46
C SER A 149 28.78 -8.96 -21.68
N PHE A 150 27.98 -7.90 -21.47
CA PHE A 150 27.43 -7.13 -22.58
C PHE A 150 27.98 -5.69 -22.63
N LEU A 151 28.64 -5.34 -23.73
CA LEU A 151 29.23 -4.01 -23.91
C LEU A 151 28.26 -3.14 -24.69
N LEU A 152 27.74 -2.12 -24.02
CA LEU A 152 26.75 -1.23 -24.59
C LEU A 152 27.33 0.02 -25.24
N THR A 153 26.85 0.32 -26.45
CA THR A 153 27.18 1.55 -27.16
C THR A 153 25.83 2.19 -27.56
N ASP A 154 25.65 3.45 -27.19
CA ASP A 154 24.42 4.22 -27.45
C ASP A 154 24.43 4.80 -28.87
N GLU A 155 24.36 3.92 -29.85
CA GLU A 155 24.43 4.34 -31.23
C GLU A 155 23.26 5.25 -31.67
N GLY A 156 22.08 5.10 -31.05
CA GLY A 156 20.95 5.96 -31.41
C GLY A 156 21.24 7.43 -31.12
N ALA A 157 22.16 7.68 -30.20
CA ALA A 157 22.56 9.04 -29.86
C ALA A 157 23.79 9.44 -30.67
N GLY A 158 24.22 8.57 -31.58
CA GLY A 158 25.41 8.82 -32.40
C GLY A 158 26.73 8.56 -31.68
N ALA A 159 26.71 7.88 -30.54
CA ALA A 159 27.95 7.60 -29.79
C ALA A 159 28.87 6.66 -30.58
N GLN A 160 30.17 6.94 -30.56
CA GLN A 160 31.17 6.13 -31.28
C GLN A 160 32.03 5.31 -30.33
N VAL A 161 31.74 5.41 -29.04
CA VAL A 161 32.52 4.75 -28.00
C VAL A 161 31.54 4.08 -27.06
N PRO A 162 31.98 2.99 -26.40
CA PRO A 162 31.11 2.28 -25.49
C PRO A 162 30.85 3.07 -24.22
N MET A 163 29.72 2.81 -23.60
CA MET A 163 29.32 3.50 -22.39
C MET A 163 29.54 2.65 -21.15
N GLY A 164 29.26 1.36 -21.23
CA GLY A 164 29.37 0.52 -20.05
C GLY A 164 29.31 -0.96 -20.36
N LEU A 165 29.62 -1.76 -19.36
CA LEU A 165 29.63 -3.20 -19.49
C LEU A 165 28.73 -3.84 -18.44
N PHE A 166 27.77 -4.63 -18.89
CA PHE A 166 26.95 -5.43 -17.96
C PHE A 166 27.82 -6.63 -17.70
N SER A 167 28.38 -6.68 -16.50
CA SER A 167 29.39 -7.65 -16.15
C SER A 167 28.96 -8.89 -15.36
N GLY A 168 27.69 -9.02 -15.04
CA GLY A 168 27.26 -10.21 -14.31
C GLY A 168 28.07 -10.42 -13.04
N ASP A 169 28.56 -11.65 -12.85
CA ASP A 169 29.38 -11.98 -11.71
C ASP A 169 30.87 -12.07 -12.08
N PHE A 170 31.22 -11.47 -13.22
CA PHE A 170 32.60 -11.42 -13.69
C PHE A 170 33.35 -10.34 -12.91
N ILE A 171 32.90 -9.08 -13.03
CA ILE A 171 33.48 -7.96 -12.28
C ILE A 171 32.44 -7.32 -11.37
N PHE A 172 32.77 -7.20 -10.08
CA PHE A 172 31.91 -6.51 -9.12
C PHE A 172 32.54 -5.19 -8.79
N VAL A 173 31.82 -4.37 -8.02
CA VAL A 173 32.41 -3.14 -7.54
C VAL A 173 33.33 -3.58 -6.42
N GLY A 174 34.63 -3.42 -6.62
CA GLY A 174 35.60 -3.76 -5.59
C GLY A 174 36.10 -5.20 -5.57
N ASP A 175 35.55 -6.08 -6.40
CA ASP A 175 36.01 -7.47 -6.41
C ASP A 175 35.59 -8.14 -7.71
N ILE A 176 35.82 -9.45 -7.80
CA ILE A 176 35.46 -10.23 -8.97
C ILE A 176 34.87 -11.55 -8.51
N GLY A 177 34.15 -12.22 -9.40
CA GLY A 177 33.53 -13.48 -9.09
C GLY A 177 34.55 -14.57 -8.84
N ARG A 178 34.13 -15.60 -8.13
CA ARG A 178 34.96 -16.76 -7.85
C ARG A 178 34.33 -17.89 -8.64
N PRO A 179 35.14 -18.89 -9.05
CA PRO A 179 34.55 -19.99 -9.80
C PRO A 179 33.49 -20.75 -8.99
N ASP A 180 32.29 -20.90 -9.54
CA ASP A 180 31.24 -21.70 -8.89
C ASP A 180 31.75 -23.11 -8.69
N LEU A 181 31.50 -23.68 -7.51
CA LEU A 181 31.94 -25.03 -7.22
C LEU A 181 31.08 -26.06 -7.95
N LEU A 182 31.60 -27.28 -8.05
CA LEU A 182 30.91 -28.36 -8.74
C LEU A 182 30.40 -29.37 -7.74
N GLU A 183 29.42 -30.16 -8.14
CA GLU A 183 28.91 -31.20 -7.28
C GLU A 183 29.94 -32.31 -7.13
N LYS A 184 30.03 -32.81 -5.90
CA LYS A 184 30.94 -33.88 -5.51
C LYS A 184 30.97 -35.07 -6.48
N ALA A 185 29.78 -35.46 -6.97
CA ALA A 185 29.65 -36.61 -7.89
C ALA A 185 30.38 -36.41 -9.24
N VAL A 186 30.27 -35.20 -9.82
CA VAL A 186 30.94 -34.86 -11.10
C VAL A 186 32.15 -33.92 -10.89
N LYS A 187 32.94 -34.17 -9.85
CA LYS A 187 34.08 -33.31 -9.54
C LYS A 187 35.26 -33.57 -10.47
N VAL A 188 36.02 -32.52 -10.76
N VAL A 188 36.02 -32.51 -10.74
CA VAL A 188 37.24 -32.63 -11.58
CA VAL A 188 37.21 -32.56 -11.58
C VAL A 188 38.37 -31.94 -10.82
C VAL A 188 38.36 -31.94 -10.78
N GLU A 189 39.41 -32.71 -10.53
CA GLU A 189 40.56 -32.25 -9.69
C GLU A 189 41.05 -30.79 -9.81
N GLY A 190 41.33 -30.30 -11.02
CA GLY A 190 41.80 -28.92 -11.17
C GLY A 190 40.72 -27.91 -11.54
N SER A 191 39.48 -28.14 -11.10
CA SER A 191 38.34 -27.29 -11.48
C SER A 191 38.43 -25.83 -11.00
N SER A 192 38.59 -25.63 -9.69
CA SER A 192 38.70 -24.26 -9.18
C SER A 192 39.84 -23.50 -9.86
N GLU A 193 40.95 -24.22 -10.12
CA GLU A 193 42.14 -23.62 -10.76
C GLU A 193 41.98 -23.33 -12.27
N ILE A 194 41.37 -24.21 -13.04
CA ILE A 194 41.22 -23.90 -14.47
C ILE A 194 40.19 -22.74 -14.63
N GLY A 195 39.23 -22.64 -13.72
CA GLY A 195 38.26 -21.54 -13.72
C GLY A 195 38.99 -20.24 -13.39
N ALA A 196 39.91 -20.34 -12.42
CA ALA A 196 40.72 -19.20 -12.02
C ALA A 196 41.58 -18.70 -13.21
N LYS A 197 42.17 -19.62 -13.95
CA LYS A 197 42.98 -19.25 -15.12
C LYS A 197 42.15 -18.53 -16.17
N GLN A 198 40.93 -19.01 -16.41
CA GLN A 198 40.01 -18.36 -17.34
C GLN A 198 39.72 -16.93 -16.86
N MET A 199 39.49 -16.78 -15.56
CA MET A 199 39.21 -15.48 -14.96
C MET A 199 40.38 -14.52 -15.15
N PHE A 200 41.60 -14.99 -14.92
CA PHE A 200 42.79 -14.15 -15.11
C PHE A 200 42.87 -13.67 -16.55
N LYS A 201 42.62 -14.56 -17.51
CA LYS A 201 42.63 -14.18 -18.92
C LYS A 201 41.47 -13.25 -19.26
N SER A 202 40.31 -13.46 -18.64
CA SER A 202 39.17 -12.57 -18.91
C SER A 202 39.47 -11.18 -18.41
N ILE A 203 40.09 -11.09 -17.24
CA ILE A 203 40.45 -9.78 -16.69
C ILE A 203 41.45 -9.09 -17.61
N GLU A 204 42.44 -9.86 -18.07
N GLU A 204 42.46 -9.81 -18.08
CA GLU A 204 43.48 -9.39 -18.98
CA GLU A 204 43.46 -9.22 -18.97
C GLU A 204 42.85 -8.75 -20.23
C GLU A 204 42.80 -8.69 -20.23
N SER A 205 41.91 -9.46 -20.85
CA SER A 205 41.23 -8.98 -22.06
C SER A 205 40.39 -7.70 -21.80
N ILE A 206 39.73 -7.62 -20.66
CA ILE A 206 38.86 -6.47 -20.40
C ILE A 206 39.63 -5.15 -20.19
N LYS A 207 40.91 -5.24 -19.85
CA LYS A 207 41.74 -4.08 -19.59
C LYS A 207 41.91 -3.11 -20.77
N ASP A 208 41.74 -3.64 -21.98
N ASP A 208 41.79 -3.61 -22.00
CA ASP A 208 41.90 -2.86 -23.20
CA ASP A 208 41.97 -2.73 -23.16
C ASP A 208 40.71 -1.95 -23.49
C ASP A 208 40.73 -1.86 -23.44
N LEU A 209 39.62 -2.12 -22.78
CA LEU A 209 38.44 -1.27 -22.96
C LEU A 209 38.74 0.14 -22.40
N PRO A 210 37.99 1.16 -22.85
CA PRO A 210 38.24 2.53 -22.35
C PRO A 210 37.99 2.64 -20.85
N ASP A 211 38.89 3.32 -20.15
CA ASP A 211 38.79 3.41 -18.70
C ASP A 211 37.57 4.19 -18.17
N TYR A 212 36.90 4.93 -19.04
CA TYR A 212 35.73 5.72 -18.66
C TYR A 212 34.38 4.95 -18.80
N ILE A 213 34.44 3.68 -19.22
CA ILE A 213 33.20 2.92 -19.31
C ILE A 213 32.70 2.60 -17.90
N GLN A 214 31.39 2.56 -17.74
CA GLN A 214 30.82 2.14 -16.46
C GLN A 214 30.82 0.61 -16.36
N ILE A 215 30.78 0.10 -15.13
CA ILE A 215 30.70 -1.33 -14.86
C ILE A 215 29.36 -1.52 -14.17
N TRP A 216 28.50 -2.33 -14.78
CA TRP A 216 27.18 -2.60 -14.26
C TRP A 216 27.10 -4.07 -13.84
N PRO A 217 27.40 -4.36 -12.57
CA PRO A 217 27.49 -5.74 -12.10
C PRO A 217 26.14 -6.39 -11.81
N GLY A 218 26.17 -7.71 -11.67
CA GLY A 218 24.98 -8.49 -11.41
C GLY A 218 24.68 -8.68 -9.95
N HIS A 219 25.67 -8.44 -9.09
CA HIS A 219 25.48 -8.58 -7.65
C HIS A 219 26.24 -7.50 -6.95
N GLY A 220 25.70 -7.07 -5.81
CA GLY A 220 26.30 -6.03 -5.00
C GLY A 220 26.28 -6.44 -3.53
N ALA A 221 26.43 -5.46 -2.63
CA ALA A 221 26.48 -5.71 -1.19
C ALA A 221 25.23 -6.44 -0.64
N GLY A 222 25.43 -7.18 0.45
CA GLY A 222 24.33 -7.88 1.12
C GLY A 222 24.53 -9.37 1.33
N SER A 223 25.42 -9.98 0.54
CA SER A 223 25.67 -11.42 0.67
C SER A 223 27.04 -11.74 1.27
N PRO A 224 27.06 -12.57 2.33
CA PRO A 224 28.31 -13.06 2.95
C PRO A 224 29.25 -13.68 1.91
N CYS A 225 28.69 -14.17 0.80
CA CYS A 225 29.47 -14.75 -0.30
C CYS A 225 30.10 -13.67 -1.21
N GLY A 226 30.01 -12.41 -0.79
CA GLY A 226 30.60 -11.29 -1.50
C GLY A 226 30.70 -10.14 -0.53
N LYS A 227 31.53 -10.32 0.52
N LYS A 227 31.55 -10.32 0.50
CA LYS A 227 31.68 -9.28 1.55
CA LYS A 227 31.73 -9.31 1.54
C LYS A 227 32.29 -8.00 0.98
C LYS A 227 32.27 -8.01 0.95
N SER A 228 33.12 -8.14 -0.05
CA SER A 228 33.78 -7.00 -0.68
C SER A 228 32.95 -6.24 -1.72
N LEU A 229 31.74 -6.72 -2.03
CA LEU A 229 30.93 -6.09 -3.10
C LEU A 229 30.38 -4.71 -2.71
N GLY A 230 30.49 -3.78 -3.64
CA GLY A 230 30.07 -2.41 -3.39
C GLY A 230 28.58 -2.26 -3.22
N ALA A 231 28.19 -1.29 -2.39
CA ALA A 231 26.79 -0.93 -2.22
C ALA A 231 26.45 -0.03 -3.41
N ILE A 232 27.42 0.81 -3.80
CA ILE A 232 27.21 1.70 -4.95
C ILE A 232 26.85 0.78 -6.08
N PRO A 233 25.80 1.11 -6.81
CA PRO A 233 25.33 0.15 -7.82
C PRO A 233 26.23 0.05 -9.05
N THR A 234 27.17 0.97 -9.23
CA THR A 234 28.00 0.94 -10.41
C THR A 234 29.39 1.49 -10.19
N SER A 235 30.32 1.08 -11.02
CA SER A 235 31.65 1.64 -10.94
C SER A 235 32.12 1.97 -12.34
N THR A 236 33.42 2.15 -12.51
CA THR A 236 34.01 2.41 -13.82
C THR A 236 35.25 1.55 -13.91
N LEU A 237 35.67 1.25 -15.13
CA LEU A 237 36.83 0.42 -15.34
C LEU A 237 38.09 1.04 -14.76
N GLY A 238 38.27 2.33 -14.99
CA GLY A 238 39.44 3.04 -14.50
C GLY A 238 39.48 3.05 -12.99
N TYR A 239 38.31 3.13 -12.35
CA TYR A 239 38.25 3.15 -10.89
C TYR A 239 38.59 1.76 -10.35
N GLU A 240 38.07 0.72 -11.01
CA GLU A 240 38.37 -0.62 -10.60
C GLU A 240 39.86 -0.94 -10.80
N LYS A 241 40.48 -0.40 -11.85
CA LYS A 241 41.90 -0.61 -12.06
C LYS A 241 42.72 -0.04 -10.89
N GLN A 242 42.24 1.05 -10.29
CA GLN A 242 42.93 1.66 -9.16
C GLN A 242 42.67 0.97 -7.82
N THR A 243 41.49 0.41 -7.64
CA THR A 243 41.09 -0.07 -6.31
C THR A 243 40.73 -1.57 -6.17
N ASN A 244 40.43 -2.23 -7.27
CA ASN A 244 40.06 -3.65 -7.29
C ASN A 244 41.32 -4.51 -7.44
N TRP A 245 41.63 -5.32 -6.42
CA TRP A 245 42.86 -6.16 -6.40
C TRP A 245 43.10 -6.97 -7.68
N ALA A 246 42.02 -7.48 -8.25
CA ALA A 246 42.08 -8.34 -9.41
C ALA A 246 42.77 -7.68 -10.59
N PHE A 247 42.67 -6.35 -10.70
CA PHE A 247 43.29 -5.61 -11.78
C PHE A 247 44.76 -5.27 -11.61
N SER A 248 45.30 -5.43 -10.39
CA SER A 248 46.70 -5.12 -10.11
C SER A 248 47.57 -6.34 -9.94
N GLU A 249 46.95 -7.51 -9.74
CA GLU A 249 47.73 -8.72 -9.56
C GLU A 249 48.03 -9.29 -10.94
N ASN A 250 49.28 -9.14 -11.37
CA ASN A 250 49.66 -9.63 -12.70
C ASN A 250 50.44 -10.96 -12.69
N ASN A 251 50.63 -11.54 -11.50
CA ASN A 251 51.26 -12.85 -11.38
C ASN A 251 50.12 -13.88 -11.35
N GLU A 252 50.03 -14.71 -12.39
CA GLU A 252 48.95 -15.68 -12.52
C GLU A 252 48.78 -16.60 -11.33
N ALA A 253 49.90 -17.13 -10.82
CA ALA A 253 49.88 -18.06 -9.68
C ALA A 253 49.31 -17.42 -8.42
N THR A 254 49.75 -16.18 -8.15
CA THR A 254 49.31 -15.44 -6.97
C THR A 254 47.83 -15.09 -7.10
N PHE A 255 47.41 -14.75 -8.32
CA PHE A 255 46.03 -14.43 -8.64
C PHE A 255 45.14 -15.62 -8.35
N ILE A 256 45.51 -16.77 -8.92
CA ILE A 256 44.77 -17.99 -8.74
C ILE A 256 44.62 -18.32 -7.26
N ASP A 257 45.75 -18.31 -6.54
N ASP A 257 45.76 -18.31 -6.55
CA ASP A 257 45.74 -18.61 -5.10
CA ASP A 257 45.78 -18.60 -5.12
C ASP A 257 44.80 -17.70 -4.33
C ASP A 257 44.85 -17.71 -4.32
N LYS A 258 44.92 -16.39 -4.54
CA LYS A 258 44.07 -15.45 -3.83
C LYS A 258 42.60 -15.66 -4.21
N LEU A 259 42.35 -15.89 -5.49
CA LEU A 259 41.00 -16.09 -5.97
C LEU A 259 40.34 -17.28 -5.29
N ILE A 260 41.01 -18.43 -5.30
CA ILE A 260 40.38 -19.66 -4.82
C ILE A 260 40.76 -20.16 -3.43
N SER A 261 41.51 -19.38 -2.65
CA SER A 261 41.87 -19.83 -1.32
C SER A 261 41.00 -19.24 -0.22
N ASP A 262 40.75 -20.08 0.78
CA ASP A 262 39.97 -19.72 1.96
C ASP A 262 38.70 -18.95 1.62
N GLN A 263 37.88 -19.55 0.76
CA GLN A 263 36.59 -18.97 0.40
C GLN A 263 35.56 -19.75 1.17
N PRO A 264 34.53 -19.06 1.70
CA PRO A 264 33.52 -19.77 2.49
C PRO A 264 32.68 -20.74 1.66
N ALA A 265 32.13 -21.76 2.31
CA ALA A 265 31.26 -22.69 1.64
C ALA A 265 29.99 -21.95 1.30
N PRO A 266 29.47 -22.16 0.08
CA PRO A 266 28.25 -21.50 -0.29
C PRO A 266 27.06 -22.14 0.41
N PRO A 267 25.99 -21.37 0.64
CA PRO A 267 24.80 -21.98 1.24
C PRO A 267 24.24 -23.07 0.34
N HIS A 268 23.49 -23.98 0.94
CA HIS A 268 22.98 -25.14 0.22
C HIS A 268 22.09 -24.84 -0.97
N HIS A 269 21.32 -23.76 -0.95
CA HIS A 269 20.43 -23.53 -2.10
C HIS A 269 21.17 -23.21 -3.41
N PHE A 270 22.43 -22.78 -3.34
CA PHE A 270 23.18 -22.47 -4.57
C PHE A 270 23.18 -23.64 -5.56
N ALA A 271 23.47 -24.84 -5.08
CA ALA A 271 23.52 -26.01 -5.96
C ALA A 271 22.17 -26.24 -6.64
N GLN A 272 21.10 -25.99 -5.92
CA GLN A 272 19.76 -26.21 -6.47
C GLN A 272 19.41 -25.17 -7.49
N MET A 273 19.85 -23.92 -7.25
CA MET A 273 19.53 -22.81 -8.16
C MET A 273 20.15 -23.02 -9.52
N LYS A 274 21.36 -23.54 -9.53
CA LYS A 274 22.09 -23.78 -10.75
C LYS A 274 21.33 -24.78 -11.64
N LYS A 275 20.75 -25.81 -11.01
CA LYS A 275 19.97 -26.83 -11.73
C LYS A 275 18.66 -26.25 -12.23
N ILE A 276 17.96 -25.50 -11.38
CA ILE A 276 16.71 -24.83 -11.79
C ILE A 276 16.96 -23.90 -12.98
N ASN A 277 18.08 -23.18 -12.94
CA ASN A 277 18.43 -22.29 -14.02
C ASN A 277 18.90 -22.99 -15.29
N GLN A 278 19.59 -24.11 -15.13
CA GLN A 278 20.04 -24.83 -16.27
C GLN A 278 18.88 -25.58 -16.95
N PHE A 279 17.95 -26.14 -16.17
CA PHE A 279 16.83 -26.95 -16.69
C PHE A 279 15.45 -26.29 -16.76
N GLY A 280 15.30 -25.16 -16.08
CA GLY A 280 14.05 -24.41 -16.01
C GLY A 280 13.12 -24.95 -14.94
N MET A 281 12.16 -24.13 -14.55
CA MET A 281 11.14 -24.56 -13.63
C MET A 281 9.80 -23.97 -14.11
N ASN A 282 8.73 -24.25 -13.38
CA ASN A 282 7.41 -23.77 -13.75
C ASN A 282 7.37 -22.24 -13.84
N LEU A 283 6.46 -21.73 -14.66
CA LEU A 283 6.29 -20.30 -14.78
C LEU A 283 5.97 -19.73 -13.40
N TYR A 284 6.46 -18.53 -13.17
CA TYR A 284 6.13 -17.84 -11.95
C TYR A 284 4.64 -17.46 -11.90
N GLN A 285 4.02 -17.72 -10.76
CA GLN A 285 2.67 -17.26 -10.44
C GLN A 285 2.56 -17.08 -8.92
N PRO A 286 1.94 -15.98 -8.49
CA PRO A 286 1.69 -15.85 -7.08
C PRO A 286 0.69 -16.95 -6.69
N TYR A 287 0.63 -17.25 -5.40
CA TYR A 287 -0.29 -18.25 -4.91
C TYR A 287 -0.74 -17.98 -3.50
N THR A 288 -1.84 -18.59 -3.11
CA THR A 288 -2.37 -18.34 -1.77
C THR A 288 -1.66 -19.18 -0.71
N VAL A 289 -1.43 -18.54 0.43
CA VAL A 289 -0.90 -19.20 1.61
C VAL A 289 -1.88 -18.91 2.73
N TYR A 290 -2.64 -19.93 3.09
CA TYR A 290 -3.67 -19.84 4.06
C TYR A 290 -3.32 -20.64 5.33
N PRO A 291 -4.10 -20.47 6.39
CA PRO A 291 -3.74 -21.20 7.63
C PRO A 291 -3.63 -22.69 7.39
N ALA A 292 -2.67 -23.32 8.03
CA ALA A 292 -2.49 -24.75 7.89
C ALA A 292 -2.61 -25.41 9.25
N THR A 293 -3.27 -26.56 9.29
CA THR A 293 -3.38 -27.32 10.52
C THR A 293 -2.27 -28.39 10.58
N ASN A 294 -1.71 -28.77 9.43
CA ASN A 294 -0.60 -29.72 9.42
C ASN A 294 0.66 -29.08 10.01
N THR A 295 1.05 -29.49 11.20
CA THR A 295 2.26 -28.98 11.82
C THR A 295 3.46 -29.95 11.70
N ASN A 296 3.28 -30.99 10.88
N ASN A 296 3.38 -31.01 10.90
CA ASN A 296 4.28 -32.01 10.59
CA ASN A 296 4.52 -31.93 10.76
C ASN A 296 5.01 -31.67 9.28
C ASN A 296 5.64 -31.41 9.86
N ARG A 297 5.57 -30.47 9.28
N ARG A 297 5.29 -30.53 8.93
CA ARG A 297 6.32 -30.00 8.14
CA ARG A 297 6.25 -29.99 7.97
C ARG A 297 7.47 -29.17 8.63
C ARG A 297 7.41 -29.17 8.56
N LEU A 298 8.48 -29.06 7.79
CA LEU A 298 9.60 -28.22 8.10
C LEU A 298 8.94 -26.85 8.23
N THR A 299 9.22 -26.14 9.33
CA THR A 299 8.57 -24.86 9.60
C THR A 299 9.55 -23.74 9.97
N PHE A 300 9.40 -22.57 9.34
CA PHE A 300 10.28 -21.42 9.61
C PHE A 300 9.50 -20.28 10.25
N ASP A 301 10.06 -19.75 11.34
CA ASP A 301 9.43 -18.67 12.11
C ASP A 301 10.09 -17.39 11.60
N LEU A 302 9.26 -16.54 11.04
CA LEU A 302 9.70 -15.31 10.38
C LEU A 302 9.89 -14.12 11.28
N ARG A 303 9.62 -14.28 12.59
CA ARG A 303 9.75 -13.15 13.51
C ARG A 303 11.20 -12.81 13.82
N SER A 304 11.40 -11.68 14.49
CA SER A 304 12.73 -11.25 14.91
C SER A 304 13.34 -12.28 15.85
N LYS A 305 14.67 -12.30 15.91
CA LYS A 305 15.35 -13.21 16.85
C LYS A 305 14.91 -12.91 18.28
N GLU A 306 14.65 -11.64 18.61
N GLU A 306 14.66 -11.65 18.64
CA GLU A 306 14.20 -11.27 19.95
CA GLU A 306 14.22 -11.38 20.02
C GLU A 306 12.83 -11.88 20.26
C GLU A 306 12.80 -11.88 20.28
N ALA A 307 11.91 -11.79 19.30
CA ALA A 307 10.55 -12.34 19.47
C ALA A 307 10.64 -13.86 19.63
N TYR A 308 11.45 -14.47 18.79
CA TYR A 308 11.63 -15.92 18.82
C TYR A 308 12.10 -16.33 20.20
N HIS A 309 13.10 -15.62 20.71
CA HIS A 309 13.66 -15.92 22.05
C HIS A 309 12.61 -15.70 23.14
N GLY A 310 11.78 -14.67 22.96
CA GLY A 310 10.70 -14.39 23.91
C GLY A 310 9.66 -15.51 23.98
N GLY A 311 9.52 -16.27 22.92
CA GLY A 311 8.54 -17.39 22.90
C GLY A 311 8.40 -18.01 21.51
N HIS A 312 8.57 -19.32 21.41
CA HIS A 312 8.44 -20.00 20.13
C HIS A 312 8.13 -21.48 20.33
N ILE A 313 7.79 -22.16 19.25
CA ILE A 313 7.49 -23.59 19.30
C ILE A 313 8.73 -24.40 18.97
N GLU A 314 8.97 -25.45 19.76
CA GLU A 314 10.14 -26.30 19.52
C GLU A 314 10.01 -26.97 18.17
N GLY A 315 11.14 -27.22 17.55
CA GLY A 315 11.15 -27.83 16.21
C GLY A 315 11.13 -26.80 15.09
N THR A 316 10.70 -25.58 15.37
CA THR A 316 10.68 -24.56 14.34
C THR A 316 12.07 -23.94 14.22
N ILE A 317 12.40 -23.41 13.05
CA ILE A 317 13.69 -22.76 12.84
C ILE A 317 13.41 -21.27 12.64
N ASN A 318 14.09 -20.43 13.40
CA ASN A 318 13.91 -19.00 13.27
C ASN A 318 14.66 -18.45 12.08
N ILE A 319 13.96 -17.93 11.09
CA ILE A 319 14.67 -17.24 10.01
C ILE A 319 14.00 -15.88 9.91
N PRO A 320 14.51 -14.89 10.64
CA PRO A 320 13.89 -13.56 10.58
C PRO A 320 13.77 -13.02 9.15
N TYR A 321 12.59 -12.46 8.81
CA TYR A 321 12.38 -11.88 7.49
C TYR A 321 12.95 -10.47 7.43
N ASP A 322 14.27 -10.38 7.37
CA ASP A 322 15.00 -9.11 7.28
C ASP A 322 15.87 -9.22 6.02
N LYS A 323 16.79 -8.27 5.83
N LYS A 323 16.78 -8.26 5.80
CA LYS A 323 17.65 -8.25 4.65
CA LYS A 323 17.59 -8.28 4.58
C LYS A 323 18.40 -9.56 4.45
C LYS A 323 18.48 -9.52 4.45
N ASN A 324 18.64 -10.28 5.55
CA ASN A 324 19.40 -11.55 5.55
C ASN A 324 18.57 -12.82 5.44
N PHE A 325 17.28 -12.65 5.16
CA PHE A 325 16.35 -13.78 5.04
C PHE A 325 16.83 -14.89 4.10
N ILE A 326 17.21 -14.52 2.87
CA ILE A 326 17.64 -15.52 1.90
C ILE A 326 18.99 -16.08 2.27
N ASN A 327 19.92 -15.20 2.67
CA ASN A 327 21.26 -15.62 3.09
C ASN A 327 21.18 -16.71 4.18
N GLN A 328 20.22 -16.60 5.09
CA GLN A 328 20.07 -17.56 6.17
C GLN A 328 19.24 -18.78 5.80
N ILE A 329 18.15 -18.57 5.07
CA ILE A 329 17.24 -19.67 4.79
C ILE A 329 17.84 -20.67 3.80
N GLY A 330 18.80 -20.21 3.01
CA GLY A 330 19.47 -21.06 2.03
C GLY A 330 20.12 -22.27 2.64
N TRP A 331 20.51 -22.14 3.90
CA TRP A 331 21.12 -23.23 4.63
C TRP A 331 20.12 -24.28 5.10
N TYR A 332 18.82 -23.94 5.14
CA TYR A 332 17.80 -24.85 5.65
C TYR A 332 16.69 -25.23 4.68
N LEU A 333 16.50 -24.45 3.62
CA LEU A 333 15.39 -24.68 2.70
C LEU A 333 15.57 -26.01 2.02
N ASN A 334 14.56 -26.86 2.09
CA ASN A 334 14.58 -28.14 1.40
C ASN A 334 13.58 -28.04 0.21
N TYR A 335 14.11 -27.94 -1.02
CA TYR A 335 13.27 -27.79 -2.21
C TYR A 335 12.35 -28.96 -2.50
N ASP A 336 12.63 -30.10 -1.89
CA ASP A 336 11.84 -31.31 -2.11
C ASP A 336 10.69 -31.45 -1.14
N GLN A 337 10.52 -30.49 -0.23
CA GLN A 337 9.43 -30.58 0.73
C GLN A 337 8.56 -29.32 0.76
N GLU A 338 7.31 -29.51 1.14
CA GLU A 338 6.41 -28.41 1.38
C GLU A 338 6.75 -27.89 2.78
N ILE A 339 6.67 -26.58 2.95
CA ILE A 339 7.08 -25.94 4.19
C ILE A 339 6.01 -25.03 4.76
N ASN A 340 5.93 -24.94 6.09
CA ASN A 340 5.05 -23.98 6.75
C ASN A 340 5.86 -22.78 7.25
N LEU A 341 5.20 -21.64 7.33
CA LEU A 341 5.78 -20.44 7.86
C LEU A 341 4.97 -19.98 9.06
N ILE A 342 5.67 -19.38 10.03
CA ILE A 342 5.03 -18.82 11.21
C ILE A 342 5.11 -17.31 11.15
N GLY A 343 3.96 -16.67 11.23
CA GLY A 343 3.89 -15.20 11.22
C GLY A 343 2.48 -14.77 10.90
N ASP A 344 2.26 -13.45 10.84
CA ASP A 344 0.94 -12.94 10.48
C ASP A 344 0.77 -13.05 8.95
N TYR A 345 -0.48 -13.05 8.51
CA TYR A 345 -0.84 -13.23 7.10
C TYR A 345 0.02 -12.44 6.11
N HIS A 346 0.20 -11.16 6.40
CA HIS A 346 0.95 -10.27 5.51
C HIS A 346 2.43 -10.58 5.47
N LEU A 347 3.04 -10.78 6.63
CA LEU A 347 4.45 -11.12 6.68
C LEU A 347 4.72 -12.46 5.95
N VAL A 348 3.80 -13.42 6.13
CA VAL A 348 3.92 -14.71 5.46
C VAL A 348 3.85 -14.50 3.91
N SER A 349 3.01 -13.59 3.45
CA SER A 349 2.88 -13.39 2.01
C SER A 349 4.15 -12.75 1.43
N LYS A 350 4.79 -11.83 2.16
CA LYS A 350 6.04 -11.24 1.70
C LYS A 350 7.14 -12.28 1.63
N ALA A 351 7.26 -13.09 2.68
CA ALA A 351 8.29 -14.13 2.70
C ALA A 351 8.07 -15.13 1.59
N THR A 352 6.81 -15.48 1.34
CA THR A 352 6.44 -16.44 0.29
C THR A 352 6.92 -15.94 -1.07
N HIS A 353 6.66 -14.67 -1.35
CA HIS A 353 7.11 -14.05 -2.60
C HIS A 353 8.65 -14.08 -2.73
N THR A 354 9.36 -13.71 -1.65
CA THR A 354 10.82 -13.73 -1.66
C THR A 354 11.34 -15.14 -1.97
N LEU A 355 10.71 -16.16 -1.39
CA LEU A 355 11.12 -17.55 -1.67
C LEU A 355 10.92 -17.93 -3.12
N GLN A 356 9.88 -17.40 -3.76
CA GLN A 356 9.67 -17.67 -5.17
C GLN A 356 10.84 -17.05 -5.98
N LEU A 357 11.47 -16.02 -5.45
CA LEU A 357 12.59 -15.42 -6.14
C LEU A 357 13.81 -16.34 -6.14
N ILE A 358 13.84 -17.33 -5.25
CA ILE A 358 14.90 -18.36 -5.30
C ILE A 358 14.30 -19.69 -5.77
N GLY A 359 13.20 -19.61 -6.52
CA GLY A 359 12.62 -20.78 -7.15
C GLY A 359 11.89 -21.78 -6.29
N TYR A 360 11.35 -21.34 -5.16
CA TYR A 360 10.61 -22.22 -4.25
C TYR A 360 9.15 -21.76 -4.22
N ASP A 361 8.25 -22.62 -4.70
CA ASP A 361 6.82 -22.27 -4.83
C ASP A 361 5.93 -23.16 -3.95
N ASP A 362 6.52 -23.85 -2.99
CA ASP A 362 5.78 -24.87 -2.24
C ASP A 362 5.43 -24.60 -0.76
N ILE A 363 5.29 -23.33 -0.39
CA ILE A 363 4.83 -23.00 0.96
C ILE A 363 3.42 -23.57 1.05
N ALA A 364 3.19 -24.40 2.05
CA ALA A 364 1.91 -25.08 2.21
C ALA A 364 0.90 -24.32 3.06
N GLY A 365 1.36 -23.43 3.91
CA GLY A 365 0.44 -22.69 4.76
C GLY A 365 1.18 -22.03 5.89
N TYR A 366 0.46 -21.40 6.80
CA TYR A 366 1.08 -20.71 7.91
C TYR A 366 0.34 -20.93 9.21
N GLN A 367 1.03 -20.66 10.30
CA GLN A 367 0.43 -20.66 11.63
C GLN A 367 0.81 -19.32 12.29
N LEU A 368 -0.09 -18.76 13.05
CA LEU A 368 0.22 -17.52 13.76
C LEU A 368 1.19 -17.88 14.90
N PRO A 369 2.04 -16.92 15.30
CA PRO A 369 2.93 -17.14 16.41
C PRO A 369 2.13 -17.29 17.70
N GLN A 370 2.62 -18.12 18.62
CA GLN A 370 1.92 -18.36 19.89
C GLN A 370 2.62 -17.67 21.05
N GLN B 21 25.66 -4.26 7.69
CA GLN B 21 26.48 -5.49 7.90
C GLN B 21 27.70 -5.56 6.98
N SER B 22 27.56 -5.10 5.73
CA SER B 22 28.68 -5.06 4.80
C SER B 22 29.44 -3.76 5.08
N ASN B 23 30.77 -3.80 4.98
CA ASN B 23 31.62 -2.63 5.30
C ASN B 23 31.97 -1.71 4.07
N ALA B 24 31.31 -1.92 2.93
CA ALA B 24 31.53 -1.07 1.77
C ALA B 24 30.74 0.25 1.96
N MET B 25 31.29 1.35 1.45
CA MET B 25 30.65 2.67 1.55
C MET B 25 29.27 2.58 0.98
N PHE B 26 28.30 3.18 1.66
CA PHE B 26 26.94 3.20 1.15
C PHE B 26 26.69 4.38 0.21
N PHE B 27 25.99 4.12 -0.88
CA PHE B 27 25.64 5.14 -1.85
C PHE B 27 24.31 4.74 -2.48
N LYS B 28 23.38 5.68 -2.55
CA LYS B 28 22.12 5.46 -3.19
C LYS B 28 21.56 6.77 -3.74
N GLN B 29 21.07 6.71 -4.97
CA GLN B 29 20.46 7.84 -5.62
C GLN B 29 18.95 7.74 -5.44
N PHE B 30 18.32 8.89 -5.22
CA PHE B 30 16.87 9.02 -5.09
C PHE B 30 16.42 9.93 -6.22
N TYR B 31 15.48 9.47 -7.04
CA TYR B 31 15.04 10.28 -8.17
C TYR B 31 13.57 10.58 -8.06
N ASP B 32 13.21 11.85 -8.20
CA ASP B 32 11.78 12.22 -8.22
C ASP B 32 11.39 12.48 -9.67
N LYS B 33 10.49 11.67 -10.18
CA LYS B 33 10.09 11.76 -11.59
C LYS B 33 9.40 13.09 -11.99
N HIS B 34 8.65 13.70 -11.07
CA HIS B 34 7.98 14.95 -11.40
C HIS B 34 8.94 16.10 -11.45
N LEU B 35 9.88 16.12 -10.53
CA LEU B 35 10.88 17.16 -10.47
C LEU B 35 12.08 16.88 -11.37
N SER B 36 12.20 15.64 -11.86
CA SER B 36 13.39 15.18 -12.61
C SER B 36 14.64 15.51 -11.82
N GLN B 37 14.59 15.25 -10.52
CA GLN B 37 15.65 15.65 -9.62
C GLN B 37 16.26 14.46 -8.92
N ALA B 38 17.59 14.49 -8.81
CA ALA B 38 18.36 13.45 -8.15
C ALA B 38 19.02 13.95 -6.87
N SER B 39 18.73 13.26 -5.78
CA SER B 39 19.38 13.49 -4.51
C SER B 39 20.10 12.18 -4.18
N TYR B 40 20.99 12.22 -3.18
CA TYR B 40 21.79 11.05 -2.86
C TYR B 40 21.97 10.92 -1.37
N LEU B 41 22.13 9.67 -0.95
CA LEU B 41 22.48 9.35 0.42
C LEU B 41 23.82 8.61 0.37
N ILE B 42 24.79 9.09 1.11
CA ILE B 42 26.07 8.37 1.24
C ILE B 42 26.23 8.07 2.72
N GLY B 43 26.84 6.95 3.01
CA GLY B 43 26.99 6.52 4.37
C GLY B 43 28.28 5.84 4.65
N CYS B 44 28.84 6.15 5.82
CA CYS B 44 30.08 5.56 6.24
C CYS B 44 29.85 4.29 7.04
N GLN B 45 30.57 3.34 6.46
N GLN B 45 30.21 3.13 6.52
CA GLN B 45 30.80 1.96 6.81
CA GLN B 45 29.92 1.91 7.31
C GLN B 45 31.25 1.78 8.27
C GLN B 45 30.68 1.86 8.65
N LYS B 46 32.30 2.52 8.61
N LYS B 46 31.93 2.31 8.63
CA LYS B 46 32.95 2.44 9.93
CA LYS B 46 32.76 2.35 9.85
C LYS B 46 32.17 3.09 11.05
C LYS B 46 32.06 3.05 11.01
N THR B 47 31.70 4.31 10.83
CA THR B 47 31.03 5.10 11.87
C THR B 47 29.50 5.15 11.86
N GLY B 48 28.87 4.72 10.78
CA GLY B 48 27.42 4.81 10.67
C GLY B 48 26.89 6.19 10.24
N GLU B 49 27.79 7.15 10.08
CA GLU B 49 27.37 8.51 9.70
C GLU B 49 26.93 8.55 8.24
N ALA B 50 25.96 9.37 7.94
CA ALA B 50 25.43 9.49 6.60
C ALA B 50 25.01 10.90 6.25
N MET B 51 25.06 11.19 4.95
CA MET B 51 24.74 12.50 4.42
C MET B 51 23.79 12.45 3.24
N ILE B 52 22.81 13.35 3.25
CA ILE B 52 21.93 13.51 2.14
C ILE B 52 22.48 14.67 1.32
N ILE B 53 22.63 14.46 0.01
CA ILE B 53 23.02 15.53 -0.92
C ILE B 53 21.79 15.98 -1.70
N ASP B 54 21.55 17.29 -1.71
CA ASP B 54 20.39 17.92 -2.38
C ASP B 54 19.04 17.35 -1.92
N PRO B 55 18.79 17.37 -0.61
CA PRO B 55 17.54 16.80 -0.14
C PRO B 55 16.28 17.52 -0.55
N ILE B 56 15.23 16.75 -0.76
CA ILE B 56 13.90 17.29 -0.98
C ILE B 56 13.30 17.56 0.44
N ARG B 57 12.12 18.16 0.50
CA ARG B 57 11.49 18.52 1.77
C ARG B 57 10.99 17.33 2.61
N ASP B 58 10.56 16.27 1.94
CA ASP B 58 10.07 15.04 2.58
C ASP B 58 11.29 14.16 2.77
N LEU B 59 11.67 13.92 4.03
CA LEU B 59 12.91 13.18 4.30
C LEU B 59 12.71 11.68 4.47
N SER B 60 11.46 11.24 4.44
CA SER B 60 11.12 9.84 4.72
C SER B 60 11.88 8.75 3.93
N SER B 61 12.12 8.94 2.63
CA SER B 61 12.83 7.89 1.87
C SER B 61 14.26 7.74 2.33
N TYR B 62 14.93 8.87 2.53
CA TYR B 62 16.32 8.83 3.00
C TYR B 62 16.37 8.14 4.37
N ILE B 63 15.42 8.49 5.21
CA ILE B 63 15.36 7.95 6.54
C ILE B 63 15.17 6.43 6.54
N ARG B 64 14.23 5.94 5.74
N ARG B 64 14.22 5.94 5.74
CA ARG B 64 13.93 4.50 5.70
CA ARG B 64 13.92 4.51 5.66
C ARG B 64 15.13 3.72 5.18
C ARG B 64 15.14 3.73 5.19
N VAL B 65 15.79 4.25 4.16
CA VAL B 65 16.99 3.61 3.60
C VAL B 65 18.10 3.61 4.67
N ALA B 66 18.31 4.74 5.35
CA ALA B 66 19.36 4.81 6.38
C ALA B 66 19.07 3.77 7.48
N ASP B 67 17.81 3.70 7.91
CA ASP B 67 17.39 2.69 8.89
C ASP B 67 17.75 1.27 8.44
N GLU B 68 17.41 0.93 7.21
N GLU B 68 17.42 0.94 7.21
CA GLU B 68 17.67 -0.41 6.66
CA GLU B 68 17.67 -0.41 6.68
C GLU B 68 19.16 -0.74 6.58
C GLU B 68 19.17 -0.74 6.63
N GLU B 69 20.01 0.27 6.45
CA GLU B 69 21.47 0.08 6.38
C GLU B 69 22.19 0.24 7.71
N GLY B 70 21.46 0.55 8.77
CA GLY B 70 22.07 0.78 10.08
C GLY B 70 22.80 2.11 10.15
N LEU B 71 22.44 3.04 9.27
CA LEU B 71 23.08 4.35 9.21
C LEU B 71 22.26 5.42 9.94
N THR B 72 22.93 6.47 10.40
CA THR B 72 22.27 7.60 11.03
C THR B 72 22.54 8.86 10.20
N ILE B 73 21.48 9.52 9.78
CA ILE B 73 21.63 10.76 9.00
C ILE B 73 22.10 11.86 9.92
N THR B 74 23.34 12.27 9.72
CA THR B 74 24.00 13.28 10.56
C THR B 74 24.46 14.52 9.79
N HIS B 75 24.35 14.46 8.47
CA HIS B 75 24.82 15.50 7.59
C HIS B 75 23.90 15.70 6.40
N ALA B 76 23.89 16.91 5.88
CA ALA B 76 23.24 17.18 4.60
C ALA B 76 24.00 18.29 3.91
N ALA B 77 24.04 18.22 2.58
CA ALA B 77 24.70 19.23 1.77
C ALA B 77 23.88 19.50 0.53
N GLU B 78 24.12 20.67 -0.04
CA GLU B 78 23.38 21.17 -1.15
C GLU B 78 24.33 21.82 -2.16
N THR B 79 24.10 21.55 -3.43
CA THR B 79 24.98 22.04 -4.46
C THR B 79 24.79 23.51 -4.79
N HIS B 80 23.57 24.02 -4.66
CA HIS B 80 23.31 25.41 -4.97
C HIS B 80 21.90 25.77 -4.59
N ILE B 81 21.55 27.03 -4.77
CA ILE B 81 20.22 27.54 -4.49
C ILE B 81 19.33 27.16 -5.67
N HIS B 82 18.47 26.17 -5.43
CA HIS B 82 17.64 25.59 -6.48
C HIS B 82 16.52 26.49 -6.94
N ALA B 83 16.27 26.41 -8.23
CA ALA B 83 15.21 27.17 -8.87
C ALA B 83 14.01 26.33 -9.21
N ASP B 84 14.14 24.99 -9.11
CA ASP B 84 13.09 24.08 -9.59
C ASP B 84 12.49 23.12 -8.57
N PHE B 85 12.90 23.20 -7.31
CA PHE B 85 12.25 22.41 -6.26
C PHE B 85 12.60 23.08 -4.95
N ALA B 86 11.88 22.74 -3.89
CA ALA B 86 12.10 23.33 -2.58
C ALA B 86 13.06 22.44 -1.79
N SER B 87 14.18 23.00 -1.38
CA SER B 87 15.18 22.25 -0.63
C SER B 87 14.69 21.83 0.74
N GLY B 88 15.09 20.65 1.18
CA GLY B 88 14.78 20.18 2.53
C GLY B 88 15.96 20.35 3.47
N ILE B 89 16.98 21.11 3.08
CA ILE B 89 18.19 21.18 3.91
C ILE B 89 18.00 21.80 5.30
N ARG B 90 17.17 22.83 5.39
N ARG B 90 17.17 22.82 5.40
CA ARG B 90 16.87 23.45 6.67
CA ARG B 90 16.87 23.44 6.68
C ARG B 90 16.05 22.47 7.52
C ARG B 90 16.07 22.44 7.53
N ASP B 91 15.19 21.69 6.88
CA ASP B 91 14.41 20.67 7.55
C ASP B 91 15.34 19.60 8.13
N VAL B 92 16.39 19.25 7.38
CA VAL B 92 17.36 18.26 7.88
C VAL B 92 18.03 18.79 9.14
N ALA B 93 18.46 20.04 9.13
CA ALA B 93 19.14 20.61 10.29
C ALA B 93 18.20 20.69 11.51
N ILE B 94 16.97 21.12 11.28
CA ILE B 94 16.03 21.33 12.38
C ILE B 94 15.42 20.02 12.90
N LYS B 95 14.92 19.19 12.00
CA LYS B 95 14.25 17.98 12.46
C LYS B 95 15.22 16.89 12.88
N LEU B 96 16.38 16.82 12.24
CA LEU B 96 17.34 15.75 12.57
C LEU B 96 18.58 16.21 13.35
N ASN B 97 18.69 17.51 13.65
N ASN B 97 18.66 17.50 13.66
CA ASN B 97 19.82 18.06 14.39
CA ASN B 97 19.82 18.07 14.36
C ASN B 97 21.13 17.71 13.69
C ASN B 97 21.11 17.66 13.69
N ALA B 98 21.12 17.77 12.37
CA ALA B 98 22.25 17.41 11.55
C ALA B 98 23.09 18.63 11.25
N ASN B 99 24.34 18.39 10.89
CA ASN B 99 25.21 19.46 10.43
C ASN B 99 24.90 19.61 8.96
N ILE B 100 24.71 20.84 8.48
CA ILE B 100 24.43 21.06 7.07
C ILE B 100 25.51 21.93 6.45
N TYR B 101 25.75 21.72 5.15
CA TYR B 101 26.79 22.40 4.40
C TYR B 101 26.23 23.02 3.14
N VAL B 102 26.41 24.33 3.01
CA VAL B 102 25.94 25.05 1.85
C VAL B 102 27.05 25.97 1.40
N SER B 103 26.92 26.41 0.16
CA SER B 103 27.92 27.25 -0.43
C SER B 103 27.97 28.63 0.22
N GLY B 104 29.19 29.05 0.52
CA GLY B 104 29.47 30.38 1.04
C GLY B 104 30.08 31.22 -0.08
N GLU B 105 30.11 30.67 -1.30
CA GLU B 105 30.70 31.35 -2.48
C GLU B 105 29.69 32.26 -3.17
N SER B 106 29.21 33.25 -2.44
CA SER B 106 28.21 34.16 -2.97
C SER B 106 28.50 35.56 -2.49
N ASP B 107 27.81 36.53 -3.08
CA ASP B 107 27.92 37.91 -2.65
C ASP B 107 26.95 38.09 -1.47
N ASP B 108 26.90 39.31 -0.93
CA ASP B 108 26.06 39.62 0.25
C ASP B 108 24.56 39.71 0.01
N THR B 109 24.13 39.75 -1.25
N THR B 109 24.13 39.74 -1.25
CA THR B 109 22.73 39.88 -1.59
CA THR B 109 22.70 39.86 -1.56
C THR B 109 22.06 38.54 -1.95
C THR B 109 22.05 38.53 -1.95
N LEU B 110 22.74 37.74 -2.77
CA LEU B 110 22.18 36.48 -3.26
C LEU B 110 22.58 35.20 -2.51
N GLY B 111 23.29 35.33 -1.40
CA GLY B 111 23.69 34.16 -0.61
C GLY B 111 22.58 33.70 0.34
N TYR B 112 22.77 32.53 0.94
CA TYR B 112 21.79 31.96 1.88
C TYR B 112 21.50 32.89 3.05
N LYS B 113 20.24 32.96 3.46
CA LYS B 113 19.84 33.79 4.59
C LYS B 113 19.04 32.94 5.60
N ASN B 114 18.93 33.46 6.83
CA ASN B 114 18.16 32.83 7.90
C ASN B 114 18.53 31.35 8.09
N MET B 115 19.80 31.02 8.01
CA MET B 115 20.19 29.62 8.13
C MET B 115 20.18 29.19 9.58
N PRO B 116 19.82 27.92 9.85
CA PRO B 116 19.76 27.43 11.22
C PRO B 116 21.13 27.25 11.81
N ASN B 117 21.17 26.79 13.07
N ASN B 117 21.16 27.27 13.14
CA ASN B 117 22.42 26.41 13.71
CA ASN B 117 22.39 27.26 13.98
C ASN B 117 22.88 25.08 13.13
C ASN B 117 23.60 26.52 13.43
N HIS B 118 24.19 24.85 13.16
N HIS B 118 23.42 25.23 13.18
CA HIS B 118 24.77 23.65 12.58
CA HIS B 118 24.52 24.39 12.72
C HIS B 118 25.02 23.85 11.09
C HIS B 118 24.70 24.37 11.19
N THR B 119 24.89 25.11 10.61
N THR B 119 24.88 25.56 10.60
CA THR B 119 25.12 25.43 9.20
CA THR B 119 25.10 25.67 9.15
C THR B 119 26.56 25.86 8.95
C THR B 119 26.57 25.97 8.89
N HIS B 120 27.19 25.19 8.00
CA HIS B 120 28.56 25.43 7.64
C HIS B 120 28.57 25.98 6.23
N PHE B 121 29.15 27.17 6.06
CA PHE B 121 29.28 27.78 4.75
C PHE B 121 30.63 27.33 4.18
N VAL B 122 30.60 26.53 3.13
CA VAL B 122 31.82 25.98 2.54
C VAL B 122 32.30 26.78 1.35
N GLN B 123 33.60 26.70 1.13
CA GLN B 123 34.25 27.39 0.06
C GLN B 123 35.10 26.42 -0.71
N HIS B 124 35.55 26.87 -1.87
CA HIS B 124 36.39 26.11 -2.74
C HIS B 124 37.56 25.46 -1.99
N ASN B 125 37.78 24.17 -2.28
N ASN B 125 37.78 24.17 -2.27
CA ASN B 125 38.85 23.36 -1.68
CA ASN B 125 38.86 23.37 -1.68
C ASN B 125 38.68 22.97 -0.21
C ASN B 125 38.64 22.90 -0.25
N ASP B 126 37.54 23.29 0.40
CA ASP B 126 37.27 22.84 1.77
C ASP B 126 36.96 21.34 1.68
N ASP B 127 37.30 20.63 2.75
CA ASP B 127 37.02 19.20 2.85
C ASP B 127 35.92 18.96 3.87
N ILE B 128 35.01 18.05 3.55
CA ILE B 128 33.94 17.67 4.47
C ILE B 128 34.07 16.18 4.68
N TYR B 129 34.03 15.74 5.94
CA TYR B 129 34.10 14.32 6.25
C TYR B 129 32.75 13.80 6.77
N VAL B 130 32.33 12.67 6.21
CA VAL B 130 31.11 11.99 6.61
C VAL B 130 31.69 10.66 7.08
N GLY B 131 31.97 10.58 8.38
CA GLY B 131 32.70 9.44 8.91
C GLY B 131 34.07 9.50 8.24
N ASN B 132 34.47 8.43 7.56
CA ASN B 132 35.76 8.40 6.85
C ASN B 132 35.65 8.82 5.39
N ILE B 133 34.43 9.04 4.91
CA ILE B 133 34.23 9.50 3.54
C ILE B 133 34.68 10.96 3.46
N LYS B 134 35.48 11.27 2.45
CA LYS B 134 35.93 12.63 2.24
C LYS B 134 35.27 13.24 1.03
N LEU B 135 34.73 14.45 1.18
CA LEU B 135 34.18 15.21 0.09
C LEU B 135 35.01 16.50 -0.07
N LYS B 136 35.54 16.78 -1.25
CA LYS B 136 36.24 18.04 -1.48
C LYS B 136 35.24 18.93 -2.16
N VAL B 137 35.14 20.17 -1.68
CA VAL B 137 34.22 21.14 -2.25
C VAL B 137 34.90 21.84 -3.40
N LEU B 138 34.29 21.81 -4.58
CA LEU B 138 34.80 22.51 -5.74
C LEU B 138 33.83 23.59 -6.13
N HIS B 139 34.28 24.84 -6.19
CA HIS B 139 33.41 25.93 -6.59
C HIS B 139 33.31 25.80 -8.10
N THR B 140 32.09 25.64 -8.61
CA THR B 140 31.87 25.43 -10.03
C THR B 140 30.75 26.35 -10.50
N PRO B 141 31.00 27.67 -10.52
CA PRO B 141 29.95 28.59 -10.92
C PRO B 141 29.60 28.51 -12.41
N GLY B 142 28.43 29.04 -12.76
CA GLY B 142 27.98 29.08 -14.14
C GLY B 142 26.47 29.00 -14.13
N HIS B 143 25.97 27.88 -13.63
CA HIS B 143 24.53 27.71 -13.48
C HIS B 143 24.02 28.77 -12.50
N THR B 144 24.71 28.90 -11.37
CA THR B 144 24.44 29.96 -10.41
C THR B 144 25.84 30.39 -9.93
N PRO B 145 25.95 31.60 -9.37
CA PRO B 145 27.28 32.04 -8.94
C PRO B 145 27.84 31.27 -7.76
N GLU B 146 26.97 30.67 -6.93
CA GLU B 146 27.44 29.98 -5.74
C GLU B 146 27.59 28.47 -5.91
N SER B 147 27.21 27.95 -7.08
CA SER B 147 27.23 26.51 -7.32
C SER B 147 28.51 25.84 -6.93
N ILE B 148 28.37 24.78 -6.15
CA ILE B 148 29.49 23.95 -5.77
C ILE B 148 29.21 22.53 -6.16
N SER B 149 30.28 21.78 -6.29
CA SER B 149 30.22 20.36 -6.63
C SER B 149 31.06 19.66 -5.58
N PHE B 150 30.74 18.40 -5.29
CA PHE B 150 31.41 17.65 -4.25
C PHE B 150 32.15 16.42 -4.79
N LEU B 151 33.46 16.41 -4.64
CA LEU B 151 34.34 15.33 -5.13
C LEU B 151 34.56 14.34 -4.01
N LEU B 152 34.07 13.11 -4.21
CA LEU B 152 34.11 12.06 -3.20
C LEU B 152 35.28 11.10 -3.34
N THR B 153 35.95 10.89 -2.20
CA THR B 153 37.02 9.91 -2.09
C THR B 153 36.65 8.97 -0.94
N ASP B 154 36.62 7.67 -1.23
CA ASP B 154 36.26 6.63 -0.26
C ASP B 154 37.51 6.27 0.58
N GLU B 155 37.93 7.20 1.44
CA GLU B 155 39.13 6.99 2.24
C GLU B 155 38.96 5.89 3.25
N GLY B 156 37.73 5.67 3.71
CA GLY B 156 37.45 4.58 4.65
C GLY B 156 37.87 3.24 4.06
N ALA B 157 37.89 3.11 2.72
CA ALA B 157 38.31 1.86 2.08
C ALA B 157 39.77 1.91 1.61
N GLY B 158 40.51 2.92 2.06
CA GLY B 158 41.91 3.10 1.66
C GLY B 158 42.11 3.70 0.27
N ALA B 159 41.04 4.19 -0.37
CA ALA B 159 41.18 4.78 -1.71
C ALA B 159 41.97 6.08 -1.67
N GLN B 160 42.92 6.19 -2.58
CA GLN B 160 43.75 7.37 -2.65
C GLN B 160 43.41 8.22 -3.88
N VAL B 161 42.35 7.83 -4.58
CA VAL B 161 41.87 8.54 -5.77
C VAL B 161 40.37 8.77 -5.62
N PRO B 162 39.85 9.84 -6.26
CA PRO B 162 38.44 10.15 -6.17
C PRO B 162 37.58 9.15 -6.96
N MET B 163 36.34 8.98 -6.50
CA MET B 163 35.40 8.05 -7.10
C MET B 163 34.42 8.78 -7.99
N GLY B 164 33.91 9.91 -7.53
CA GLY B 164 32.91 10.62 -8.29
C GLY B 164 32.62 12.02 -7.83
N LEU B 165 31.90 12.74 -8.68
CA LEU B 165 31.55 14.12 -8.47
C LEU B 165 30.06 14.36 -8.44
N PHE B 166 29.57 14.84 -7.32
CA PHE B 166 28.18 15.27 -7.22
C PHE B 166 28.18 16.64 -7.90
N SER B 167 27.66 16.69 -9.13
CA SER B 167 27.76 17.88 -9.95
C SER B 167 26.59 18.88 -9.92
N GLY B 168 25.53 18.60 -9.16
CA GLY B 168 24.41 19.52 -9.11
C GLY B 168 23.90 19.80 -10.52
N ASP B 169 23.72 21.08 -10.86
CA ASP B 169 23.28 21.47 -12.19
C ASP B 169 24.41 22.05 -13.03
N PHE B 170 25.64 21.72 -12.63
CA PHE B 170 26.83 22.14 -13.37
C PHE B 170 26.98 21.22 -14.58
N ILE B 171 27.17 19.93 -14.32
CA ILE B 171 27.29 18.93 -15.39
C ILE B 171 26.17 17.91 -15.31
N PHE B 172 25.47 17.73 -16.42
CA PHE B 172 24.43 16.71 -16.54
C PHE B 172 24.93 15.61 -17.47
N VAL B 173 24.16 14.54 -17.59
CA VAL B 173 24.50 13.49 -18.55
C VAL B 173 24.13 14.00 -19.95
N GLY B 174 25.13 14.25 -20.77
CA GLY B 174 24.94 14.74 -22.14
C GLY B 174 24.75 16.27 -22.30
N ASP B 175 24.80 17.02 -21.21
CA ASP B 175 24.64 18.48 -21.29
C ASP B 175 25.17 19.15 -20.01
N ILE B 176 24.96 20.47 -19.89
CA ILE B 176 25.39 21.25 -18.75
C ILE B 176 24.29 22.26 -18.43
N GLY B 177 24.36 22.81 -17.22
CA GLY B 177 23.34 23.72 -16.79
C GLY B 177 23.39 25.05 -17.53
N ARG B 178 22.27 25.74 -17.58
CA ARG B 178 22.21 27.08 -18.16
C ARG B 178 22.26 28.07 -17.02
N PRO B 179 22.81 29.27 -17.28
CA PRO B 179 22.82 30.28 -16.21
C PRO B 179 21.38 30.72 -15.92
N ASP B 180 20.87 30.55 -14.71
CA ASP B 180 19.47 30.98 -14.43
C ASP B 180 19.34 32.51 -14.16
N LEU B 181 18.12 33.03 -14.28
CA LEU B 181 17.84 34.48 -14.12
C LEU B 181 18.15 35.03 -12.73
N SER B 192 23.19 36.99 -18.85
CA SER B 192 23.45 35.56 -18.90
C SER B 192 24.89 35.28 -19.29
N GLU B 193 25.52 36.23 -20.00
CA GLU B 193 26.90 36.10 -20.45
C GLU B 193 27.85 35.93 -19.26
N ILE B 194 27.61 36.66 -18.19
CA ILE B 194 28.46 36.54 -16.99
C ILE B 194 28.48 35.09 -16.48
N GLY B 195 27.30 34.48 -16.34
CA GLY B 195 27.21 33.09 -15.93
C GLY B 195 27.83 32.16 -16.97
N ALA B 196 27.55 32.41 -18.23
CA ALA B 196 28.09 31.57 -19.31
C ALA B 196 29.61 31.57 -19.25
N LYS B 197 30.21 32.74 -19.04
CA LYS B 197 31.68 32.83 -18.95
C LYS B 197 32.20 32.06 -17.74
N GLN B 198 31.47 32.10 -16.63
N GLN B 198 31.50 32.11 -16.61
CA GLN B 198 31.83 31.36 -15.41
CA GLN B 198 31.93 31.35 -15.44
C GLN B 198 31.77 29.87 -15.71
C GLN B 198 31.79 29.85 -15.72
N MET B 199 30.72 29.47 -16.44
CA MET B 199 30.51 28.06 -16.79
C MET B 199 31.66 27.53 -17.64
N PHE B 200 32.08 28.31 -18.65
CA PHE B 200 33.19 27.95 -19.53
C PHE B 200 34.47 27.64 -18.73
N LYS B 201 34.78 28.52 -17.78
CA LYS B 201 35.93 28.35 -16.91
C LYS B 201 35.80 27.14 -15.99
N SER B 202 34.59 26.91 -15.46
CA SER B 202 34.37 25.77 -14.58
C SER B 202 34.57 24.49 -15.37
N ILE B 203 34.06 24.45 -16.60
CA ILE B 203 34.22 23.29 -17.45
C ILE B 203 35.71 23.05 -17.71
N GLU B 204 36.46 24.10 -18.03
N GLU B 204 36.44 24.14 -18.00
CA GLU B 204 37.90 23.92 -18.28
CA GLU B 204 37.88 24.09 -18.24
C GLU B 204 38.64 23.34 -17.05
C GLU B 204 38.63 23.42 -17.08
N SER B 205 38.32 23.82 -15.85
CA SER B 205 39.03 23.30 -14.69
C SER B 205 38.60 21.87 -14.28
N ILE B 206 37.36 21.49 -14.56
CA ILE B 206 36.87 20.18 -14.14
C ILE B 206 37.49 19.10 -15.03
N LYS B 207 37.94 19.49 -16.22
CA LYS B 207 38.62 18.57 -17.14
C LYS B 207 39.88 17.95 -16.53
N ASP B 208 40.47 18.62 -15.53
CA ASP B 208 41.68 18.10 -14.84
C ASP B 208 41.44 16.87 -13.96
N LEU B 209 40.18 16.61 -13.57
CA LEU B 209 39.87 15.47 -12.72
C LEU B 209 40.06 14.16 -13.52
N PRO B 210 40.32 13.05 -12.83
CA PRO B 210 40.54 11.80 -13.57
C PRO B 210 39.31 11.40 -14.41
N ASP B 211 39.56 10.93 -15.61
CA ASP B 211 38.48 10.58 -16.53
C ASP B 211 37.61 9.43 -16.07
N TYR B 212 38.09 8.63 -15.11
CA TYR B 212 37.32 7.47 -14.65
C TYR B 212 36.33 7.81 -13.52
N ILE B 213 36.28 9.08 -13.10
CA ILE B 213 35.36 9.42 -12.02
C ILE B 213 33.94 9.39 -12.54
N GLN B 214 33.00 9.05 -11.67
CA GLN B 214 31.61 9.08 -12.02
C GLN B 214 31.09 10.52 -11.87
N ILE B 215 30.02 10.82 -12.61
CA ILE B 215 29.35 12.10 -12.55
C ILE B 215 27.94 11.80 -12.02
N TRP B 216 27.63 12.37 -10.86
CA TRP B 216 26.36 12.18 -10.19
C TRP B 216 25.62 13.51 -10.20
N PRO B 217 24.80 13.72 -11.23
CA PRO B 217 24.13 15.00 -11.45
C PRO B 217 22.95 15.25 -10.55
N GLY B 218 22.49 16.50 -10.51
CA GLY B 218 21.37 16.91 -9.67
C GLY B 218 20.03 16.80 -10.35
N HIS B 219 20.04 16.72 -11.68
CA HIS B 219 18.83 16.62 -12.47
C HIS B 219 19.07 15.72 -13.63
N GLY B 220 17.98 15.13 -14.13
CA GLY B 220 18.05 14.22 -15.27
C GLY B 220 16.93 14.45 -16.29
N ALA B 221 16.64 13.41 -17.06
CA ALA B 221 15.62 13.45 -18.13
C ALA B 221 14.24 13.97 -17.67
N GLY B 222 13.72 14.96 -18.39
CA GLY B 222 12.42 15.58 -18.11
C GLY B 222 12.56 16.99 -17.53
N SER B 223 13.79 17.35 -17.14
CA SER B 223 14.09 18.63 -16.50
C SER B 223 14.08 19.80 -17.49
N SER B 228 18.63 16.88 -24.58
CA SER B 228 18.53 17.57 -23.29
C SER B 228 19.26 16.78 -22.19
N LEU B 229 18.55 16.20 -21.20
CA LEU B 229 19.22 15.44 -20.11
C LEU B 229 19.00 13.93 -20.19
N GLY B 230 20.05 13.19 -19.84
CA GLY B 230 20.03 11.73 -19.91
C GLY B 230 19.16 11.05 -18.88
N ALA B 231 18.56 9.92 -19.29
CA ALA B 231 17.75 9.09 -18.39
C ALA B 231 18.70 8.30 -17.48
N ILE B 232 19.86 7.90 -18.03
CA ILE B 232 20.84 7.16 -17.25
C ILE B 232 21.20 8.06 -16.07
N PRO B 233 21.13 7.50 -14.86
CA PRO B 233 21.29 8.32 -13.66
C PRO B 233 22.70 8.77 -13.36
N THR B 234 23.67 8.26 -14.10
CA THR B 234 25.05 8.61 -13.85
C THR B 234 25.88 8.48 -15.12
N SER B 235 26.99 9.18 -15.16
CA SER B 235 27.91 9.05 -16.25
C SER B 235 29.31 9.08 -15.70
N THR B 236 30.28 9.33 -16.57
CA THR B 236 31.67 9.41 -16.18
C THR B 236 32.27 10.59 -16.91
N LEU B 237 33.34 11.14 -16.33
CA LEU B 237 33.97 12.32 -16.91
C LEU B 237 34.47 12.01 -18.29
N GLY B 238 35.17 10.88 -18.45
CA GLY B 238 35.69 10.49 -19.76
C GLY B 238 34.58 10.30 -20.78
N TYR B 239 33.45 9.72 -20.37
CA TYR B 239 32.37 9.53 -21.34
C TYR B 239 31.78 10.89 -21.76
N GLU B 240 31.66 11.80 -20.81
CA GLU B 240 31.14 13.13 -21.12
C GLU B 240 32.10 13.89 -22.04
N LYS B 241 33.40 13.69 -21.85
CA LYS B 241 34.38 14.35 -22.74
C LYS B 241 34.18 13.86 -24.17
N GLN B 242 33.73 12.63 -24.35
CA GLN B 242 33.49 12.10 -25.68
C GLN B 242 32.14 12.51 -26.25
N THR B 243 31.11 12.66 -25.42
CA THR B 243 29.76 12.87 -25.96
C THR B 243 29.02 14.15 -25.53
N ASN B 244 29.53 14.86 -24.55
CA ASN B 244 28.87 16.07 -24.05
C ASN B 244 29.48 17.24 -24.80
N TRP B 245 28.64 17.98 -25.55
CA TRP B 245 29.09 19.09 -26.42
C TRP B 245 29.96 20.11 -25.67
N ALA B 246 29.58 20.40 -24.42
CA ALA B 246 30.29 21.40 -23.62
C ALA B 246 31.76 21.09 -23.39
N PHE B 247 32.12 19.81 -23.43
CA PHE B 247 33.52 19.42 -23.21
C PHE B 247 34.39 19.48 -24.45
N SER B 248 33.77 19.58 -25.62
CA SER B 248 34.53 19.67 -26.87
C SER B 248 34.55 21.04 -27.49
N GLU B 249 33.75 21.98 -26.98
CA GLU B 249 33.71 23.33 -27.56
C GLU B 249 34.67 24.26 -26.84
N ASN B 250 35.77 24.60 -27.50
CA ASN B 250 36.79 25.44 -26.89
C ASN B 250 36.82 26.89 -27.34
N ASN B 251 35.90 27.27 -28.23
CA ASN B 251 35.82 28.66 -28.61
C ASN B 251 34.84 29.28 -27.64
N GLU B 252 35.34 30.15 -26.78
CA GLU B 252 34.52 30.76 -25.75
C GLU B 252 33.26 31.40 -26.33
N ALA B 253 33.40 32.18 -27.39
CA ALA B 253 32.26 32.88 -27.96
C ALA B 253 31.22 31.90 -28.48
N THR B 254 31.68 30.83 -29.11
CA THR B 254 30.79 29.80 -29.64
C THR B 254 30.10 29.09 -28.48
N PHE B 255 30.88 28.81 -27.43
CA PHE B 255 30.37 28.19 -26.22
C PHE B 255 29.25 29.04 -25.61
N ILE B 256 29.53 30.32 -25.39
CA ILE B 256 28.56 31.24 -24.80
C ILE B 256 27.28 31.31 -25.64
N ASP B 257 27.45 31.51 -26.95
CA ASP B 257 26.33 31.59 -27.87
C ASP B 257 25.48 30.32 -27.79
N LYS B 258 26.10 29.14 -27.89
CA LYS B 258 25.31 27.91 -27.83
C LYS B 258 24.66 27.71 -26.44
N LEU B 259 25.35 28.08 -25.36
CA LEU B 259 24.79 27.92 -24.02
C LEU B 259 23.53 28.76 -23.82
N ILE B 260 23.61 30.04 -24.19
CA ILE B 260 22.50 30.98 -24.01
C ILE B 260 21.43 30.99 -25.11
N SER B 261 21.82 30.69 -26.34
CA SER B 261 20.89 30.78 -27.47
C SER B 261 19.69 29.85 -27.42
N ASP B 262 18.53 30.43 -27.72
CA ASP B 262 17.28 29.70 -27.81
C ASP B 262 16.97 28.82 -26.60
N GLN B 263 17.22 29.33 -25.40
CA GLN B 263 16.89 28.58 -24.20
C GLN B 263 15.52 29.09 -23.77
N PRO B 264 14.59 28.16 -23.55
CA PRO B 264 13.23 28.59 -23.24
C PRO B 264 13.16 29.50 -22.03
N ALA B 265 12.14 30.35 -21.99
CA ALA B 265 11.92 31.22 -20.85
C ALA B 265 11.52 30.30 -19.69
N PRO B 266 12.02 30.59 -18.48
CA PRO B 266 11.72 29.72 -17.34
C PRO B 266 10.26 29.78 -16.92
N PRO B 267 9.73 28.67 -16.40
CA PRO B 267 8.35 28.72 -15.89
C PRO B 267 8.29 29.74 -14.76
N HIS B 268 7.08 30.24 -14.49
CA HIS B 268 6.92 31.27 -13.46
C HIS B 268 7.27 30.87 -12.02
N HIS B 269 7.17 29.59 -11.67
CA HIS B 269 7.47 29.19 -10.28
C HIS B 269 8.96 29.26 -9.91
N PHE B 270 9.85 29.40 -10.89
CA PHE B 270 11.30 29.45 -10.61
C PHE B 270 11.74 30.60 -9.69
N ALA B 271 11.25 31.81 -9.92
CA ALA B 271 11.63 32.93 -9.05
C ALA B 271 11.21 32.67 -7.59
N GLN B 272 10.06 32.03 -7.40
CA GLN B 272 9.59 31.74 -6.06
C GLN B 272 10.47 30.70 -5.36
N MET B 273 10.88 29.68 -6.10
CA MET B 273 11.75 28.65 -5.58
C MET B 273 13.06 29.23 -5.13
N LYS B 274 13.63 30.12 -5.94
CA LYS B 274 14.90 30.74 -5.58
C LYS B 274 14.74 31.46 -4.25
N LYS B 275 13.61 32.14 -4.07
CA LYS B 275 13.36 32.86 -2.83
C LYS B 275 13.24 31.89 -1.65
N ILE B 276 12.36 30.90 -1.75
N ILE B 276 12.35 30.91 -1.79
CA ILE B 276 12.17 29.99 -0.61
CA ILE B 276 12.13 29.91 -0.76
C ILE B 276 13.47 29.22 -0.29
C ILE B 276 13.45 29.26 -0.33
N ASN B 277 14.30 28.96 -1.29
CA ASN B 277 15.59 28.29 -1.03
C ASN B 277 16.67 29.22 -0.47
N GLN B 278 16.61 30.50 -0.83
CA GLN B 278 17.57 31.45 -0.28
C GLN B 278 17.17 31.88 1.15
N PHE B 279 15.87 32.07 1.40
CA PHE B 279 15.38 32.57 2.70
C PHE B 279 14.76 31.55 3.63
N GLY B 280 14.39 30.38 3.13
CA GLY B 280 13.75 29.35 3.93
C GLY B 280 12.24 29.48 3.94
N MET B 281 11.55 28.37 4.19
CA MET B 281 10.09 28.38 4.32
C MET B 281 9.75 27.49 5.50
N ASN B 282 8.46 27.35 5.81
CA ASN B 282 8.01 26.51 6.91
C ASN B 282 8.46 25.07 6.74
N LEU B 283 8.68 24.40 7.85
CA LEU B 283 9.03 23.00 7.81
C LEU B 283 7.96 22.23 7.05
N TYR B 284 8.38 21.16 6.40
CA TYR B 284 7.47 20.32 5.70
C TYR B 284 6.62 19.51 6.67
N GLN B 285 5.31 19.48 6.39
CA GLN B 285 4.37 18.62 7.09
C GLN B 285 3.25 18.27 6.11
N PRO B 286 2.81 17.00 6.11
CA PRO B 286 1.66 16.71 5.28
C PRO B 286 0.45 17.40 5.90
N TYR B 287 -0.61 17.57 5.10
CA TYR B 287 -1.81 18.20 5.57
C TYR B 287 -3.01 17.64 4.84
N THR B 288 -4.17 17.83 5.44
CA THR B 288 -5.42 17.31 4.90
C THR B 288 -5.97 18.13 3.75
N VAL B 289 -6.46 17.43 2.73
CA VAL B 289 -7.11 18.07 1.61
C VAL B 289 -8.45 17.40 1.50
N TYR B 290 -9.46 18.11 1.97
CA TYR B 290 -10.81 17.60 2.01
C TYR B 290 -11.68 18.26 0.94
N PRO B 291 -12.95 17.83 0.78
CA PRO B 291 -13.79 18.46 -0.25
C PRO B 291 -13.89 19.98 -0.10
N ALA B 292 -13.73 20.68 -1.21
CA ALA B 292 -13.69 22.15 -1.25
C ALA B 292 -14.96 22.81 -0.75
N THR B 293 -14.75 23.87 0.03
CA THR B 293 -15.79 24.66 0.64
C THR B 293 -16.13 25.90 -0.19
N ASN B 294 -15.22 26.28 -1.08
CA ASN B 294 -15.38 27.45 -1.93
C ASN B 294 -14.90 27.08 -3.32
N THR B 295 -15.77 27.22 -4.30
CA THR B 295 -15.42 26.89 -5.68
C THR B 295 -14.74 28.06 -6.44
N ASN B 296 -14.80 29.26 -5.88
N ASN B 296 -14.82 29.27 -5.90
CA ASN B 296 -14.21 30.43 -6.51
CA ASN B 296 -14.21 30.44 -6.52
C ASN B 296 -12.71 30.51 -6.25
C ASN B 296 -12.70 30.50 -6.25
N ARG B 297 -11.98 29.52 -6.76
CA ARG B 297 -10.52 29.46 -6.59
C ARG B 297 -9.92 28.91 -7.87
N LEU B 298 -8.67 29.26 -8.10
CA LEU B 298 -7.96 28.73 -9.24
C LEU B 298 -8.03 27.21 -9.05
N THR B 299 -8.52 26.49 -10.05
CA THR B 299 -8.75 25.06 -9.96
C THR B 299 -8.07 24.28 -11.08
N PHE B 300 -7.41 23.18 -10.71
CA PHE B 300 -6.73 22.34 -11.67
C PHE B 300 -7.31 20.94 -11.69
N ASP B 301 -7.61 20.45 -12.88
CA ASP B 301 -8.15 19.11 -13.07
C ASP B 301 -6.98 18.18 -13.41
N LEU B 302 -6.82 17.15 -12.58
CA LEU B 302 -5.70 16.21 -12.64
C LEU B 302 -5.91 15.00 -13.54
N ARG B 303 -7.06 14.89 -14.19
CA ARG B 303 -7.35 13.71 -15.00
C ARG B 303 -6.64 13.76 -16.35
N SER B 304 -6.70 12.64 -17.07
CA SER B 304 -6.08 12.55 -18.39
C SER B 304 -6.70 13.57 -19.36
N LYS B 305 -5.96 13.96 -20.38
CA LYS B 305 -6.49 14.89 -21.37
C LYS B 305 -7.74 14.29 -22.03
N GLU B 306 -7.72 12.97 -22.25
CA GLU B 306 -8.87 12.30 -22.85
C GLU B 306 -10.12 12.44 -21.97
N ALA B 307 -9.94 12.24 -20.67
CA ALA B 307 -11.06 12.35 -19.71
C ALA B 307 -11.57 13.79 -19.65
N TYR B 308 -10.67 14.75 -19.52
CA TYR B 308 -11.01 16.17 -19.44
C TYR B 308 -11.76 16.58 -20.70
N HIS B 309 -11.24 16.16 -21.86
CA HIS B 309 -11.87 16.45 -23.15
C HIS B 309 -13.27 15.83 -23.23
N GLY B 310 -13.44 14.65 -22.63
CA GLY B 310 -14.72 13.96 -22.65
C GLY B 310 -15.80 14.63 -21.81
N GLY B 311 -15.38 15.52 -20.91
CA GLY B 311 -16.31 16.24 -20.04
C GLY B 311 -15.59 16.91 -18.89
N HIS B 312 -15.84 18.21 -18.72
CA HIS B 312 -15.23 18.96 -17.62
C HIS B 312 -16.02 20.22 -17.25
N ILE B 313 -15.77 20.68 -16.02
CA ILE B 313 -16.38 21.89 -15.48
C ILE B 313 -15.64 23.09 -16.03
N GLU B 314 -16.37 24.18 -16.29
CA GLU B 314 -15.77 25.40 -16.87
C GLU B 314 -14.90 26.19 -15.89
N GLY B 315 -13.93 26.90 -16.45
CA GLY B 315 -12.98 27.69 -15.66
C GLY B 315 -11.82 26.88 -15.10
N THR B 316 -11.93 25.55 -15.11
CA THR B 316 -10.88 24.70 -14.59
C THR B 316 -9.80 24.46 -15.65
N ILE B 317 -8.56 24.29 -15.19
CA ILE B 317 -7.42 24.08 -16.06
C ILE B 317 -6.97 22.63 -15.95
N ASN B 318 -6.86 21.94 -17.08
CA ASN B 318 -6.40 20.56 -17.09
C ASN B 318 -4.87 20.47 -17.00
N ILE B 319 -4.39 19.87 -15.92
CA ILE B 319 -2.97 19.60 -15.72
C ILE B 319 -2.93 18.14 -15.28
N PRO B 320 -2.96 17.22 -16.24
CA PRO B 320 -2.92 15.81 -15.88
C PRO B 320 -1.77 15.50 -14.92
N TYR B 321 -2.04 14.65 -13.93
CA TYR B 321 -1.02 14.28 -12.99
C TYR B 321 -0.19 13.13 -13.57
N ASP B 322 0.64 13.46 -14.56
CA ASP B 322 1.56 12.51 -15.17
C ASP B 322 2.96 13.08 -14.93
N LYS B 323 3.98 12.59 -15.63
CA LYS B 323 5.34 13.05 -15.37
C LYS B 323 5.57 14.54 -15.71
N ASN B 324 4.68 15.14 -16.48
CA ASN B 324 4.78 16.58 -16.84
C ASN B 324 3.99 17.55 -15.95
N PHE B 325 3.42 17.03 -14.87
CA PHE B 325 2.59 17.83 -13.96
C PHE B 325 3.26 19.12 -13.49
N ILE B 326 4.44 19.01 -12.85
CA ILE B 326 5.15 20.18 -12.33
C ILE B 326 5.60 21.11 -13.43
N ASN B 327 6.11 20.53 -14.51
CA ASN B 327 6.55 21.29 -15.66
C ASN B 327 5.41 22.16 -16.20
N GLN B 328 4.21 21.61 -16.21
CA GLN B 328 3.02 22.33 -16.69
C GLN B 328 2.42 23.27 -15.65
N ILE B 329 2.27 22.80 -14.41
CA ILE B 329 1.58 23.61 -13.39
C ILE B 329 2.32 24.89 -12.95
N GLY B 330 3.64 24.91 -13.13
CA GLY B 330 4.42 26.09 -12.76
C GLY B 330 4.09 27.34 -13.54
N TRP B 331 3.52 27.17 -14.73
CA TRP B 331 3.12 28.29 -15.54
C TRP B 331 1.86 28.96 -15.03
N TYR B 332 1.07 28.28 -14.20
CA TYR B 332 -0.20 28.82 -13.70
C TYR B 332 -0.25 29.00 -12.18
N LEU B 333 0.70 28.41 -11.47
CA LEU B 333 0.67 28.43 -10.02
C LEU B 333 1.10 29.75 -9.40
N ASN B 334 0.21 30.36 -8.63
N ASN B 334 0.21 30.38 -8.64
CA ASN B 334 0.47 31.60 -7.92
CA ASN B 334 0.53 31.61 -7.94
C ASN B 334 0.69 31.20 -6.45
C ASN B 334 0.69 31.24 -6.46
N TYR B 335 1.90 31.40 -5.95
CA TYR B 335 2.23 31.05 -4.57
C TYR B 335 1.55 31.90 -3.50
N ASP B 336 0.88 32.96 -3.91
N ASP B 336 0.87 32.96 -3.92
CA ASP B 336 0.15 33.82 -2.99
CA ASP B 336 0.15 33.82 -3.00
C ASP B 336 -1.36 33.58 -3.08
C ASP B 336 -1.36 33.60 -3.13
N GLN B 337 -1.76 32.41 -3.57
CA GLN B 337 -3.17 32.06 -3.68
C GLN B 337 -3.41 30.59 -3.42
N GLU B 338 -4.59 30.31 -2.86
CA GLU B 338 -5.06 28.96 -2.60
C GLU B 338 -5.71 28.39 -3.83
N ILE B 339 -5.53 27.10 -4.06
CA ILE B 339 -6.13 26.44 -5.21
C ILE B 339 -6.92 25.21 -4.82
N ASN B 340 -7.85 24.81 -5.70
CA ASN B 340 -8.61 23.59 -5.56
C ASN B 340 -8.13 22.64 -6.64
N LEU B 341 -8.29 21.35 -6.41
CA LEU B 341 -7.91 20.35 -7.38
C LEU B 341 -9.16 19.55 -7.70
N ILE B 342 -9.24 19.03 -8.92
CA ILE B 342 -10.32 18.18 -9.34
C ILE B 342 -9.75 16.79 -9.58
N GLY B 343 -10.31 15.81 -8.88
CA GLY B 343 -9.90 14.42 -8.98
C GLY B 343 -10.43 13.67 -7.79
N ASP B 344 -10.19 12.36 -7.75
CA ASP B 344 -10.62 11.55 -6.62
C ASP B 344 -9.68 11.81 -5.45
N TYR B 345 -10.12 11.42 -4.26
CA TYR B 345 -9.37 11.67 -3.04
C TYR B 345 -7.90 11.25 -3.12
N HIS B 346 -7.67 10.06 -3.64
CA HIS B 346 -6.30 9.53 -3.71
C HIS B 346 -5.43 10.32 -4.68
N LEU B 347 -5.98 10.57 -5.87
CA LEU B 347 -5.27 11.33 -6.91
C LEU B 347 -4.91 12.70 -6.36
N VAL B 348 -5.86 13.34 -5.71
CA VAL B 348 -5.66 14.63 -5.08
C VAL B 348 -4.52 14.60 -4.03
N SER B 349 -4.46 13.55 -3.21
CA SER B 349 -3.42 13.47 -2.17
C SER B 349 -2.03 13.32 -2.79
N LYS B 350 -1.93 12.62 -3.94
CA LYS B 350 -0.63 12.46 -4.60
C LYS B 350 -0.16 13.79 -5.17
N ALA B 351 -1.06 14.47 -5.88
CA ALA B 351 -0.75 15.79 -6.44
C ALA B 351 -0.41 16.80 -5.34
N THR B 352 -1.14 16.73 -4.23
CA THR B 352 -0.89 17.61 -3.10
C THR B 352 0.55 17.45 -2.61
N HIS B 353 0.98 16.20 -2.45
CA HIS B 353 2.34 15.88 -2.01
C HIS B 353 3.36 16.42 -3.01
N THR B 354 3.17 16.11 -4.28
CA THR B 354 4.09 16.57 -5.30
C THR B 354 4.20 18.12 -5.28
N LEU B 355 3.09 18.81 -5.03
CA LEU B 355 3.13 20.27 -4.96
C LEU B 355 3.94 20.77 -3.76
N GLN B 356 3.92 20.03 -2.66
CA GLN B 356 4.74 20.41 -1.51
C GLN B 356 6.23 20.31 -1.85
N LEU B 357 6.60 19.44 -2.80
CA LEU B 357 8.00 19.30 -3.19
C LEU B 357 8.51 20.55 -3.94
N ILE B 358 7.59 21.37 -4.44
CA ILE B 358 7.97 22.66 -5.02
C ILE B 358 7.57 23.79 -4.08
N GLY B 359 7.50 23.45 -2.79
CA GLY B 359 7.21 24.41 -1.73
C GLY B 359 5.84 25.02 -1.68
N TYR B 360 4.84 24.38 -2.28
CA TYR B 360 3.46 24.87 -2.26
C TYR B 360 2.64 24.01 -1.31
N ASP B 361 2.20 24.61 -0.20
CA ASP B 361 1.49 23.94 0.89
C ASP B 361 0.07 24.47 1.04
N ASP B 362 -0.46 25.12 0.00
CA ASP B 362 -1.75 25.86 0.06
C ASP B 362 -3.00 25.35 -0.68
N ILE B 363 -3.08 24.06 -0.96
N ILE B 363 -3.08 24.05 -0.97
CA ILE B 363 -4.28 23.51 -1.59
CA ILE B 363 -4.27 23.49 -1.59
C ILE B 363 -5.38 23.62 -0.57
C ILE B 363 -5.38 23.64 -0.56
N ALA B 364 -6.48 24.28 -0.94
CA ALA B 364 -7.62 24.50 -0.03
C ALA B 364 -8.64 23.37 0.00
N GLY B 365 -8.69 22.55 -1.06
CA GLY B 365 -9.62 21.42 -1.09
C GLY B 365 -9.72 20.81 -2.47
N TYR B 366 -10.71 19.93 -2.67
CA TYR B 366 -10.88 19.30 -3.96
C TYR B 366 -12.34 19.06 -4.29
N GLN B 367 -12.60 18.70 -5.53
CA GLN B 367 -13.93 18.36 -6.03
C GLN B 367 -13.82 17.20 -6.98
N LEU B 368 -14.81 16.33 -6.97
CA LEU B 368 -14.82 15.22 -7.88
C LEU B 368 -15.19 15.74 -9.28
N PRO B 369 -14.75 15.03 -10.32
CA PRO B 369 -15.18 15.42 -11.66
C PRO B 369 -16.63 15.00 -11.87
N GLN B 370 -17.40 15.82 -12.58
CA GLN B 370 -18.80 15.51 -12.84
C GLN B 370 -18.95 14.73 -14.15
N ASN C 23 -15.80 -13.13 24.61
CA ASN C 23 -17.21 -13.39 25.03
C ASN C 23 -18.24 -12.51 24.29
N ALA C 24 -19.28 -13.07 23.65
CA ALA C 24 -19.54 -14.53 23.47
C ALA C 24 -19.74 -14.87 21.96
N MET C 25 -19.96 -13.83 21.11
CA MET C 25 -20.19 -14.02 19.67
C MET C 25 -19.63 -12.91 18.73
N PHE C 26 -18.80 -13.31 17.77
CA PHE C 26 -18.31 -12.41 16.76
C PHE C 26 -19.22 -12.44 15.52
N PHE C 27 -19.40 -11.28 14.90
CA PHE C 27 -20.23 -11.10 13.71
C PHE C 27 -19.63 -10.01 12.88
N LYS C 28 -19.50 -10.25 11.59
CA LYS C 28 -18.97 -9.25 10.68
C LYS C 28 -19.46 -9.53 9.27
N GLN C 29 -19.98 -8.49 8.64
CA GLN C 29 -20.43 -8.55 7.26
C GLN C 29 -19.29 -8.08 6.34
N PHE C 30 -19.19 -8.71 5.18
CA PHE C 30 -18.23 -8.38 4.14
C PHE C 30 -19.03 -8.05 2.88
N TYR C 31 -18.78 -6.91 2.27
CA TYR C 31 -19.55 -6.52 1.10
C TYR C 31 -18.64 -6.29 -0.06
N ASP C 32 -18.96 -6.89 -1.20
CA ASP C 32 -18.22 -6.65 -2.43
C ASP C 32 -19.05 -5.69 -3.26
N LYS C 33 -18.46 -4.56 -3.62
CA LYS C 33 -19.21 -3.52 -4.34
C LYS C 33 -19.55 -3.86 -5.79
N HIS C 34 -18.69 -4.65 -6.45
CA HIS C 34 -18.96 -5.00 -7.85
C HIS C 34 -20.04 -6.06 -7.95
N LEU C 35 -20.07 -6.96 -6.97
CA LEU C 35 -21.06 -8.02 -6.94
C LEU C 35 -22.33 -7.60 -6.18
N SER C 36 -22.27 -6.49 -5.44
CA SER C 36 -23.37 -6.05 -4.55
C SER C 36 -23.80 -7.23 -3.66
N GLN C 37 -22.79 -7.95 -3.18
CA GLN C 37 -23.01 -9.18 -2.46
C GLN C 37 -22.48 -9.11 -1.04
N ALA C 38 -23.26 -9.68 -0.11
CA ALA C 38 -22.89 -9.68 1.31
C ALA C 38 -22.66 -11.08 1.80
N SER C 39 -21.50 -11.27 2.41
CA SER C 39 -21.14 -12.53 3.04
C SER C 39 -20.87 -12.17 4.49
N TYR C 40 -20.83 -13.17 5.36
CA TYR C 40 -20.65 -12.91 6.79
C TYR C 40 -19.70 -13.90 7.43
N LEU C 41 -19.04 -13.45 8.50
CA LEU C 41 -18.25 -14.33 9.32
C LEU C 41 -18.84 -14.28 10.74
N ILE C 42 -19.23 -15.42 11.28
CA ILE C 42 -19.66 -15.50 12.66
C ILE C 42 -18.66 -16.35 13.43
N GLY C 43 -18.48 -16.02 14.69
CA GLY C 43 -17.52 -16.73 15.51
C GLY C 43 -17.92 -16.89 16.96
N CYS C 44 -17.65 -18.09 17.47
CA CYS C 44 -17.91 -18.43 18.84
C CYS C 44 -16.67 -18.09 19.64
N GLN C 45 -16.76 -17.15 20.55
CA GLN C 45 -15.56 -16.80 21.32
C GLN C 45 -15.25 -17.87 22.38
N LYS C 46 -16.23 -18.68 22.77
CA LYS C 46 -15.97 -19.76 23.73
C LYS C 46 -15.07 -20.82 23.10
N THR C 47 -15.39 -21.29 21.91
CA THR C 47 -14.61 -22.35 21.27
C THR C 47 -13.58 -21.89 20.26
N GLY C 48 -13.74 -20.69 19.73
CA GLY C 48 -12.85 -20.22 18.68
C GLY C 48 -13.29 -20.63 17.26
N GLU C 49 -14.34 -21.42 17.16
CA GLU C 49 -14.84 -21.86 15.85
C GLU C 49 -15.56 -20.73 15.13
N ALA C 50 -15.40 -20.67 13.82
CA ALA C 50 -16.03 -19.66 13.02
C ALA C 50 -16.54 -20.21 11.70
N MET C 51 -17.53 -19.50 11.17
CA MET C 51 -18.17 -19.86 9.93
C MET C 51 -18.28 -18.71 8.97
N ILE C 52 -18.03 -18.99 7.68
CA ILE C 52 -18.28 -18.01 6.64
C ILE C 52 -19.61 -18.36 5.99
N ILE C 53 -20.48 -17.37 5.85
CA ILE C 53 -21.75 -17.56 5.16
C ILE C 53 -21.67 -16.86 3.80
N ASP C 54 -21.96 -17.63 2.73
CA ASP C 54 -21.90 -17.16 1.34
C ASP C 54 -20.51 -16.65 0.94
N PRO C 55 -19.49 -17.49 1.13
CA PRO C 55 -18.14 -17.07 0.78
C PRO C 55 -17.90 -16.80 -0.71
N ILE C 56 -17.11 -15.77 -0.99
CA ILE C 56 -16.64 -15.49 -2.36
C ILE C 56 -15.40 -16.38 -2.52
N ARG C 57 -14.79 -16.40 -3.71
CA ARG C 57 -13.64 -17.30 -4.01
C ARG C 57 -12.35 -16.95 -3.29
N ASP C 58 -12.09 -15.66 -3.12
CA ASP C 58 -10.91 -15.19 -2.43
C ASP C 58 -11.27 -15.16 -0.97
N LEU C 59 -10.59 -15.97 -0.17
CA LEU C 59 -10.92 -16.12 1.24
C LEU C 59 -10.10 -15.23 2.16
N SER C 60 -9.15 -14.49 1.60
CA SER C 60 -8.21 -13.70 2.37
C SER C 60 -8.81 -12.74 3.40
N SER C 61 -9.92 -12.08 3.06
N SER C 61 -9.92 -12.09 3.05
CA SER C 61 -10.51 -11.12 4.00
CA SER C 61 -10.52 -11.12 3.97
C SER C 61 -11.07 -11.82 5.23
C SER C 61 -11.07 -11.81 5.22
N TYR C 62 -11.75 -12.93 5.03
CA TYR C 62 -12.30 -13.67 6.15
C TYR C 62 -11.19 -14.17 7.08
N ILE C 63 -10.14 -14.69 6.46
CA ILE C 63 -9.00 -15.24 7.15
C ILE C 63 -8.31 -14.18 7.99
N ARG C 64 -8.07 -13.01 7.40
CA ARG C 64 -7.45 -11.90 8.12
C ARG C 64 -8.28 -11.48 9.33
N VAL C 65 -9.59 -11.38 9.17
CA VAL C 65 -10.46 -11.01 10.28
C VAL C 65 -10.48 -12.09 11.35
N ALA C 66 -10.60 -13.35 10.93
CA ALA C 66 -10.57 -14.46 11.87
C ALA C 66 -9.27 -14.41 12.72
N ASP C 67 -8.13 -14.24 12.05
CA ASP C 67 -6.83 -14.14 12.74
C ASP C 67 -6.82 -13.01 13.75
N GLU C 68 -7.34 -11.83 13.38
CA GLU C 68 -7.37 -10.70 14.31
C GLU C 68 -8.24 -10.98 15.51
N GLU C 69 -9.27 -11.81 15.34
CA GLU C 69 -10.21 -12.12 16.43
C GLU C 69 -9.88 -13.40 17.20
N GLY C 70 -8.82 -14.11 16.82
CA GLY C 70 -8.46 -15.35 17.50
C GLY C 70 -9.40 -16.49 17.13
N LEU C 71 -10.01 -16.40 15.95
CA LEU C 71 -10.93 -17.42 15.51
C LEU C 71 -10.29 -18.35 14.47
N THR C 72 -10.89 -19.52 14.30
CA THR C 72 -10.44 -20.50 13.31
C THR C 72 -11.63 -20.85 12.44
N ILE C 73 -11.50 -20.60 11.15
CA ILE C 73 -12.57 -20.88 10.22
C ILE C 73 -12.63 -22.38 10.04
N THR C 74 -13.69 -22.97 10.59
CA THR C 74 -13.91 -24.40 10.61
C THR C 74 -15.18 -24.76 9.87
N HIS C 75 -15.95 -23.76 9.44
CA HIS C 75 -17.19 -24.01 8.74
C HIS C 75 -17.45 -22.99 7.66
N ALA C 76 -18.28 -23.37 6.72
CA ALA C 76 -18.80 -22.42 5.74
C ALA C 76 -20.18 -22.92 5.31
N ALA C 77 -21.08 -21.99 5.04
CA ALA C 77 -22.41 -22.34 4.60
C ALA C 77 -22.81 -21.40 3.48
N GLU C 78 -23.79 -21.86 2.72
CA GLU C 78 -24.27 -21.13 1.58
C GLU C 78 -25.80 -21.22 1.54
N THR C 79 -26.44 -20.08 1.30
CA THR C 79 -27.91 -19.98 1.27
C THR C 79 -28.59 -20.60 0.05
N HIS C 80 -27.90 -20.61 -1.09
CA HIS C 80 -28.44 -21.21 -2.31
C HIS C 80 -27.37 -21.29 -3.40
N ILE C 81 -27.76 -21.87 -4.52
CA ILE C 81 -26.87 -22.00 -5.68
C ILE C 81 -26.91 -20.63 -6.36
N HIS C 82 -25.83 -19.87 -6.17
CA HIS C 82 -25.77 -18.49 -6.67
C HIS C 82 -25.67 -18.36 -8.19
N ALA C 83 -26.39 -17.38 -8.70
CA ALA C 83 -26.40 -17.06 -10.12
C ALA C 83 -25.57 -15.84 -10.48
N ASP C 84 -25.12 -15.09 -9.47
N ASP C 84 -25.12 -15.05 -9.50
CA ASP C 84 -24.46 -13.82 -9.69
CA ASP C 84 -24.41 -13.81 -9.80
C ASP C 84 -23.01 -13.63 -9.21
C ASP C 84 -22.92 -13.75 -9.50
N PHE C 85 -22.39 -14.72 -8.78
CA PHE C 85 -20.96 -14.73 -8.43
C PHE C 85 -20.53 -16.17 -8.26
N ALA C 86 -19.23 -16.39 -8.23
CA ALA C 86 -18.66 -17.72 -8.05
C ALA C 86 -18.44 -18.02 -6.57
N SER C 87 -19.12 -19.04 -6.08
CA SER C 87 -19.00 -19.43 -4.68
C SER C 87 -17.62 -19.96 -4.32
N GLY C 88 -17.14 -19.57 -3.15
CA GLY C 88 -15.88 -20.10 -2.67
C GLY C 88 -16.05 -21.25 -1.68
N ILE C 89 -17.26 -21.82 -1.63
N ILE C 89 -17.27 -21.80 -1.58
CA ILE C 89 -17.56 -22.87 -0.66
CA ILE C 89 -17.55 -22.79 -0.54
C ILE C 89 -16.62 -24.07 -0.82
C ILE C 89 -16.77 -24.11 -0.74
N ARG C 90 -16.44 -24.54 -2.04
N ARG C 90 -16.42 -24.42 -1.99
CA ARG C 90 -15.57 -25.69 -2.27
CA ARG C 90 -15.60 -25.62 -2.22
C ARG C 90 -14.11 -25.32 -1.95
C ARG C 90 -14.15 -25.30 -1.87
N ASP C 91 -13.73 -24.05 -2.10
CA ASP C 91 -12.38 -23.62 -1.76
C ASP C 91 -12.19 -23.67 -0.23
N VAL C 92 -13.22 -23.26 0.52
CA VAL C 92 -13.16 -23.32 1.96
C VAL C 92 -12.96 -24.79 2.37
N ALA C 93 -13.74 -25.70 1.78
CA ALA C 93 -13.62 -27.11 2.11
C ALA C 93 -12.22 -27.66 1.85
N ILE C 94 -11.69 -27.39 0.65
CA ILE C 94 -10.39 -27.95 0.25
C ILE C 94 -9.19 -27.24 0.86
N LYS C 95 -9.18 -25.92 0.84
CA LYS C 95 -8.03 -25.16 1.36
C LYS C 95 -7.97 -25.06 2.89
N LEU C 96 -9.12 -24.99 3.55
CA LEU C 96 -9.12 -24.91 5.01
C LEU C 96 -9.59 -26.20 5.71
N ASN C 97 -9.84 -27.26 4.94
CA ASN C 97 -10.31 -28.54 5.50
C ASN C 97 -11.50 -28.33 6.44
N ALA C 98 -12.40 -27.45 6.02
CA ALA C 98 -13.54 -27.11 6.81
C ALA C 98 -14.73 -27.97 6.44
N ASN C 99 -15.70 -27.98 7.34
CA ASN C 99 -16.99 -28.57 7.07
C ASN C 99 -17.82 -27.55 6.33
N ILE C 100 -18.58 -27.97 5.31
CA ILE C 100 -19.43 -27.05 4.57
C ILE C 100 -20.86 -27.55 4.55
N TYR C 101 -21.79 -26.60 4.54
CA TYR C 101 -23.21 -26.91 4.64
C TYR C 101 -23.93 -26.25 3.48
N VAL C 102 -24.72 -27.02 2.76
CA VAL C 102 -25.46 -26.53 1.59
C VAL C 102 -26.86 -27.14 1.58
N SER C 103 -27.79 -26.48 0.89
CA SER C 103 -29.16 -26.99 0.85
C SER C 103 -29.32 -28.33 0.18
N GLY C 104 -30.02 -29.24 0.85
CA GLY C 104 -30.38 -30.54 0.28
C GLY C 104 -31.83 -30.49 -0.21
N GLU C 105 -32.46 -29.31 -0.18
CA GLU C 105 -33.84 -29.13 -0.61
C GLU C 105 -33.94 -28.98 -2.13
N SER C 106 -33.55 -30.01 -2.86
CA SER C 106 -33.52 -29.96 -4.32
C SER C 106 -34.09 -31.22 -4.95
N ASP C 107 -34.38 -31.17 -6.24
CA ASP C 107 -34.83 -32.36 -6.98
C ASP C 107 -33.57 -33.11 -7.44
N ASP C 108 -33.73 -34.16 -8.24
CA ASP C 108 -32.56 -34.97 -8.68
C ASP C 108 -31.64 -34.34 -9.73
N THR C 109 -32.04 -33.25 -10.38
CA THR C 109 -31.20 -32.67 -11.43
C THR C 109 -30.61 -31.28 -11.12
N LEU C 110 -31.31 -30.46 -10.32
CA LEU C 110 -30.83 -29.11 -10.01
C LEU C 110 -30.10 -28.93 -8.68
N GLY C 111 -29.77 -30.04 -8.03
CA GLY C 111 -29.08 -29.99 -6.75
C GLY C 111 -27.58 -29.94 -6.94
N TYR C 112 -26.85 -29.74 -5.85
CA TYR C 112 -25.41 -29.70 -5.86
C TYR C 112 -24.88 -31.05 -6.35
N LYS C 113 -23.80 -30.99 -7.10
CA LYS C 113 -23.16 -32.16 -7.66
C LYS C 113 -21.67 -32.12 -7.38
N ASN C 114 -21.03 -33.29 -7.38
CA ASN C 114 -19.58 -33.41 -7.23
C ASN C 114 -19.06 -32.85 -5.90
N MET C 115 -19.90 -32.84 -4.87
CA MET C 115 -19.50 -32.21 -3.63
C MET C 115 -18.40 -32.99 -2.91
N PRO C 116 -17.48 -32.25 -2.26
CA PRO C 116 -16.40 -32.85 -1.50
C PRO C 116 -16.93 -33.54 -0.22
N ASN C 117 -16.18 -34.52 0.29
CA ASN C 117 -16.64 -35.33 1.40
C ASN C 117 -16.91 -34.62 2.74
N HIS C 118 -16.53 -33.36 2.90
CA HIS C 118 -16.90 -32.64 4.13
C HIS C 118 -18.17 -31.83 4.00
N THR C 119 -18.95 -32.15 2.98
CA THR C 119 -20.21 -31.50 2.75
C THR C 119 -21.30 -32.12 3.62
N HIS C 120 -22.16 -31.26 4.11
CA HIS C 120 -23.31 -31.66 4.86
C HIS C 120 -24.52 -31.01 4.22
N PHE C 121 -25.44 -31.82 3.71
CA PHE C 121 -26.69 -31.34 3.13
C PHE C 121 -27.70 -31.12 4.24
N VAL C 122 -28.27 -29.94 4.30
CA VAL C 122 -29.21 -29.62 5.33
C VAL C 122 -30.59 -29.38 4.76
N GLN C 123 -31.59 -29.54 5.60
CA GLN C 123 -32.98 -29.33 5.19
C GLN C 123 -33.72 -28.60 6.27
N HIS C 124 -34.98 -28.26 5.97
CA HIS C 124 -35.82 -27.50 6.87
C HIS C 124 -35.79 -28.07 8.28
N ASN C 125 -35.56 -27.19 9.23
CA ASN C 125 -35.54 -27.50 10.65
C ASN C 125 -34.26 -28.16 11.21
N ASP C 126 -33.27 -28.45 10.36
CA ASP C 126 -31.98 -28.95 10.86
C ASP C 126 -31.28 -27.83 11.63
N ASP C 127 -30.39 -28.19 12.53
CA ASP C 127 -29.63 -27.24 13.33
C ASP C 127 -28.14 -27.43 13.09
N ILE C 128 -27.44 -26.33 12.84
CA ILE C 128 -25.99 -26.35 12.66
C ILE C 128 -25.39 -25.58 13.81
N TYR C 129 -24.39 -26.15 14.44
CA TYR C 129 -23.71 -25.49 15.55
C TYR C 129 -22.30 -25.07 15.19
N VAL C 130 -21.99 -23.80 15.41
CA VAL C 130 -20.67 -23.23 15.19
C VAL C 130 -20.19 -22.98 16.61
N GLY C 131 -19.50 -23.95 17.20
CA GLY C 131 -19.16 -23.86 18.59
C GLY C 131 -20.51 -23.89 19.30
N ASN C 132 -20.77 -22.90 20.14
CA ASN C 132 -22.04 -22.80 20.84
C ASN C 132 -23.09 -21.99 20.09
N ILE C 133 -22.75 -21.43 18.95
CA ILE C 133 -23.73 -20.67 18.19
C ILE C 133 -24.63 -21.67 17.49
N LYS C 134 -25.93 -21.43 17.55
CA LYS C 134 -26.88 -22.30 16.88
C LYS C 134 -27.50 -21.63 15.68
N LEU C 135 -27.51 -22.34 14.57
CA LEU C 135 -28.16 -21.87 13.35
C LEU C 135 -29.25 -22.87 13.00
N LYS C 136 -30.51 -22.43 12.95
CA LYS C 136 -31.59 -23.30 12.51
C LYS C 136 -31.81 -23.01 11.04
N VAL C 137 -31.84 -24.06 10.22
CA VAL C 137 -32.04 -23.96 8.79
C VAL C 137 -33.52 -23.90 8.48
N LEU C 138 -33.92 -22.92 7.69
CA LEU C 138 -35.29 -22.78 7.25
C LEU C 138 -35.33 -22.85 5.73
N HIS C 139 -36.14 -23.74 5.19
CA HIS C 139 -36.29 -23.84 3.75
C HIS C 139 -37.17 -22.68 3.36
N THR C 140 -36.63 -21.77 2.57
CA THR C 140 -37.34 -20.58 2.17
C THR C 140 -37.31 -20.45 0.65
N PRO C 141 -37.97 -21.40 -0.04
CA PRO C 141 -37.94 -21.39 -1.49
C PRO C 141 -38.67 -20.21 -2.11
N GLY C 142 -38.31 -19.94 -3.36
CA GLY C 142 -38.93 -18.86 -4.12
C GLY C 142 -37.91 -18.28 -5.08
N HIS C 143 -36.83 -17.76 -4.53
CA HIS C 143 -35.77 -17.23 -5.36
C HIS C 143 -35.19 -18.41 -6.16
N THR C 144 -34.94 -19.52 -5.46
CA THR C 144 -34.53 -20.77 -6.09
C THR C 144 -35.33 -21.84 -5.34
N PRO C 145 -35.48 -23.05 -5.91
CA PRO C 145 -36.23 -24.09 -5.17
C PRO C 145 -35.51 -24.56 -3.92
N GLU C 146 -34.17 -24.46 -3.90
CA GLU C 146 -33.39 -24.94 -2.76
C GLU C 146 -33.01 -23.90 -1.74
N SER C 147 -33.35 -22.63 -1.98
CA SER C 147 -32.98 -21.55 -1.06
C SER C 147 -33.29 -21.86 0.40
N ILE C 148 -32.30 -21.62 1.25
CA ILE C 148 -32.46 -21.75 2.68
C ILE C 148 -31.99 -20.48 3.36
N SER C 149 -32.49 -20.27 4.58
CA SER C 149 -32.11 -19.14 5.39
C SER C 149 -31.64 -19.71 6.72
N PHE C 150 -30.75 -18.99 7.41
CA PHE C 150 -30.21 -19.48 8.68
C PHE C 150 -30.60 -18.57 9.82
N LEU C 151 -31.37 -19.13 10.76
CA LEU C 151 -31.85 -18.39 11.90
C LEU C 151 -30.87 -18.61 13.07
N LEU C 152 -30.17 -17.54 13.46
CA LEU C 152 -29.14 -17.63 14.51
C LEU C 152 -29.64 -17.34 15.93
N THR C 153 -29.22 -18.20 16.85
CA THR C 153 -29.44 -18.01 18.28
C THR C 153 -28.07 -18.10 18.98
N ASP C 154 -27.77 -17.09 19.78
CA ASP C 154 -26.50 -16.97 20.50
C ASP C 154 -26.59 -17.76 21.80
N GLU C 155 -26.64 -19.09 21.69
CA GLU C 155 -26.76 -19.94 22.87
C GLU C 155 -25.55 -19.84 23.79
N GLY C 156 -24.38 -19.52 23.25
CA GLY C 156 -23.19 -19.35 24.06
C GLY C 156 -23.31 -18.23 25.09
N ALA C 157 -24.18 -17.25 24.84
CA ALA C 157 -24.42 -16.19 25.80
C ALA C 157 -25.72 -16.49 26.58
N GLY C 158 -26.22 -17.72 26.52
CA GLY C 158 -27.45 -18.08 27.21
C GLY C 158 -28.75 -17.56 26.57
N ALA C 159 -28.68 -16.99 25.37
CA ALA C 159 -29.89 -16.48 24.69
C ALA C 159 -30.89 -17.61 24.42
N GLN C 160 -32.17 -17.34 24.67
N GLN C 160 -32.17 -17.34 24.67
CA GLN C 160 -33.26 -18.29 24.45
CA GLN C 160 -33.25 -18.30 24.45
C GLN C 160 -34.19 -17.81 23.34
C GLN C 160 -34.17 -17.84 23.32
N VAL C 161 -33.77 -16.79 22.62
CA VAL C 161 -34.54 -16.22 21.53
C VAL C 161 -33.56 -15.99 20.39
N PRO C 162 -34.06 -16.01 19.14
CA PRO C 162 -33.20 -15.79 18.00
C PRO C 162 -32.80 -14.34 17.84
N MET C 163 -31.65 -14.11 17.24
CA MET C 163 -31.09 -12.79 17.02
C MET C 163 -31.32 -12.28 15.62
N GLY C 164 -31.20 -13.15 14.63
CA GLY C 164 -31.35 -12.73 13.25
C GLY C 164 -31.37 -13.87 12.26
N LEU C 165 -31.72 -13.51 11.02
CA LEU C 165 -31.86 -14.45 9.93
C LEU C 165 -30.94 -14.08 8.77
N PHE C 166 -30.08 -15.02 8.37
CA PHE C 166 -29.26 -14.84 7.16
C PHE C 166 -30.23 -15.26 6.08
N SER C 167 -30.75 -14.28 5.37
CA SER C 167 -31.83 -14.49 4.39
C SER C 167 -31.41 -14.72 2.94
N GLY C 168 -30.12 -14.62 2.64
CA GLY C 168 -29.67 -14.85 1.28
C GLY C 168 -30.40 -13.92 0.33
N ASP C 169 -31.04 -14.50 -0.70
CA ASP C 169 -31.80 -13.72 -1.67
C ASP C 169 -33.30 -13.93 -1.52
N PHE C 170 -33.71 -14.42 -0.36
CA PHE C 170 -35.11 -14.59 -0.01
C PHE C 170 -35.67 -13.20 0.35
N ILE C 171 -35.15 -12.63 1.43
CA ILE C 171 -35.55 -11.29 1.89
C ILE C 171 -34.37 -10.35 1.83
N PHE C 172 -34.60 -9.19 1.22
CA PHE C 172 -33.64 -8.10 1.10
C PHE C 172 -34.20 -6.95 1.89
N VAL C 173 -33.39 -5.91 2.06
CA VAL C 173 -33.87 -4.71 2.73
C VAL C 173 -34.79 -3.95 1.77
N GLY C 174 -36.08 -4.02 2.04
CA GLY C 174 -37.08 -3.31 1.25
C GLY C 174 -37.59 -4.04 0.02
N ASP C 175 -37.18 -5.28 -0.17
CA ASP C 175 -37.66 -6.04 -1.32
C ASP C 175 -37.39 -7.51 -1.04
N ILE C 176 -37.62 -8.34 -2.03
CA ILE C 176 -37.43 -9.79 -1.93
C ILE C 176 -36.85 -10.27 -3.27
N GLY C 177 -36.28 -11.46 -3.29
CA GLY C 177 -35.69 -11.98 -4.52
C GLY C 177 -36.74 -12.41 -5.52
N ARG C 178 -36.32 -12.48 -6.78
CA ARG C 178 -37.21 -12.92 -7.85
C ARG C 178 -36.89 -14.36 -8.21
N PRO C 179 -37.90 -15.10 -8.70
CA PRO C 179 -37.72 -16.49 -9.09
C PRO C 179 -36.62 -16.65 -10.11
N ASP C 180 -35.46 -17.15 -9.64
CA ASP C 180 -34.25 -17.38 -10.43
C ASP C 180 -34.73 -17.91 -11.78
N LEU C 181 -34.42 -17.20 -12.85
CA LEU C 181 -34.89 -17.63 -14.18
C LEU C 181 -34.10 -18.82 -14.74
N LEU C 182 -34.41 -20.01 -14.21
CA LEU C 182 -33.78 -21.28 -14.65
C LEU C 182 -34.43 -21.75 -15.94
N GLY C 190 -45.83 -21.46 -16.72
CA GLY C 190 -45.34 -20.54 -15.69
C GLY C 190 -44.34 -21.18 -14.74
N SER C 191 -43.06 -21.15 -15.12
CA SER C 191 -41.98 -21.69 -14.28
C SER C 191 -41.65 -20.66 -13.20
N SER C 192 -41.73 -19.38 -13.56
CA SER C 192 -41.54 -18.32 -12.60
C SER C 192 -42.74 -18.29 -11.65
N GLU C 193 -43.92 -18.65 -12.17
CA GLU C 193 -45.16 -18.70 -11.38
C GLU C 193 -45.04 -19.69 -10.21
N ILE C 194 -44.41 -20.83 -10.46
CA ILE C 194 -44.15 -21.83 -9.42
C ILE C 194 -43.25 -21.26 -8.33
N GLY C 195 -42.19 -20.57 -8.74
CA GLY C 195 -41.27 -19.95 -7.79
C GLY C 195 -41.92 -18.82 -7.01
N ALA C 196 -42.76 -18.05 -7.69
CA ALA C 196 -43.48 -16.94 -7.07
C ALA C 196 -44.47 -17.44 -6.02
N LYS C 197 -45.13 -18.58 -6.29
CA LYS C 197 -46.08 -19.15 -5.32
C LYS C 197 -45.30 -19.63 -4.10
N GLN C 198 -44.18 -20.31 -4.34
CA GLN C 198 -43.32 -20.74 -3.22
C GLN C 198 -42.83 -19.51 -2.44
N MET C 199 -42.45 -18.45 -3.13
CA MET C 199 -42.03 -17.23 -2.45
C MET C 199 -43.15 -16.70 -1.54
N PHE C 200 -44.38 -16.69 -2.05
CA PHE C 200 -45.52 -16.20 -1.29
C PHE C 200 -45.70 -17.01 0.00
N LYS C 201 -45.58 -18.33 -0.10
CA LYS C 201 -45.72 -19.19 1.07
C LYS C 201 -44.53 -19.04 1.99
N SER C 202 -43.33 -18.88 1.42
CA SER C 202 -42.14 -18.66 2.24
C SER C 202 -42.26 -17.37 3.08
N ILE C 203 -42.73 -16.29 2.46
CA ILE C 203 -42.93 -15.02 3.18
C ILE C 203 -43.93 -15.24 4.33
N GLU C 204 -45.05 -15.87 3.97
N GLU C 204 -45.07 -15.86 4.02
CA GLU C 204 -46.12 -16.21 4.92
CA GLU C 204 -46.07 -16.09 5.06
C GLU C 204 -45.53 -16.92 6.15
C GLU C 204 -45.47 -16.89 6.21
N SER C 205 -44.72 -17.95 5.89
CA SER C 205 -44.13 -18.77 6.97
C SER C 205 -43.10 -18.05 7.85
N ILE C 206 -42.49 -16.98 7.35
CA ILE C 206 -41.47 -16.30 8.13
C ILE C 206 -42.09 -15.24 9.07
N LYS C 207 -43.33 -14.83 8.81
CA LYS C 207 -44.03 -13.81 9.62
C LYS C 207 -44.18 -14.19 11.09
N ASP C 208 -44.16 -15.49 11.34
CA ASP C 208 -44.29 -16.06 12.68
C ASP C 208 -43.09 -15.81 13.59
N LEU C 209 -41.94 -15.48 13.03
CA LEU C 209 -40.73 -15.21 13.82
C LEU C 209 -40.85 -13.88 14.60
N PRO C 210 -40.04 -13.70 15.66
CA PRO C 210 -40.10 -12.45 16.45
C PRO C 210 -39.77 -11.24 15.60
N ASP C 211 -40.56 -10.18 15.74
CA ASP C 211 -40.33 -8.98 14.93
C ASP C 211 -39.02 -8.27 15.22
N TYR C 212 -38.40 -8.58 16.36
CA TYR C 212 -37.13 -7.94 16.74
C TYR C 212 -35.90 -8.60 16.11
N ILE C 213 -36.04 -9.71 15.40
CA ILE C 213 -34.85 -10.32 14.79
C ILE C 213 -34.30 -9.44 13.67
N GLN C 214 -32.99 -9.46 13.49
CA GLN C 214 -32.35 -8.74 12.41
C GLN C 214 -32.50 -9.58 11.15
N ILE C 215 -32.38 -8.90 10.02
CA ILE C 215 -32.40 -9.54 8.72
C ILE C 215 -31.06 -9.26 8.10
N TRP C 216 -30.32 -10.30 7.78
CA TRP C 216 -28.98 -10.19 7.23
C TRP C 216 -29.00 -10.74 5.81
N PRO C 217 -29.24 -9.88 4.82
CA PRO C 217 -29.42 -10.32 3.42
C PRO C 217 -28.14 -10.68 2.69
N GLY C 218 -28.31 -11.38 1.58
CA GLY C 218 -27.20 -11.85 0.76
C GLY C 218 -26.74 -10.88 -0.30
N HIS C 219 -27.61 -9.92 -0.64
CA HIS C 219 -27.31 -8.89 -1.63
C HIS C 219 -27.90 -7.56 -1.18
N GLY C 220 -27.31 -6.49 -1.67
CA GLY C 220 -27.74 -5.13 -1.35
C GLY C 220 -27.83 -4.27 -2.61
N ALA C 221 -27.82 -2.96 -2.40
CA ALA C 221 -27.95 -1.97 -3.47
C ALA C 221 -27.07 -2.22 -4.69
N GLY C 222 -27.70 -2.47 -5.85
CA GLY C 222 -26.95 -2.66 -7.11
C GLY C 222 -27.12 -3.99 -7.85
N SER C 223 -27.60 -5.02 -7.16
CA SER C 223 -27.74 -6.36 -7.76
C SER C 223 -28.57 -6.35 -9.04
N LYS C 227 -33.32 -5.44 -7.67
CA LYS C 227 -33.85 -4.27 -8.37
C LYS C 227 -34.03 -3.07 -7.44
N SER C 228 -34.62 -3.33 -6.27
CA SER C 228 -34.85 -2.29 -5.29
C SER C 228 -34.29 -2.72 -3.92
N LEU C 229 -32.96 -2.83 -3.82
CA LEU C 229 -32.29 -3.25 -2.58
C LEU C 229 -31.72 -2.05 -1.82
N GLY C 230 -31.94 -2.04 -0.50
CA GLY C 230 -31.45 -0.96 0.36
C GLY C 230 -29.94 -0.94 0.51
N ALA C 231 -29.38 0.27 0.65
CA ALA C 231 -27.93 0.44 0.87
C ALA C 231 -27.56 -0.05 2.27
N ILE C 232 -28.45 0.22 3.24
CA ILE C 232 -28.26 -0.20 4.63
C ILE C 232 -28.03 -1.72 4.64
N PRO C 233 -26.99 -2.18 5.36
CA PRO C 233 -26.64 -3.59 5.25
C PRO C 233 -27.54 -4.55 5.99
N THR C 234 -28.38 -4.06 6.91
CA THR C 234 -29.23 -4.96 7.68
C THR C 234 -30.55 -4.31 8.04
N SER C 235 -31.54 -5.14 8.31
CA SER C 235 -32.85 -4.64 8.68
C SER C 235 -33.36 -5.52 9.82
N THR C 236 -34.66 -5.43 10.08
CA THR C 236 -35.31 -6.23 11.11
C THR C 236 -36.63 -6.69 10.52
N LEU C 237 -37.14 -7.79 11.01
CA LEU C 237 -38.38 -8.35 10.48
C LEU C 237 -39.55 -7.37 10.65
N GLY C 238 -39.65 -6.78 11.83
CA GLY C 238 -40.72 -5.85 12.09
C GLY C 238 -40.67 -4.60 11.22
N TYR C 239 -39.46 -4.15 10.90
CA TYR C 239 -39.32 -2.98 10.04
C TYR C 239 -39.72 -3.36 8.61
N GLU C 240 -39.30 -4.54 8.15
CA GLU C 240 -39.68 -5.01 6.81
C GLU C 240 -41.19 -5.21 6.70
N LYS C 241 -41.82 -5.62 7.79
CA LYS C 241 -43.29 -5.78 7.79
C LYS C 241 -43.96 -4.43 7.56
N GLN C 242 -43.33 -3.36 8.04
CA GLN C 242 -43.87 -2.01 7.84
C GLN C 242 -43.51 -1.38 6.51
N THR C 243 -42.36 -1.72 5.94
CA THR C 243 -41.87 -1.04 4.74
C THR C 243 -41.63 -1.86 3.49
N ASN C 244 -41.59 -3.19 3.62
CA ASN C 244 -41.32 -4.06 2.49
C ASN C 244 -42.63 -4.54 1.85
N TRP C 245 -42.86 -4.14 0.60
CA TRP C 245 -44.10 -4.45 -0.13
C TRP C 245 -44.57 -5.91 0.00
N ALA C 246 -43.62 -6.84 -0.05
CA ALA C 246 -43.90 -8.27 -0.01
C ALA C 246 -44.64 -8.73 1.25
N PHE C 247 -44.44 -8.00 2.35
CA PHE C 247 -45.09 -8.36 3.60
C PHE C 247 -46.52 -7.86 3.72
N SER C 248 -46.88 -6.83 2.95
CA SER C 248 -48.22 -6.23 2.99
C SER C 248 -49.17 -6.69 1.91
N GLU C 249 -48.64 -7.33 0.86
CA GLU C 249 -49.50 -7.85 -0.19
C GLU C 249 -49.92 -9.27 0.20
N ASN C 250 -51.20 -9.44 0.53
CA ASN C 250 -51.72 -10.74 0.97
C ASN C 250 -52.56 -11.46 -0.07
N ASN C 251 -52.80 -10.81 -1.21
CA ASN C 251 -53.52 -11.43 -2.30
C ASN C 251 -52.45 -12.12 -3.15
N GLU C 252 -52.51 -13.45 -3.21
CA GLU C 252 -51.52 -14.25 -3.92
C GLU C 252 -51.36 -13.89 -5.39
N ALA C 253 -52.48 -13.81 -6.10
CA ALA C 253 -52.46 -13.48 -7.52
C ALA C 253 -51.75 -12.14 -7.73
N THR C 254 -52.11 -11.15 -6.93
CA THR C 254 -51.51 -9.81 -7.00
C THR C 254 -50.02 -9.87 -6.71
N PHE C 255 -49.65 -10.64 -5.69
CA PHE C 255 -48.27 -10.81 -5.28
C PHE C 255 -47.46 -11.42 -6.41
N ILE C 256 -47.94 -12.54 -6.94
CA ILE C 256 -47.28 -13.22 -8.04
C ILE C 256 -47.05 -12.27 -9.20
N ASP C 257 -48.10 -11.57 -9.60
CA ASP C 257 -48.02 -10.68 -10.74
C ASP C 257 -46.96 -9.61 -10.53
N LYS C 258 -47.00 -8.93 -9.38
CA LYS C 258 -46.02 -7.89 -9.12
C LYS C 258 -44.60 -8.45 -9.10
N LEU C 259 -44.46 -9.67 -8.58
CA LEU C 259 -43.15 -10.31 -8.48
C LEU C 259 -42.54 -10.61 -9.85
N ILE C 260 -43.23 -11.41 -10.67
CA ILE C 260 -42.69 -11.83 -11.97
C ILE C 260 -42.79 -10.81 -13.10
N SER C 261 -43.62 -9.78 -12.95
CA SER C 261 -43.79 -8.78 -14.01
C SER C 261 -42.63 -7.82 -14.12
N ASP C 262 -42.50 -7.23 -15.30
CA ASP C 262 -41.46 -6.25 -15.62
C ASP C 262 -40.11 -6.56 -14.96
N GLN C 263 -39.64 -7.79 -15.16
CA GLN C 263 -38.35 -8.20 -14.64
C GLN C 263 -37.31 -8.15 -15.75
N PRO C 264 -36.18 -7.48 -15.48
CA PRO C 264 -35.18 -7.33 -16.51
C PRO C 264 -34.52 -8.64 -16.88
N ALA C 265 -34.08 -8.74 -18.13
CA ALA C 265 -33.40 -9.91 -18.62
C ALA C 265 -32.06 -10.02 -17.89
N PRO C 266 -31.72 -11.22 -17.41
CA PRO C 266 -30.44 -11.42 -16.72
C PRO C 266 -29.26 -11.39 -17.68
N PRO C 267 -28.10 -10.82 -17.25
CA PRO C 267 -26.98 -10.90 -18.18
C PRO C 267 -26.60 -12.36 -18.39
N HIS C 268 -25.82 -12.60 -19.43
CA HIS C 268 -25.49 -13.94 -19.85
C HIS C 268 -24.61 -14.77 -18.91
N HIS C 269 -23.87 -14.15 -18.01
CA HIS C 269 -23.00 -14.92 -17.11
C HIS C 269 -23.78 -15.65 -16.01
N PHE C 270 -25.04 -15.29 -15.80
CA PHE C 270 -25.83 -15.96 -14.76
C PHE C 270 -25.89 -17.48 -14.96
N ALA C 271 -26.06 -17.92 -16.21
CA ALA C 271 -26.11 -19.37 -16.51
C ALA C 271 -24.77 -20.05 -16.18
N GLN C 272 -23.67 -19.36 -16.45
CA GLN C 272 -22.34 -19.89 -16.15
C GLN C 272 -22.16 -20.00 -14.65
N MET C 273 -22.66 -18.99 -13.92
CA MET C 273 -22.55 -18.99 -12.49
C MET C 273 -23.32 -20.17 -11.89
N LYS C 274 -24.56 -20.40 -12.35
CA LYS C 274 -25.37 -21.49 -11.84
C LYS C 274 -24.65 -22.82 -12.06
N LYS C 275 -24.03 -22.97 -13.23
CA LYS C 275 -23.27 -24.17 -13.55
C LYS C 275 -22.05 -24.39 -12.65
N ILE C 276 -21.19 -23.38 -12.50
CA ILE C 276 -20.00 -23.57 -11.68
C ILE C 276 -20.36 -23.73 -10.21
N ASN C 277 -21.46 -23.14 -9.76
CA ASN C 277 -21.86 -23.29 -8.36
C ASN C 277 -22.50 -24.65 -8.09
N GLN C 278 -23.14 -25.24 -9.10
CA GLN C 278 -23.74 -26.54 -8.93
C GLN C 278 -22.70 -27.67 -9.09
N PHE C 279 -21.80 -27.51 -10.06
CA PHE C 279 -20.80 -28.55 -10.39
C PHE C 279 -19.39 -28.31 -9.87
N GLY C 280 -19.06 -27.06 -9.57
CA GLY C 280 -17.72 -26.72 -9.08
C GLY C 280 -16.82 -26.25 -10.21
N MET C 281 -15.79 -25.49 -9.88
CA MET C 281 -14.79 -25.07 -10.86
C MET C 281 -13.42 -25.16 -10.18
N ASN C 282 -12.37 -24.80 -10.89
CA ASN C 282 -11.02 -24.82 -10.32
C ASN C 282 -10.88 -23.93 -9.09
N LEU C 283 -9.97 -24.33 -8.21
CA LEU C 283 -9.66 -23.54 -7.04
C LEU C 283 -9.17 -22.17 -7.47
N TYR C 284 -9.47 -21.19 -6.65
CA TYR C 284 -8.99 -19.86 -6.89
C TYR C 284 -7.50 -19.71 -6.63
N GLN C 285 -6.82 -19.08 -7.60
CA GLN C 285 -5.44 -18.67 -7.43
C GLN C 285 -5.26 -17.37 -8.21
N PRO C 286 -4.52 -16.41 -7.64
CA PRO C 286 -4.21 -15.22 -8.42
C PRO C 286 -3.27 -15.60 -9.57
N TYR C 287 -3.16 -14.75 -10.57
CA TYR C 287 -2.29 -15.02 -11.73
C TYR C 287 -1.82 -13.73 -12.38
N THR C 288 -0.72 -13.83 -13.12
CA THR C 288 -0.13 -12.66 -13.75
C THR C 288 -0.83 -12.29 -15.03
N VAL C 289 -0.98 -10.98 -15.22
CA VAL C 289 -1.55 -10.39 -16.43
C VAL C 289 -0.54 -9.32 -16.84
N TYR C 290 0.26 -9.69 -17.83
CA TYR C 290 1.33 -8.90 -18.38
C TYR C 290 0.93 -8.39 -19.76
N PRO C 291 1.79 -7.57 -20.40
CA PRO C 291 1.45 -7.06 -21.72
C PRO C 291 1.13 -8.15 -22.73
N ALA C 292 -0.02 -7.99 -23.39
CA ALA C 292 -0.55 -8.97 -24.36
C ALA C 292 0.39 -9.22 -25.52
N THR C 293 0.53 -10.49 -25.89
CA THR C 293 1.40 -10.89 -26.98
C THR C 293 0.59 -10.94 -28.29
N ASN C 294 -0.73 -10.86 -28.17
CA ASN C 294 -1.59 -10.78 -29.35
C ASN C 294 -2.95 -10.20 -28.99
N THR C 295 -3.66 -9.72 -30.02
CA THR C 295 -4.99 -9.14 -29.83
C THR C 295 -6.03 -10.26 -29.69
N ASN C 296 -7.17 -9.96 -29.06
N ASN C 296 -7.22 -9.88 -29.23
CA ASN C 296 -8.27 -10.94 -28.85
CA ASN C 296 -8.29 -10.85 -29.02
C ASN C 296 -9.62 -10.32 -29.24
C ASN C 296 -9.67 -10.29 -29.39
N ARG C 297 -10.52 -11.13 -29.80
N ARG C 297 -10.55 -11.19 -29.82
CA ARG C 297 -11.83 -10.62 -30.26
CA ARG C 297 -11.91 -10.85 -30.23
C ARG C 297 -12.58 -9.92 -29.13
C ARG C 297 -12.64 -10.04 -29.16
N LEU C 298 -12.38 -10.39 -27.90
CA LEU C 298 -12.97 -9.74 -26.77
C LEU C 298 -11.87 -9.01 -26.02
N THR C 299 -11.85 -7.69 -26.18
CA THR C 299 -10.89 -6.81 -25.54
C THR C 299 -11.68 -5.71 -24.89
N PHE C 300 -11.60 -5.64 -23.57
CA PHE C 300 -12.38 -4.68 -22.81
C PHE C 300 -11.55 -3.52 -22.29
N ASP C 301 -12.02 -2.30 -22.57
CA ASP C 301 -11.35 -1.08 -22.15
C ASP C 301 -11.94 -0.64 -20.83
N LEU C 302 -11.09 -0.63 -19.81
CA LEU C 302 -11.50 -0.39 -18.43
C LEU C 302 -11.67 1.07 -18.05
N ARG C 303 -11.27 1.98 -18.92
CA ARG C 303 -11.34 3.40 -18.63
C ARG C 303 -12.76 3.95 -18.63
N SER C 304 -12.90 5.17 -18.14
CA SER C 304 -14.20 5.84 -18.09
C SER C 304 -14.75 6.00 -19.50
N LYS C 305 -16.06 6.17 -19.62
CA LYS C 305 -16.67 6.34 -20.94
C LYS C 305 -16.20 7.64 -21.58
N GLU C 306 -15.95 8.65 -20.75
CA GLU C 306 -15.46 9.95 -21.19
C GLU C 306 -14.05 9.79 -21.76
N ALA C 307 -13.22 9.02 -21.06
CA ALA C 307 -11.86 8.74 -21.51
C ALA C 307 -11.90 7.94 -22.82
N TYR C 308 -12.82 6.97 -22.90
CA TYR C 308 -12.99 6.14 -24.10
C TYR C 308 -13.46 6.99 -25.28
N HIS C 309 -14.39 7.91 -25.03
CA HIS C 309 -14.85 8.83 -26.09
C HIS C 309 -13.67 9.67 -26.59
N GLY C 310 -12.89 10.22 -25.66
CA GLY C 310 -11.71 11.03 -25.99
C GLY C 310 -10.63 10.33 -26.81
N GLY C 311 -10.70 9.01 -26.94
CA GLY C 311 -9.73 8.26 -27.74
C GLY C 311 -9.64 6.81 -27.32
N HIS C 312 -9.70 5.90 -28.30
CA HIS C 312 -9.61 4.46 -28.04
C HIS C 312 -9.15 3.70 -29.27
N ILE C 313 -8.74 2.47 -28.97
N ILE C 313 -8.80 2.43 -29.17
CA ILE C 313 -8.27 1.47 -29.89
CA ILE C 313 -8.43 1.68 -30.40
C ILE C 313 -9.54 0.82 -30.45
C ILE C 313 -9.67 0.99 -30.98
N GLU C 314 -9.58 0.55 -31.75
N GLU C 314 -9.62 0.56 -32.24
CA GLU C 314 -10.75 -0.08 -32.37
CA GLU C 314 -10.76 -0.14 -32.81
C GLU C 314 -10.78 -1.56 -32.05
C GLU C 314 -10.74 -1.60 -32.36
N GLY C 315 -11.92 -2.21 -32.29
CA GLY C 315 -12.06 -3.62 -31.95
C GLY C 315 -12.18 -3.89 -30.45
N THR C 316 -12.42 -2.85 -29.65
CA THR C 316 -12.53 -3.02 -28.23
C THR C 316 -13.95 -2.73 -27.75
N ILE C 317 -14.22 -3.04 -26.50
CA ILE C 317 -15.52 -2.80 -25.93
C ILE C 317 -15.26 -2.06 -24.62
N ASN C 318 -15.91 -0.90 -24.46
CA ASN C 318 -15.73 -0.13 -23.26
C ASN C 318 -16.58 -0.68 -22.13
N ILE C 319 -15.93 -1.12 -21.05
CA ILE C 319 -16.63 -1.53 -19.84
C ILE C 319 -15.88 -0.87 -18.68
N PRO C 320 -16.25 0.38 -18.33
CA PRO C 320 -15.54 1.09 -17.27
C PRO C 320 -15.47 0.29 -15.97
N TYR C 321 -14.34 0.38 -15.30
CA TYR C 321 -14.15 -0.34 -14.06
C TYR C 321 -14.72 0.48 -12.91
N ASP C 322 -16.05 0.54 -12.85
CA ASP C 322 -16.76 1.22 -11.78
C ASP C 322 -17.70 0.19 -11.12
N LYS C 323 -18.67 0.63 -10.33
CA LYS C 323 -19.53 -0.35 -9.63
C LYS C 323 -20.39 -1.23 -10.53
N ASN C 324 -20.61 -0.78 -11.78
CA ASN C 324 -21.39 -1.56 -12.74
C ASN C 324 -20.55 -2.43 -13.66
N PHE C 325 -19.28 -2.56 -13.33
CA PHE C 325 -18.35 -3.34 -14.12
C PHE C 325 -18.83 -4.75 -14.41
N ILE C 326 -19.17 -5.50 -13.37
CA ILE C 326 -19.63 -6.88 -13.53
C ILE C 326 -20.96 -6.98 -14.26
N ASN C 327 -21.92 -6.13 -13.90
CA ASN C 327 -23.23 -6.11 -14.54
C ASN C 327 -23.12 -5.84 -16.03
N GLN C 328 -22.13 -5.05 -16.43
CA GLN C 328 -21.90 -4.77 -17.84
C GLN C 328 -21.10 -5.83 -18.58
N ILE C 329 -20.01 -6.29 -17.98
CA ILE C 329 -19.13 -7.22 -18.68
C ILE C 329 -19.79 -8.59 -18.82
N GLY C 330 -20.76 -8.85 -17.95
CA GLY C 330 -21.51 -10.10 -17.96
C GLY C 330 -22.24 -10.39 -19.26
N TRP C 331 -22.67 -9.35 -19.97
CA TRP C 331 -23.37 -9.54 -21.24
C TRP C 331 -22.46 -10.04 -22.34
N TYR C 332 -21.17 -9.73 -22.22
CA TYR C 332 -20.20 -10.04 -23.26
C TYR C 332 -19.21 -11.14 -22.95
N LEU C 333 -19.00 -11.44 -21.67
CA LEU C 333 -17.95 -12.36 -21.28
C LEU C 333 -18.20 -13.76 -21.81
N ASN C 334 -17.21 -14.30 -22.52
CA ASN C 334 -17.27 -15.66 -23.06
C ASN C 334 -16.30 -16.51 -22.25
N TYR C 335 -16.82 -17.35 -21.37
CA TYR C 335 -16.01 -18.16 -20.48
C TYR C 335 -15.15 -19.21 -21.18
N ASP C 336 -15.42 -19.50 -22.44
CA ASP C 336 -14.65 -20.50 -23.21
C ASP C 336 -13.51 -19.90 -23.98
N GLN C 337 -13.32 -18.57 -23.90
CA GLN C 337 -12.24 -17.91 -24.62
C GLN C 337 -11.46 -17.05 -23.66
N GLU C 338 -10.25 -16.72 -24.09
CA GLU C 338 -9.38 -15.81 -23.39
C GLU C 338 -9.76 -14.40 -23.83
N ILE C 339 -9.54 -13.41 -22.96
CA ILE C 339 -9.84 -12.03 -23.29
C ILE C 339 -8.66 -11.12 -22.96
N ASN C 340 -8.65 -9.94 -23.56
CA ASN C 340 -7.64 -8.94 -23.26
C ASN C 340 -8.30 -7.76 -22.56
N LEU C 341 -7.49 -7.01 -21.82
CA LEU C 341 -7.98 -5.83 -21.14
C LEU C 341 -7.15 -4.63 -21.56
N ILE C 342 -7.74 -3.44 -21.50
N ILE C 342 -7.76 -3.45 -21.50
CA ILE C 342 -7.06 -2.21 -21.79
CA ILE C 342 -7.07 -2.20 -21.81
C ILE C 342 -7.09 -1.31 -20.57
C ILE C 342 -7.09 -1.31 -20.57
N GLY C 343 -5.90 -0.89 -20.15
CA GLY C 343 -5.73 -0.02 -19.01
C GLY C 343 -4.31 -0.13 -18.51
N ASP C 344 -3.99 0.63 -17.48
CA ASP C 344 -2.68 0.58 -16.88
C ASP C 344 -2.57 -0.70 -16.03
N TYR C 345 -1.35 -1.09 -15.74
CA TYR C 345 -1.06 -2.32 -15.01
C TYR C 345 -1.90 -2.52 -13.75
N HIS C 346 -1.98 -1.49 -12.93
CA HIS C 346 -2.71 -1.57 -11.68
C HIS C 346 -4.21 -1.68 -11.90
N LEU C 347 -4.73 -0.92 -12.87
CA LEU C 347 -6.15 -0.97 -13.18
C LEU C 347 -6.51 -2.35 -13.65
N VAL C 348 -5.62 -2.91 -14.47
CA VAL C 348 -5.76 -4.24 -15.00
C VAL C 348 -5.74 -5.30 -13.91
N SER C 349 -4.81 -5.20 -12.94
CA SER C 349 -4.74 -6.18 -11.87
C SER C 349 -6.02 -6.19 -11.05
N LYS C 350 -6.64 -5.02 -10.87
CA LYS C 350 -7.89 -4.94 -10.10
C LYS C 350 -9.07 -5.59 -10.81
N ALA C 351 -9.19 -5.33 -12.11
CA ALA C 351 -10.28 -5.90 -12.88
C ALA C 351 -10.11 -7.43 -13.00
N THR C 352 -8.85 -7.88 -13.08
CA THR C 352 -8.56 -9.31 -13.18
C THR C 352 -9.08 -10.02 -11.97
N HIS C 353 -8.82 -9.45 -10.80
CA HIS C 353 -9.30 -10.01 -9.57
C HIS C 353 -10.84 -10.01 -9.48
N THR C 354 -11.47 -8.90 -9.85
CA THR C 354 -12.93 -8.82 -9.85
C THR C 354 -13.54 -9.87 -10.77
N LEU C 355 -12.94 -10.08 -11.94
CA LEU C 355 -13.41 -11.13 -12.86
C LEU C 355 -13.26 -12.56 -12.28
N GLN C 356 -12.24 -12.77 -11.47
CA GLN C 356 -12.10 -14.06 -10.79
C GLN C 356 -13.25 -14.28 -9.79
N LEU C 357 -13.83 -13.21 -9.28
CA LEU C 357 -14.96 -13.34 -8.35
C LEU C 357 -16.23 -13.83 -9.07
N ILE C 358 -16.28 -13.71 -10.39
CA ILE C 358 -17.37 -14.31 -11.18
C ILE C 358 -16.81 -15.51 -11.98
N GLY C 359 -15.79 -16.13 -11.42
CA GLY C 359 -15.26 -17.39 -11.94
C GLY C 359 -14.57 -17.38 -13.27
N TYR C 360 -14.03 -16.23 -13.63
CA TYR C 360 -13.29 -16.11 -14.87
C TYR C 360 -11.81 -15.91 -14.56
N ASP C 361 -11.01 -16.88 -14.97
CA ASP C 361 -9.59 -16.90 -14.70
C ASP C 361 -8.69 -16.82 -15.95
N ASP C 362 -9.25 -16.51 -17.11
CA ASP C 362 -8.51 -16.62 -18.35
C ASP C 362 -8.09 -15.35 -19.10
N ILE C 363 -7.82 -14.26 -18.38
CA ILE C 363 -7.32 -13.05 -19.02
C ILE C 363 -5.93 -13.36 -19.53
N ALA C 364 -5.70 -13.10 -20.82
CA ALA C 364 -4.44 -13.39 -21.50
C ALA C 364 -3.38 -12.30 -21.39
N GLY C 365 -3.81 -11.06 -21.24
CA GLY C 365 -2.87 -9.96 -21.15
C GLY C 365 -3.57 -8.63 -21.28
N TYR C 366 -2.80 -7.56 -21.33
CA TYR C 366 -3.36 -6.22 -21.47
C TYR C 366 -2.53 -5.37 -22.40
N GLN C 367 -3.10 -4.22 -22.74
CA GLN C 367 -2.42 -3.25 -23.53
C GLN C 367 -2.77 -1.89 -22.96
N LEU C 368 -1.81 -0.96 -23.06
CA LEU C 368 -2.05 0.40 -22.63
C LEU C 368 -3.01 1.09 -23.59
N PRO C 369 -3.84 2.00 -23.09
CA PRO C 369 -4.75 2.73 -23.96
C PRO C 369 -4.02 3.70 -24.88
N GLN C 370 -4.33 3.65 -26.18
CA GLN C 370 -3.79 4.59 -27.19
C GLN C 370 -4.89 5.10 -28.11
N ASN D 23 -30.96 4.32 -4.88
CA ASN D 23 -31.93 5.38 -4.42
C ASN D 23 -32.49 5.13 -3.01
N ALA D 24 -31.86 4.23 -2.27
CA ALA D 24 -32.23 3.96 -0.89
C ALA D 24 -31.30 4.79 0.01
N MET D 25 -31.78 5.15 1.20
CA MET D 25 -30.98 5.89 2.18
C MET D 25 -29.64 5.17 2.34
N PHE D 26 -28.55 5.93 2.42
CA PHE D 26 -27.27 5.31 2.63
C PHE D 26 -26.96 5.25 4.13
N PHE D 27 -26.39 4.13 4.57
CA PHE D 27 -26.00 3.93 5.97
C PHE D 27 -24.74 3.11 6.00
N LYS D 28 -23.77 3.54 6.78
CA LYS D 28 -22.52 2.82 6.92
C LYS D 28 -21.90 3.05 8.29
N GLN D 29 -21.48 1.96 8.94
CA GLN D 29 -20.81 2.04 10.21
C GLN D 29 -19.29 2.00 10.01
N PHE D 30 -18.56 2.74 10.83
CA PHE D 30 -17.11 2.82 10.81
C PHE D 30 -16.65 2.45 12.22
N TYR D 31 -15.74 1.50 12.33
CA TYR D 31 -15.29 1.05 13.62
C TYR D 31 -13.81 1.18 13.76
N ASP D 32 -13.35 1.82 14.82
CA ASP D 32 -11.92 1.89 15.07
C ASP D 32 -11.59 0.83 16.13
N LYS D 33 -10.73 -0.12 15.76
CA LYS D 33 -10.41 -1.23 16.67
C LYS D 33 -9.66 -0.84 17.93
N HIS D 34 -8.86 0.22 17.88
CA HIS D 34 -8.11 0.62 19.07
C HIS D 34 -9.02 1.34 20.06
N LEU D 35 -9.94 2.14 19.53
CA LEU D 35 -10.87 2.87 20.38
C LEU D 35 -12.12 2.06 20.68
N SER D 36 -12.31 0.93 19.99
CA SER D 36 -13.55 0.14 20.10
C SER D 36 -14.75 1.09 19.96
N GLN D 37 -14.64 2.01 19.01
CA GLN D 37 -15.64 3.08 18.83
C GLN D 37 -16.31 3.03 17.49
N ALA D 38 -17.62 3.28 17.48
CA ALA D 38 -18.41 3.23 16.25
C ALA D 38 -18.95 4.59 15.90
N SER D 39 -18.68 5.01 14.66
CA SER D 39 -19.18 6.23 14.08
C SER D 39 -19.98 5.78 12.87
N TYR D 40 -20.80 6.69 12.36
CA TYR D 40 -21.67 6.37 11.25
C TYR D 40 -21.78 7.47 10.21
N LEU D 41 -22.10 7.06 8.99
CA LEU D 41 -22.39 7.99 7.91
C LEU D 41 -23.77 7.63 7.37
N ILE D 42 -24.67 8.63 7.34
CA ILE D 42 -25.97 8.45 6.76
C ILE D 42 -26.08 9.44 5.62
N GLY D 43 -26.74 9.04 4.54
CA GLY D 43 -26.84 9.91 3.39
C GLY D 43 -28.19 9.88 2.73
N CYS D 44 -28.63 11.07 2.31
CA CYS D 44 -29.92 11.22 1.64
C CYS D 44 -29.85 10.91 0.16
N GLN D 45 -30.67 9.94 -0.22
N GLN D 45 -30.68 9.95 -0.21
CA GLN D 45 -30.79 9.43 -1.57
CA GLN D 45 -30.85 9.44 -1.55
C GLN D 45 -31.34 10.46 -2.58
C GLN D 45 -31.24 10.53 -2.53
N LYS D 46 -32.15 11.39 -2.09
CA LYS D 46 -32.73 12.42 -2.94
C LYS D 46 -31.88 13.68 -3.07
N THR D 47 -31.26 14.12 -1.98
CA THR D 47 -30.54 15.38 -2.00
C THR D 47 -29.02 15.27 -2.03
N GLY D 48 -28.48 14.14 -1.59
CA GLY D 48 -27.03 13.98 -1.53
C GLY D 48 -26.43 14.48 -0.22
N GLU D 49 -27.26 15.00 0.66
CA GLU D 49 -26.77 15.47 1.96
C GLU D 49 -26.41 14.27 2.81
N ALA D 50 -25.39 14.42 3.65
CA ALA D 50 -24.96 13.35 4.50
C ALA D 50 -24.48 13.86 5.84
N MET D 51 -24.61 13.00 6.84
CA MET D 51 -24.20 13.30 8.19
C MET D 51 -23.27 12.26 8.78
N ILE D 52 -22.26 12.73 9.51
CA ILE D 52 -21.40 11.84 10.27
C ILE D 52 -21.82 11.91 11.73
N ILE D 53 -22.06 10.76 12.33
CA ILE D 53 -22.43 10.67 13.74
C ILE D 53 -21.21 10.17 14.53
N ASP D 54 -20.82 10.96 15.53
CA ASP D 54 -19.67 10.67 16.40
C ASP D 54 -18.34 10.55 15.64
N PRO D 55 -18.01 11.56 14.85
CA PRO D 55 -16.77 11.52 14.09
C PRO D 55 -15.49 11.53 14.91
N ILE D 56 -14.52 10.76 14.45
CA ILE D 56 -13.18 10.81 15.00
C ILE D 56 -12.50 12.02 14.33
N ARG D 57 -11.26 12.32 14.72
CA ARG D 57 -10.54 13.50 14.19
C ARG D 57 -10.09 13.40 12.72
N ASP D 58 -9.80 12.20 12.24
CA ASP D 58 -9.39 11.99 10.85
C ASP D 58 -10.68 11.71 10.08
N LEU D 59 -11.06 12.64 9.21
CA LEU D 59 -12.32 12.51 8.48
C LEU D 59 -12.23 11.76 7.16
N SER D 60 -11.02 11.36 6.76
CA SER D 60 -10.78 10.75 5.47
C SER D 60 -11.66 9.55 5.11
N SER D 61 -11.91 8.64 6.05
CA SER D 61 -12.73 7.47 5.73
C SER D 61 -14.15 7.86 5.41
N TYR D 62 -14.73 8.78 6.19
CA TYR D 62 -16.07 9.24 5.89
C TYR D 62 -16.11 9.92 4.51
N ILE D 63 -15.11 10.75 4.24
CA ILE D 63 -15.04 11.49 3.00
C ILE D 63 -14.94 10.57 1.77
N ARG D 64 -14.07 9.56 1.86
N ARG D 64 -14.06 9.57 1.84
CA ARG D 64 -13.88 8.58 0.78
CA ARG D 64 -13.91 8.60 0.76
C ARG D 64 -15.20 7.82 0.47
C ARG D 64 -15.22 7.85 0.47
N VAL D 65 -15.89 7.39 1.51
CA VAL D 65 -17.16 6.65 1.33
C VAL D 65 -18.23 7.58 0.73
N ALA D 66 -18.31 8.80 1.23
CA ALA D 66 -19.27 9.77 0.72
C ALA D 66 -19.01 10.01 -0.78
N ASP D 67 -17.75 10.22 -1.14
CA ASP D 67 -17.38 10.40 -2.57
C ASP D 67 -17.86 9.25 -3.42
N GLU D 68 -17.61 8.02 -2.97
CA GLU D 68 -18.01 6.83 -3.70
C GLU D 68 -19.51 6.78 -3.91
N GLU D 69 -20.30 7.25 -2.94
CA GLU D 69 -21.76 7.20 -3.03
C GLU D 69 -22.37 8.46 -3.61
N GLY D 70 -21.57 9.41 -4.05
CA GLY D 70 -22.11 10.66 -4.61
C GLY D 70 -22.77 11.54 -3.56
N LEU D 71 -22.31 11.42 -2.31
CA LEU D 71 -22.85 12.19 -1.19
C LEU D 71 -21.91 13.33 -0.83
N THR D 72 -22.47 14.39 -0.27
CA THR D 72 -21.70 15.53 0.21
C THR D 72 -21.90 15.57 1.73
N ILE D 73 -20.81 15.61 2.48
CA ILE D 73 -20.93 15.69 3.95
C ILE D 73 -21.29 17.14 4.33
N THR D 74 -22.52 17.35 4.74
CA THR D 74 -23.04 18.66 5.07
C THR D 74 -23.42 18.79 6.55
N HIS D 75 -23.41 17.66 7.27
CA HIS D 75 -23.77 17.63 8.70
C HIS D 75 -22.89 16.67 9.50
N ALA D 76 -22.84 16.91 10.81
CA ALA D 76 -22.24 15.96 11.74
C ALA D 76 -22.95 16.15 13.06
N ALA D 77 -23.10 15.06 13.81
CA ALA D 77 -23.73 15.14 15.12
C ALA D 77 -22.94 14.34 16.13
N GLU D 78 -23.07 14.70 17.39
CA GLU D 78 -22.37 14.01 18.44
C GLU D 78 -23.32 13.64 19.58
N THR D 79 -23.20 12.40 20.08
CA THR D 79 -24.08 11.91 21.11
C THR D 79 -23.78 12.47 22.48
N HIS D 80 -22.51 12.73 22.77
CA HIS D 80 -22.12 13.27 24.07
C HIS D 80 -20.67 13.71 24.08
N ILE D 81 -20.27 14.32 25.19
CA ILE D 81 -18.89 14.75 25.39
C ILE D 81 -18.12 13.48 25.75
N HIS D 82 -17.40 12.97 24.77
CA HIS D 82 -16.71 11.70 24.95
C HIS D 82 -15.56 11.75 25.92
N ALA D 83 -15.36 10.64 26.62
CA ALA D 83 -14.26 10.50 27.55
C ALA D 83 -13.17 9.54 27.05
N ASP D 84 -13.37 8.90 25.90
CA ASP D 84 -12.44 7.84 25.44
C ASP D 84 -11.81 8.01 24.07
N PHE D 85 -12.09 9.12 23.40
CA PHE D 85 -11.42 9.48 22.16
C PHE D 85 -11.61 10.97 21.93
N ALA D 86 -10.82 11.52 21.01
CA ALA D 86 -10.89 12.94 20.68
C ALA D 86 -11.91 13.15 19.55
N SER D 87 -12.94 13.92 19.82
CA SER D 87 -13.96 14.18 18.81
C SER D 87 -13.45 14.94 17.61
N GLY D 88 -13.98 14.63 16.44
CA GLY D 88 -13.64 15.37 15.22
C GLY D 88 -14.74 16.36 14.86
N ILE D 89 -15.69 16.58 15.77
CA ILE D 89 -16.83 17.39 15.45
C ILE D 89 -16.47 18.82 15.04
N ARG D 90 -15.56 19.45 15.80
N ARG D 90 -15.57 19.45 15.80
CA ARG D 90 -15.12 20.81 15.49
CA ARG D 90 -15.14 20.82 15.48
C ARG D 90 -14.40 20.85 14.14
C ARG D 90 -14.38 20.86 14.15
N ASP D 91 -13.64 19.79 13.86
CA ASP D 91 -12.90 19.69 12.60
C ASP D 91 -13.90 19.62 11.42
N VAL D 92 -15.03 18.96 11.61
CA VAL D 92 -16.05 18.88 10.57
C VAL D 92 -16.59 20.27 10.25
N ALA D 93 -16.93 21.02 11.28
CA ALA D 93 -17.47 22.36 11.11
C ALA D 93 -16.46 23.28 10.44
N ILE D 94 -15.22 23.26 10.91
CA ILE D 94 -14.19 24.16 10.37
C ILE D 94 -13.67 23.73 9.00
N LYS D 95 -13.31 22.46 8.84
CA LYS D 95 -12.71 22.02 7.57
C LYS D 95 -13.73 21.82 6.44
N LEU D 96 -14.93 21.34 6.76
CA LEU D 96 -15.93 21.09 5.71
C LEU D 96 -17.06 22.11 5.70
N ASN D 97 -17.01 23.10 6.59
CA ASN D 97 -18.11 24.08 6.68
C ASN D 97 -19.49 23.42 6.82
N ALA D 98 -19.52 22.29 7.52
CA ALA D 98 -20.75 21.59 7.72
C ALA D 98 -21.44 22.06 8.99
N ASN D 99 -22.75 21.92 9.04
CA ASN D 99 -23.47 22.19 10.27
C ASN D 99 -23.18 21.09 11.27
N ILE D 100 -22.94 21.43 12.52
CA ILE D 100 -22.70 20.39 13.54
C ILE D 100 -23.74 20.51 14.65
N TYR D 101 -24.16 19.36 15.17
CA TYR D 101 -25.21 19.28 16.18
C TYR D 101 -24.70 18.60 17.42
N VAL D 102 -24.77 19.33 18.52
CA VAL D 102 -24.35 18.80 19.80
C VAL D 102 -25.43 19.10 20.84
N SER D 103 -25.41 18.32 21.92
CA SER D 103 -26.38 18.49 22.99
C SER D 103 -26.29 19.84 23.68
N GLY D 104 -27.45 20.46 23.84
CA GLY D 104 -27.57 21.68 24.59
C GLY D 104 -28.19 21.37 25.94
N GLU D 105 -28.35 20.07 26.25
CA GLU D 105 -28.93 19.62 27.54
C GLU D 105 -27.89 19.52 28.64
N SER D 106 -27.34 20.65 29.04
N SER D 106 -27.32 20.67 29.01
CA SER D 106 -26.31 20.68 30.07
CA SER D 106 -26.27 20.73 30.02
C SER D 106 -26.52 21.88 30.99
C SER D 106 -26.52 21.87 30.99
N ASP D 107 -25.76 21.91 32.07
CA ASP D 107 -25.81 23.02 33.03
C ASP D 107 -24.88 24.08 32.47
N ASP D 108 -24.54 25.08 33.28
CA ASP D 108 -23.72 26.21 32.84
C ASP D 108 -22.21 26.01 32.87
N THR D 109 -21.73 24.89 33.39
CA THR D 109 -20.29 24.69 33.49
C THR D 109 -19.73 23.44 32.80
N LEU D 110 -20.58 22.44 32.54
CA LEU D 110 -20.14 21.19 31.91
C LEU D 110 -20.58 21.04 30.45
N GLY D 111 -21.18 22.07 29.89
CA GLY D 111 -21.63 22.03 28.51
C GLY D 111 -20.50 22.38 27.54
N TYR D 112 -20.78 22.23 26.25
CA TYR D 112 -19.81 22.52 25.20
C TYR D 112 -19.41 23.99 25.24
N LYS D 113 -18.13 24.25 25.02
CA LYS D 113 -17.60 25.62 25.04
C LYS D 113 -16.77 25.90 23.79
N ASN D 114 -16.56 27.19 23.50
CA ASN D 114 -15.74 27.62 22.38
C ASN D 114 -16.13 26.92 21.08
N MET D 115 -17.43 26.78 20.81
CA MET D 115 -17.85 26.06 19.61
C MET D 115 -17.67 26.93 18.39
N PRO D 116 -17.29 26.33 17.26
CA PRO D 116 -17.03 27.09 16.07
C PRO D 116 -18.29 27.46 15.36
N ASN D 117 -18.10 28.21 14.27
CA ASN D 117 -19.18 28.64 13.42
C ASN D 117 -19.89 27.40 12.89
N HIS D 118 -21.22 27.50 12.72
CA HIS D 118 -22.09 26.41 12.23
C HIS D 118 -22.50 25.40 13.31
N THR D 119 -22.36 25.74 14.59
CA THR D 119 -22.75 24.80 15.66
C THR D 119 -24.19 25.06 16.08
N HIS D 120 -24.93 23.98 16.28
CA HIS D 120 -26.32 24.02 16.71
C HIS D 120 -26.43 23.16 17.96
N PHE D 121 -26.96 23.74 19.04
CA PHE D 121 -27.15 23.03 20.29
C PHE D 121 -28.56 22.52 20.24
N VAL D 122 -28.73 21.22 20.37
CA VAL D 122 -30.06 20.60 20.27
C VAL D 122 -30.63 20.23 21.63
N GLN D 123 -31.96 20.13 21.67
CA GLN D 123 -32.71 19.83 22.87
C GLN D 123 -33.55 18.58 22.62
N HIS D 124 -34.03 17.96 23.70
CA HIS D 124 -34.95 16.84 23.61
C HIS D 124 -36.12 17.24 22.72
N ASN D 125 -36.49 16.33 21.83
CA ASN D 125 -37.58 16.48 20.85
C ASN D 125 -37.27 17.29 19.60
N ASP D 126 -36.09 17.92 19.51
CA ASP D 126 -35.73 18.60 18.27
C ASP D 126 -35.64 17.60 17.12
N ASP D 127 -35.89 18.11 15.91
CA ASP D 127 -35.78 17.34 14.70
C ASP D 127 -34.67 17.90 13.84
N ILE D 128 -33.80 17.03 13.36
CA ILE D 128 -32.73 17.41 12.46
C ILE D 128 -32.98 16.66 11.14
N TYR D 129 -32.98 17.39 10.03
CA TYR D 129 -33.16 16.79 8.72
C TYR D 129 -31.85 16.77 7.93
N VAL D 130 -31.46 15.58 7.50
CA VAL D 130 -30.29 15.42 6.64
C VAL D 130 -30.97 15.09 5.32
N GLY D 131 -31.14 16.09 4.48
CA GLY D 131 -31.92 15.92 3.27
C GLY D 131 -33.33 15.58 3.72
N ASN D 132 -33.86 14.45 3.26
CA ASN D 132 -35.20 13.99 3.64
C ASN D 132 -35.17 13.04 4.84
N ILE D 133 -34.00 12.71 5.34
CA ILE D 133 -33.89 11.83 6.51
C ILE D 133 -34.21 12.65 7.74
N LYS D 134 -34.99 12.08 8.64
CA LYS D 134 -35.31 12.77 9.87
C LYS D 134 -34.68 12.10 11.07
N LEU D 135 -34.05 12.91 11.91
CA LEU D 135 -33.48 12.46 13.17
C LEU D 135 -34.20 13.18 14.31
N LYS D 136 -34.82 12.44 15.22
CA LYS D 136 -35.43 13.05 16.39
C LYS D 136 -34.43 12.94 17.53
N VAL D 137 -34.16 14.06 18.18
CA VAL D 137 -33.22 14.08 19.28
C VAL D 137 -33.94 13.67 20.56
N LEU D 138 -33.38 12.68 21.24
CA LEU D 138 -33.92 12.21 22.52
C LEU D 138 -32.85 12.43 23.59
N HIS D 139 -33.19 13.18 24.62
CA HIS D 139 -32.26 13.40 25.72
C HIS D 139 -32.25 12.10 26.53
N THR D 140 -31.13 11.40 26.53
CA THR D 140 -31.02 10.14 27.24
C THR D 140 -29.87 10.22 28.24
N PRO D 141 -30.04 11.04 29.28
CA PRO D 141 -28.93 11.15 30.21
C PRO D 141 -28.68 9.89 31.05
N GLY D 142 -27.49 9.83 31.66
CA GLY D 142 -27.09 8.72 32.53
C GLY D 142 -25.58 8.54 32.45
N HIS D 143 -25.11 8.19 31.27
CA HIS D 143 -23.70 8.05 31.02
C HIS D 143 -23.05 9.41 31.26
N THR D 144 -23.71 10.45 30.76
CA THR D 144 -23.34 11.84 31.01
C THR D 144 -24.65 12.60 31.16
N PRO D 145 -24.62 13.76 31.81
CA PRO D 145 -25.90 14.46 31.93
C PRO D 145 -26.44 14.99 30.58
N GLU D 146 -25.56 15.23 29.61
CA GLU D 146 -26.00 15.79 28.32
C GLU D 146 -26.26 14.77 27.22
N SER D 147 -25.94 13.50 27.46
CA SER D 147 -26.11 12.45 26.46
C SER D 147 -27.44 12.51 25.71
N ILE D 148 -27.34 12.45 24.39
CA ILE D 148 -28.50 12.39 23.52
C ILE D 148 -28.35 11.22 22.56
N SER D 149 -29.48 10.74 22.09
CA SER D 149 -29.57 9.65 21.12
C SER D 149 -30.39 10.20 19.96
N PHE D 150 -30.18 9.67 18.77
CA PHE D 150 -30.85 10.16 17.57
C PHE D 150 -31.73 9.08 16.98
N LEU D 151 -33.03 9.35 16.92
CA LEU D 151 -34.00 8.39 16.38
C LEU D 151 -34.23 8.72 14.92
N LEU D 152 -33.82 7.80 14.05
CA LEU D 152 -33.91 7.99 12.61
C LEU D 152 -35.15 7.42 11.94
N THR D 153 -35.74 8.25 11.08
CA THR D 153 -36.87 7.85 10.24
C THR D 153 -36.54 8.20 8.79
N ASP D 154 -36.68 7.21 7.92
CA ASP D 154 -36.39 7.32 6.49
C ASP D 154 -37.61 7.92 5.78
N GLU D 155 -37.89 9.20 6.04
CA GLU D 155 -39.04 9.86 5.42
C GLU D 155 -38.91 9.99 3.91
N GLY D 156 -37.68 10.09 3.40
CA GLY D 156 -37.45 10.16 1.97
C GLY D 156 -37.93 8.91 1.25
N ALA D 157 -38.01 7.78 1.96
CA ALA D 157 -38.51 6.52 1.41
C ALA D 157 -40.01 6.37 1.72
N GLY D 158 -40.57 7.34 2.45
CA GLY D 158 -41.96 7.34 2.82
C GLY D 158 -42.25 6.59 4.12
N ALA D 159 -41.21 6.28 4.89
CA ALA D 159 -41.41 5.51 6.12
C ALA D 159 -42.20 6.33 7.13
N GLN D 160 -43.15 5.68 7.79
CA GLN D 160 -43.99 6.31 8.78
C GLN D 160 -43.55 5.91 10.17
N VAL D 161 -42.53 5.07 10.24
CA VAL D 161 -42.07 4.54 11.49
C VAL D 161 -40.54 4.63 11.54
N PRO D 162 -39.98 4.63 12.76
CA PRO D 162 -38.55 4.76 12.92
C PRO D 162 -37.80 3.46 12.58
N MET D 163 -36.56 3.61 12.14
CA MET D 163 -35.70 2.50 11.72
C MET D 163 -34.71 2.12 12.81
N GLY D 164 -34.17 3.11 13.49
CA GLY D 164 -33.19 2.85 14.51
C GLY D 164 -32.80 4.05 15.34
N LEU D 165 -32.03 3.75 16.39
CA LEU D 165 -31.55 4.69 17.35
C LEU D 165 -30.02 4.70 17.44
N PHE D 166 -29.42 5.86 17.18
CA PHE D 166 -27.99 6.06 17.39
C PHE D 166 -27.94 6.32 18.88
N SER D 167 -27.51 5.33 19.64
CA SER D 167 -27.59 5.38 21.11
C SER D 167 -26.35 5.83 21.85
N GLY D 168 -25.28 6.12 21.13
CA GLY D 168 -24.03 6.55 21.77
C GLY D 168 -23.62 5.58 22.83
N ASP D 169 -23.34 6.08 24.03
CA ASP D 169 -22.95 5.24 25.15
C ASP D 169 -24.10 5.02 26.16
N PHE D 170 -25.33 5.23 25.69
CA PHE D 170 -26.51 5.01 26.50
C PHE D 170 -26.81 3.51 26.49
N ILE D 171 -27.12 2.97 25.31
CA ILE D 171 -27.39 1.55 25.13
C ILE D 171 -26.32 0.91 24.21
N PHE D 172 -25.71 -0.15 24.71
CA PHE D 172 -24.75 -0.92 23.96
C PHE D 172 -25.42 -2.23 23.63
N VAL D 173 -24.71 -3.08 22.90
CA VAL D 173 -25.23 -4.39 22.60
C VAL D 173 -24.90 -5.24 23.83
N GLY D 174 -25.93 -5.62 24.59
CA GLY D 174 -25.74 -6.46 25.75
C GLY D 174 -25.48 -5.72 27.06
N ASP D 175 -25.37 -4.40 27.02
CA ASP D 175 -25.10 -3.61 28.23
C ASP D 175 -25.47 -2.13 28.06
N ILE D 176 -25.19 -1.32 29.07
CA ILE D 176 -25.45 0.11 29.00
C ILE D 176 -24.26 0.89 29.54
N GLY D 177 -24.23 2.19 29.27
CA GLY D 177 -23.11 3.01 29.72
C GLY D 177 -23.08 3.21 31.21
N ARG D 178 -21.90 3.58 31.72
CA ARG D 178 -21.73 3.85 33.13
C ARG D 178 -21.65 5.34 33.35
N PRO D 179 -22.15 5.83 34.49
CA PRO D 179 -22.08 7.27 34.75
C PRO D 179 -20.70 7.63 35.23
N ASP D 180 -20.26 8.87 35.00
CA ASP D 180 -18.96 9.30 35.54
C ASP D 180 -19.11 9.84 36.96
N LEU D 181 -18.00 9.85 37.71
CA LEU D 181 -17.97 10.39 39.08
C LEU D 181 -18.09 11.93 39.05
N GLY D 190 -23.53 10.87 45.45
CA GLY D 190 -22.73 11.80 44.67
C GLY D 190 -23.20 11.89 43.23
N SER D 191 -22.35 12.41 42.35
CA SER D 191 -22.69 12.55 40.93
C SER D 191 -22.83 11.20 40.22
N SER D 192 -22.24 10.15 40.80
CA SER D 192 -22.36 8.79 40.23
C SER D 192 -23.80 8.25 40.44
N GLU D 193 -24.34 8.48 41.63
CA GLU D 193 -25.73 8.05 41.95
C GLU D 193 -26.77 8.84 41.15
N ILE D 194 -26.59 10.16 41.03
CA ILE D 194 -27.50 10.98 40.23
C ILE D 194 -27.51 10.47 38.78
N GLY D 195 -26.35 10.15 38.23
CA GLY D 195 -26.25 9.63 36.88
C GLY D 195 -26.94 8.27 36.78
N ALA D 196 -26.73 7.44 37.80
CA ALA D 196 -27.34 6.13 37.84
C ALA D 196 -28.87 6.27 37.76
N LYS D 197 -29.42 7.19 38.55
CA LYS D 197 -30.88 7.45 38.55
C LYS D 197 -31.38 7.99 37.20
N GLN D 198 -30.63 8.89 36.59
CA GLN D 198 -30.98 9.40 35.26
C GLN D 198 -30.96 8.25 34.26
N MET D 199 -29.95 7.39 34.34
CA MET D 199 -29.88 6.23 33.43
C MET D 199 -31.12 5.33 33.54
N PHE D 200 -31.54 5.03 34.76
CA PHE D 200 -32.71 4.19 35.00
C PHE D 200 -33.94 4.82 34.35
N LYS D 201 -34.09 6.13 34.54
CA LYS D 201 -35.20 6.85 33.97
C LYS D 201 -35.13 6.88 32.41
N SER D 202 -33.93 7.06 31.86
CA SER D 202 -33.77 7.09 30.39
C SER D 202 -34.15 5.71 29.81
N ILE D 203 -33.73 4.64 30.47
CA ILE D 203 -34.06 3.29 30.01
C ILE D 203 -35.58 3.10 30.00
N GLU D 204 -36.25 3.55 31.05
CA GLU D 204 -37.70 3.44 31.13
C GLU D 204 -38.33 4.18 29.96
N SER D 205 -37.88 5.40 29.69
CA SER D 205 -38.49 6.18 28.61
C SER D 205 -38.31 5.52 27.23
N ILE D 206 -37.14 4.94 26.98
CA ILE D 206 -36.86 4.33 25.68
C ILE D 206 -37.66 3.04 25.41
N LYS D 207 -38.23 2.43 26.44
CA LYS D 207 -38.99 1.18 26.23
C LYS D 207 -40.25 1.35 25.35
N ASP D 208 -40.74 2.57 25.27
N ASP D 208 -40.74 2.57 25.27
CA ASP D 208 -41.96 2.89 24.51
CA ASP D 208 -41.96 2.86 24.51
C ASP D 208 -41.75 2.85 22.99
C ASP D 208 -41.75 2.85 22.99
N LEU D 209 -40.49 2.84 22.54
CA LEU D 209 -40.21 2.79 21.12
C LEU D 209 -40.49 1.38 20.58
N PRO D 210 -40.66 1.26 19.25
CA PRO D 210 -40.95 -0.04 18.68
C PRO D 210 -39.79 -1.02 18.88
N ASP D 211 -40.13 -2.27 19.17
CA ASP D 211 -39.11 -3.30 19.40
C ASP D 211 -38.33 -3.70 18.17
N TYR D 212 -38.86 -3.38 16.99
CA TYR D 212 -38.18 -3.67 15.74
C TYR D 212 -37.12 -2.62 15.32
N ILE D 213 -36.98 -1.53 16.06
CA ILE D 213 -35.95 -0.56 15.69
C ILE D 213 -34.55 -1.13 15.95
N GLN D 214 -33.62 -0.76 15.09
CA GLN D 214 -32.23 -1.10 15.29
C GLN D 214 -31.62 -0.20 16.34
N ILE D 215 -30.58 -0.72 17.00
CA ILE D 215 -29.78 0.00 18.01
C ILE D 215 -28.37 0.10 17.44
N TRP D 216 -27.92 1.33 17.26
CA TRP D 216 -26.63 1.63 16.67
C TRP D 216 -25.77 2.30 17.74
N PRO D 217 -25.02 1.50 18.49
CA PRO D 217 -24.26 2.03 19.61
C PRO D 217 -23.00 2.80 19.24
N GLY D 218 -22.48 3.54 20.21
CA GLY D 218 -21.31 4.38 20.02
C GLY D 218 -20.01 3.66 20.27
N HIS D 219 -20.09 2.56 21.03
CA HIS D 219 -18.92 1.72 21.31
C HIS D 219 -19.29 0.25 21.30
N GLY D 220 -18.27 -0.58 21.11
CA GLY D 220 -18.44 -2.02 21.07
C GLY D 220 -17.35 -2.76 21.83
N ALA D 221 -17.23 -4.06 21.52
CA ALA D 221 -16.28 -4.96 22.17
C ALA D 221 -14.89 -4.35 22.33
N GLY D 222 -14.44 -4.25 23.57
CA GLY D 222 -13.11 -3.73 23.91
C GLY D 222 -13.05 -2.39 24.66
N SER D 223 -14.20 -1.73 24.83
CA SER D 223 -14.23 -0.41 25.52
C SER D 223 -13.94 -0.48 27.02
N LYS D 227 -18.96 -3.69 32.53
CA LYS D 227 -19.00 -3.35 31.10
C LYS D 227 -18.40 -4.47 30.24
N SER D 228 -19.17 -4.88 29.23
CA SER D 228 -18.76 -5.92 28.28
C SER D 228 -19.71 -5.79 27.10
N LEU D 229 -19.22 -5.17 26.02
CA LEU D 229 -20.04 -4.87 24.85
C LEU D 229 -19.91 -5.94 23.77
N GLY D 230 -20.98 -6.08 22.98
CA GLY D 230 -21.01 -7.07 21.91
C GLY D 230 -20.12 -6.69 20.75
N ALA D 231 -19.64 -7.71 20.02
CA ALA D 231 -18.83 -7.53 18.82
C ALA D 231 -19.80 -7.18 17.67
N ILE D 232 -20.98 -7.79 17.68
CA ILE D 232 -21.98 -7.52 16.66
C ILE D 232 -22.19 -6.01 16.69
N PRO D 233 -22.13 -5.38 15.50
CA PRO D 233 -22.17 -3.95 15.46
C PRO D 233 -23.54 -3.34 15.67
N THR D 234 -24.60 -4.15 15.63
CA THR D 234 -25.98 -3.67 15.69
C THR D 234 -26.86 -4.62 16.48
N SER D 235 -27.86 -4.06 17.15
CA SER D 235 -28.85 -4.87 17.83
C SER D 235 -30.23 -4.27 17.52
N THR D 236 -31.23 -4.68 18.26
CA THR D 236 -32.58 -4.17 18.10
C THR D 236 -33.11 -4.01 19.52
N LEU D 237 -34.05 -3.09 19.71
CA LEU D 237 -34.61 -2.82 21.03
C LEU D 237 -35.26 -4.06 21.61
N GLY D 238 -36.03 -4.76 20.79
CA GLY D 238 -36.69 -5.98 21.24
C GLY D 238 -35.71 -7.04 21.71
N TYR D 239 -34.60 -7.20 21.01
CA TYR D 239 -33.59 -8.20 21.40
C TYR D 239 -32.88 -7.72 22.68
N GLU D 240 -32.60 -6.43 22.78
CA GLU D 240 -32.00 -5.92 24.01
C GLU D 240 -32.95 -6.17 25.18
N LYS D 241 -34.25 -5.93 24.98
CA LYS D 241 -35.23 -6.16 26.03
C LYS D 241 -35.17 -7.59 26.57
N GLN D 242 -34.87 -8.56 25.69
CA GLN D 242 -34.76 -9.97 26.06
C GLN D 242 -33.41 -10.37 26.68
N THR D 243 -32.33 -9.68 26.33
CA THR D 243 -31.01 -10.11 26.71
C THR D 243 -30.12 -9.11 27.49
N ASN D 244 -30.48 -7.83 27.46
CA ASN D 244 -29.72 -6.79 28.15
C ASN D 244 -30.27 -6.66 29.57
N TRP D 245 -29.43 -6.95 30.56
CA TRP D 245 -29.82 -6.91 31.99
C TRP D 245 -30.54 -5.62 32.38
N ALA D 246 -30.13 -4.49 31.79
CA ALA D 246 -30.70 -3.19 32.16
C ALA D 246 -32.18 -3.03 31.83
N PHE D 247 -32.71 -3.81 30.89
CA PHE D 247 -34.12 -3.70 30.55
C PHE D 247 -34.98 -4.61 31.43
N SER D 248 -34.35 -5.45 32.24
CA SER D 248 -35.09 -6.37 33.10
C SER D 248 -35.05 -6.01 34.58
N GLU D 249 -34.18 -5.09 34.98
CA GLU D 249 -34.12 -4.70 36.37
C GLU D 249 -35.10 -3.55 36.61
N ASN D 250 -36.21 -3.85 37.28
CA ASN D 250 -37.29 -2.89 37.52
C ASN D 250 -37.19 -2.06 38.79
N ASN D 251 -36.25 -2.37 39.67
CA ASN D 251 -36.10 -1.65 40.94
C ASN D 251 -34.91 -0.71 40.86
N GLU D 252 -35.16 0.57 41.08
CA GLU D 252 -34.12 1.59 40.97
C GLU D 252 -32.90 1.33 41.85
N ALA D 253 -33.14 1.05 43.14
CA ALA D 253 -32.01 0.80 44.05
C ALA D 253 -31.16 -0.37 43.56
N THR D 254 -31.82 -1.40 43.04
CA THR D 254 -31.09 -2.58 42.56
C THR D 254 -30.35 -2.26 41.26
N PHE D 255 -31.03 -1.53 40.38
CA PHE D 255 -30.46 -1.08 39.12
C PHE D 255 -29.20 -0.24 39.37
N ILE D 256 -29.32 0.73 40.27
CA ILE D 256 -28.20 1.62 40.62
C ILE D 256 -26.99 0.83 41.15
N ASP D 257 -27.23 -0.03 42.12
N ASP D 257 -27.23 -0.07 42.09
CA ASP D 257 -26.16 -0.83 42.72
CA ASP D 257 -26.15 -0.88 42.64
C ASP D 257 -25.44 -1.67 41.67
C ASP D 257 -25.40 -1.64 41.56
N LYS D 258 -26.19 -2.29 40.78
N LYS D 258 -26.09 -2.46 40.79
CA LYS D 258 -25.62 -3.16 39.75
CA LYS D 258 -25.41 -3.20 39.73
C LYS D 258 -24.83 -2.34 38.71
C LYS D 258 -24.70 -2.28 38.74
N LEU D 259 -25.30 -1.12 38.47
CA LEU D 259 -24.69 -0.20 37.52
C LEU D 259 -23.39 0.40 38.04
N ILE D 260 -23.39 0.89 39.28
CA ILE D 260 -22.21 1.59 39.79
C ILE D 260 -21.36 0.81 40.76
N SER D 261 -21.46 -0.52 40.74
CA SER D 261 -20.62 -1.38 41.58
C SER D 261 -19.65 -2.16 40.71
N ASP D 262 -18.45 -2.37 41.22
CA ASP D 262 -17.39 -3.09 40.50
C ASP D 262 -16.99 -2.37 39.22
N GLN D 263 -17.09 -1.05 39.21
CA GLN D 263 -16.68 -0.28 38.03
C GLN D 263 -15.19 -0.06 38.09
N PRO D 264 -14.46 -0.53 37.07
CA PRO D 264 -13.01 -0.38 37.11
C PRO D 264 -12.61 1.10 37.14
N ALA D 265 -11.38 1.36 37.59
CA ALA D 265 -10.87 2.73 37.64
C ALA D 265 -10.68 3.21 36.20
N PRO D 266 -11.08 4.46 35.92
CA PRO D 266 -10.92 4.98 34.55
C PRO D 266 -9.46 5.15 34.18
N PRO D 267 -9.10 4.90 32.91
CA PRO D 267 -7.72 5.12 32.50
C PRO D 267 -7.42 6.61 32.68
N HIS D 268 -6.15 6.97 32.81
CA HIS D 268 -5.79 8.37 33.09
C HIS D 268 -6.02 9.36 31.95
N HIS D 269 -6.20 8.86 30.72
CA HIS D 269 -6.43 9.76 29.60
C HIS D 269 -7.88 10.23 29.51
N PHE D 270 -8.79 9.59 30.25
CA PHE D 270 -10.20 9.97 30.18
C PHE D 270 -10.44 11.44 30.57
N ALA D 271 -9.78 11.94 31.61
CA ALA D 271 -9.97 13.36 32.00
C ALA D 271 -9.50 14.32 30.90
N GLN D 272 -8.39 13.97 30.25
CA GLN D 272 -7.88 14.78 29.16
C GLN D 272 -8.90 14.79 28.01
N MET D 273 -9.51 13.63 27.73
CA MET D 273 -10.50 13.55 26.64
C MET D 273 -11.72 14.41 26.93
N LYS D 274 -12.24 14.35 28.16
CA LYS D 274 -13.40 15.15 28.54
C LYS D 274 -13.11 16.64 28.34
N LYS D 275 -11.91 17.04 28.74
CA LYS D 275 -11.49 18.44 28.61
C LYS D 275 -11.40 18.88 27.14
N ILE D 276 -10.66 18.15 26.30
CA ILE D 276 -10.53 18.57 24.91
C ILE D 276 -11.84 18.47 24.14
N ASN D 277 -12.73 17.57 24.54
CA ASN D 277 -14.02 17.48 23.85
C ASN D 277 -14.98 18.58 24.31
N GLN D 278 -14.86 19.02 25.55
CA GLN D 278 -15.70 20.11 26.03
C GLN D 278 -15.20 21.45 25.52
N PHE D 279 -13.88 21.65 25.53
CA PHE D 279 -13.26 22.95 25.20
C PHE D 279 -12.59 23.05 23.84
N GLY D 280 -12.29 21.90 23.23
CA GLY D 280 -11.64 21.88 21.93
C GLY D 280 -10.13 21.76 22.00
N MET D 281 -9.52 21.31 20.90
CA MET D 281 -8.08 21.23 20.78
C MET D 281 -7.74 21.61 19.34
N ASN D 282 -6.46 21.64 19.02
CA ASN D 282 -6.03 21.97 17.67
C ASN D 282 -6.64 21.04 16.61
N LEU D 283 -6.82 21.58 15.43
CA LEU D 283 -7.32 20.81 14.32
C LEU D 283 -6.38 19.64 14.04
N TYR D 284 -6.93 18.53 13.60
CA TYR D 284 -6.13 17.38 13.26
C TYR D 284 -5.30 17.63 12.00
N GLN D 285 -4.02 17.32 12.10
CA GLN D 285 -3.14 17.27 10.94
C GLN D 285 -2.14 16.14 11.14
N PRO D 286 -1.86 15.38 10.10
CA PRO D 286 -0.78 14.39 10.27
C PRO D 286 0.55 15.14 10.40
N TYR D 287 1.56 14.47 10.94
CA TYR D 287 2.86 15.10 11.10
C TYR D 287 3.99 14.10 11.01
N THR D 288 5.19 14.60 10.77
CA THR D 288 6.35 13.75 10.63
C THR D 288 6.93 13.27 11.97
N VAL D 289 7.27 11.97 12.00
CA VAL D 289 7.95 11.37 13.13
C VAL D 289 9.23 10.72 12.58
N TYR D 290 10.33 11.44 12.78
CA TYR D 290 11.63 11.05 12.28
C TYR D 290 12.51 10.60 13.45
N PRO D 291 13.70 10.03 13.17
CA PRO D 291 14.58 9.56 14.25
C PRO D 291 14.78 10.61 15.31
N ALA D 292 14.60 10.18 16.56
CA ALA D 292 14.68 11.08 17.70
C ALA D 292 16.06 11.67 17.89
N THR D 293 16.14 12.95 18.18
N THR D 293 16.10 12.97 18.19
CA THR D 293 17.43 13.58 18.45
CA THR D 293 17.34 13.71 18.41
C THR D 293 17.89 13.31 19.89
C THR D 293 17.68 13.82 19.92
N ASN D 294 16.99 13.38 20.87
N ASN D 294 16.83 13.25 20.77
CA ASN D 294 17.38 13.07 22.25
CA ASN D 294 17.04 13.23 22.22
C ASN D 294 16.53 11.93 22.84
C ASN D 294 16.22 12.10 22.84
N THR D 295 17.16 11.13 23.71
N THR D 295 16.75 11.53 23.92
CA THR D 295 16.48 9.99 24.31
CA THR D 295 16.04 10.44 24.60
C THR D 295 15.74 10.36 25.59
C THR D 295 15.14 11.02 25.68
N ASN D 296 15.88 11.63 25.97
N ASN D 296 14.01 10.38 25.97
CA ASN D 296 15.32 12.16 27.22
CA ASN D 296 13.17 10.86 27.08
C ASN D 296 13.81 12.19 27.42
C ASN D 296 12.54 9.81 28.02
N ARG D 297 13.07 11.30 26.78
N ARG D 297 12.24 10.27 29.23
CA ARG D 297 11.62 11.35 26.94
CA ARG D 297 11.74 9.42 30.30
C ARG D 297 11.04 10.02 27.35
C ARG D 297 10.48 8.68 29.93
N LEU D 298 9.78 10.06 27.81
N LEU D 298 9.86 9.10 28.83
CA LEU D 298 9.05 8.85 28.16
CA LEU D 298 8.65 8.48 28.39
C LEU D 298 9.03 8.11 26.81
C LEU D 298 8.84 8.04 26.94
N THR D 299 9.31 6.81 26.80
CA THR D 299 9.50 6.13 25.54
C THR D 299 8.76 4.80 25.52
N PHE D 300 7.93 4.60 24.50
CA PHE D 300 7.11 3.41 24.38
C PHE D 300 7.59 2.54 23.23
N ASP D 301 7.81 1.27 23.56
CA ASP D 301 8.29 0.25 22.62
C ASP D 301 7.06 -0.46 22.10
N LEU D 302 6.89 -0.38 20.79
CA LEU D 302 5.70 -0.84 20.11
C LEU D 302 5.71 -2.30 19.73
N ARG D 303 6.80 -3.01 20.03
CA ARG D 303 6.89 -4.41 19.63
C ARG D 303 6.06 -5.33 20.51
N SER D 304 5.96 -6.60 20.10
CA SER D 304 5.22 -7.58 20.88
C SER D 304 5.88 -7.79 22.22
N LYS D 305 5.12 -8.34 23.18
CA LYS D 305 5.67 -8.59 24.48
C LYS D 305 6.79 -9.64 24.39
N GLU D 306 6.72 -10.54 23.41
CA GLU D 306 7.76 -11.55 23.26
C GLU D 306 9.07 -10.90 22.79
N ALA D 307 8.98 -10.06 21.78
CA ALA D 307 10.17 -9.36 21.28
C ALA D 307 10.79 -8.48 22.39
N TYR D 308 9.95 -7.77 23.14
CA TYR D 308 10.43 -6.93 24.23
C TYR D 308 11.15 -7.77 25.27
N HIS D 309 10.56 -8.92 25.59
CA HIS D 309 11.19 -9.86 26.54
C HIS D 309 12.53 -10.41 26.01
N GLY D 310 12.58 -10.74 24.73
CA GLY D 310 13.82 -11.24 24.14
C GLY D 310 14.93 -10.20 24.05
N GLY D 311 14.59 -8.92 24.11
CA GLY D 311 15.62 -7.88 24.06
C GLY D 311 15.07 -6.47 23.92
N HIS D 312 15.51 -5.57 24.80
CA HIS D 312 15.07 -4.18 24.75
C HIS D 312 16.06 -3.20 25.36
N ILE D 313 15.79 -1.93 25.10
CA ILE D 313 16.58 -0.80 25.59
C ILE D 313 16.08 -0.46 27.00
N GLU D 314 16.98 -0.09 27.91
CA GLU D 314 16.56 0.30 29.27
C GLU D 314 15.78 1.60 29.23
N GLY D 315 14.89 1.77 30.19
CA GLY D 315 14.11 2.99 30.34
C GLY D 315 12.95 3.16 29.39
N THR D 316 12.42 2.05 28.88
CA THR D 316 11.29 2.12 27.96
C THR D 316 10.12 1.38 28.58
N ILE D 317 8.96 1.57 27.98
CA ILE D 317 7.73 0.94 28.43
C ILE D 317 7.14 0.21 27.24
N ASN D 318 6.96 -1.09 27.37
CA ASN D 318 6.42 -1.89 26.28
C ASN D 318 4.91 -1.70 26.19
N ILE D 319 4.44 -1.17 25.08
CA ILE D 319 3.02 -1.06 24.79
C ILE D 319 2.87 -1.63 23.39
N PRO D 320 2.68 -2.96 23.28
CA PRO D 320 2.54 -3.50 21.92
C PRO D 320 1.43 -2.84 21.11
N TYR D 321 1.73 -2.59 19.83
CA TYR D 321 0.78 -1.97 18.93
C TYR D 321 -0.21 -3.01 18.40
N ASP D 322 -1.10 -3.47 19.28
CA ASP D 322 -2.14 -4.42 18.90
C ASP D 322 -3.47 -3.75 19.25
N LYS D 323 -4.55 -4.49 19.25
CA LYS D 323 -5.86 -3.88 19.54
C LYS D 323 -5.98 -3.22 20.90
N ASN D 324 -5.13 -3.61 21.86
CA ASN D 324 -5.14 -3.03 23.21
C ASN D 324 -4.17 -1.87 23.38
N PHE D 325 -3.62 -1.39 22.28
CA PHE D 325 -2.64 -0.27 22.32
C PHE D 325 -3.13 0.97 23.09
N ILE D 326 -4.30 1.47 22.75
CA ILE D 326 -4.81 2.66 23.43
C ILE D 326 -5.20 2.35 24.89
N ASN D 327 -5.86 1.24 25.10
CA ASN D 327 -6.23 0.87 26.46
C ASN D 327 -5.01 0.82 27.40
N GLN D 328 -3.88 0.40 26.86
CA GLN D 328 -2.65 0.29 27.63
C GLN D 328 -1.91 1.61 27.76
N ILE D 329 -1.71 2.32 26.64
CA ILE D 329 -0.91 3.54 26.69
C ILE D 329 -1.61 4.66 27.50
N GLY D 330 -2.94 4.61 27.55
CA GLY D 330 -3.72 5.58 28.30
C GLY D 330 -3.33 5.67 29.78
N TRP D 331 -2.83 4.60 30.37
CA TRP D 331 -2.42 4.64 31.77
C TRP D 331 -1.17 5.49 31.96
N TYR D 332 -0.29 5.45 30.96
CA TYR D 332 1.03 6.10 31.04
C TYR D 332 1.17 7.45 30.36
N LEU D 333 0.33 7.71 29.37
CA LEU D 333 0.49 8.89 28.54
C LEU D 333 0.36 10.21 29.30
N ASN D 334 1.37 11.06 29.15
CA ASN D 334 1.39 12.38 29.74
C ASN D 334 1.22 13.37 28.61
N TYR D 335 0.04 14.01 28.54
CA TYR D 335 -0.27 14.96 27.46
C TYR D 335 0.53 16.24 27.51
N ASP D 336 1.18 16.50 28.64
CA ASP D 336 1.99 17.74 28.79
C ASP D 336 3.44 17.57 28.37
N GLN D 337 3.82 16.35 28.00
N GLN D 337 3.83 16.39 27.94
CA GLN D 337 5.18 16.01 27.58
CA GLN D 337 5.20 16.17 27.52
C GLN D 337 5.21 15.42 26.17
C GLN D 337 5.25 15.40 26.21
N GLU D 338 6.38 15.55 25.53
CA GLU D 338 6.65 14.92 24.27
C GLU D 338 7.13 13.52 24.59
N ILE D 339 6.83 12.56 23.73
CA ILE D 339 7.25 11.19 23.96
C ILE D 339 8.02 10.69 22.74
N ASN D 340 8.82 9.64 22.93
CA ASN D 340 9.49 8.95 21.84
C ASN D 340 8.87 7.56 21.72
N LEU D 341 8.97 6.98 20.52
CA LEU D 341 8.52 5.61 20.26
C LEU D 341 9.69 4.76 19.76
N ILE D 342 9.58 3.46 19.97
CA ILE D 342 10.55 2.49 19.50
C ILE D 342 9.85 1.53 18.53
N GLY D 343 10.41 1.44 17.33
CA GLY D 343 9.89 0.60 16.29
C GLY D 343 10.44 1.05 14.95
N ASP D 344 10.10 0.32 13.90
CA ASP D 344 10.52 0.68 12.56
C ASP D 344 9.66 1.88 12.10
N TYR D 345 10.11 2.57 11.06
CA TYR D 345 9.45 3.77 10.57
C TYR D 345 7.95 3.63 10.36
N HIS D 346 7.55 2.55 9.70
CA HIS D 346 6.13 2.32 9.38
C HIS D 346 5.28 2.00 10.61
N LEU D 347 5.78 1.13 11.49
CA LEU D 347 5.06 0.81 12.72
C LEU D 347 4.86 2.11 13.52
N VAL D 348 5.91 2.91 13.61
CA VAL D 348 5.86 4.19 14.29
C VAL D 348 4.79 5.11 13.67
N SER D 349 4.72 5.19 12.34
CA SER D 349 3.74 6.06 11.69
C SER D 349 2.31 5.65 12.02
N LYS D 350 2.07 4.35 12.15
CA LYS D 350 0.74 3.86 12.49
C LYS D 350 0.35 4.20 13.93
N ALA D 351 1.27 3.97 14.87
CA ALA D 351 1.05 4.27 16.28
C ALA D 351 0.83 5.75 16.49
N THR D 352 1.59 6.57 15.76
CA THR D 352 1.45 8.02 15.79
C THR D 352 0.04 8.43 15.42
N HIS D 353 -0.46 7.89 14.31
CA HIS D 353 -1.82 8.18 13.89
C HIS D 353 -2.85 7.75 14.96
N THR D 354 -2.72 6.55 15.46
CA THR D 354 -3.65 6.07 16.49
C THR D 354 -3.66 6.98 17.72
N LEU D 355 -2.48 7.46 18.11
CA LEU D 355 -2.38 8.38 19.23
C LEU D 355 -3.08 9.71 18.95
N GLN D 356 -3.10 10.14 17.68
CA GLN D 356 -3.80 11.37 17.32
C GLN D 356 -5.31 11.19 17.52
N LEU D 357 -5.78 9.95 17.46
CA LEU D 357 -7.19 9.67 17.67
C LEU D 357 -7.62 9.84 19.14
N ILE D 358 -6.65 9.85 20.08
CA ILE D 358 -6.94 10.22 21.47
C ILE D 358 -6.34 11.61 21.76
N GLY D 359 -6.26 12.42 20.72
CA GLY D 359 -5.82 13.81 20.85
C GLY D 359 -4.39 14.08 21.22
N TYR D 360 -3.51 13.14 20.96
CA TYR D 360 -2.09 13.33 21.28
C TYR D 360 -1.31 13.55 19.98
N ASP D 361 -0.76 14.77 19.83
CA ASP D 361 -0.06 15.14 18.61
C ASP D 361 1.42 15.44 18.85
N ASP D 362 1.98 15.01 19.97
CA ASP D 362 3.32 15.44 20.34
C ASP D 362 4.46 14.43 20.34
N ILE D 363 4.37 13.39 19.52
CA ILE D 363 5.50 12.45 19.42
C ILE D 363 6.68 13.26 18.85
N ALA D 364 7.82 13.18 19.54
CA ALA D 364 9.05 13.92 19.15
C ALA D 364 9.92 13.17 18.14
N GLY D 365 9.83 11.84 18.12
CA GLY D 365 10.65 11.05 17.22
C GLY D 365 10.65 9.61 17.61
N TYR D 366 11.42 8.81 16.88
CA TYR D 366 11.49 7.38 17.20
C TYR D 366 12.90 6.89 17.15
N GLN D 367 13.07 5.65 17.60
CA GLN D 367 14.35 4.99 17.47
C GLN D 367 14.08 3.51 17.22
N LEU D 368 15.01 2.87 16.52
CA LEU D 368 14.89 1.46 16.19
C LEU D 368 15.11 0.58 17.40
N PRO D 369 14.47 -0.59 17.42
CA PRO D 369 14.68 -1.51 18.52
C PRO D 369 16.12 -2.02 18.60
N GLN D 370 16.57 -2.34 19.81
CA GLN D 370 17.92 -2.88 20.09
C GLN D 370 18.13 -3.26 21.56
#